data_7EXJ
#
_entry.id   7EXJ
#
_cell.length_a   92.603
_cell.length_b   103.301
_cell.length_c   181.436
_cell.angle_alpha   90.000
_cell.angle_beta   90.000
_cell.angle_gamma   90.000
#
_symmetry.space_group_name_H-M   'P 21 21 21'
#
loop_
_entity.id
_entity.type
_entity.pdbx_description
1 polymer 'Probable galactinol--sucrose galactosyltransferase 6'
2 branched alpha-D-galactopyranose-(1-6)-alpha-D-glucopyranose-(1-2)-beta-D-fructofuranose
3 water water
#
_entity_poly.entity_id   1
_entity_poly.type   'polypeptide(L)'
_entity_poly.pdbx_seq_one_letter_code
;MTIKPAVRISDGNLIIKNRTILTGVPDNVITTSASEAGPVEGVFVGAVFNKEESKHIVPIGTLRNSRFMSCFRFKLWWMA
QRMGEMGRDIPYETQFLLVESNDGSHLESDGANGVECNQKVYTVFLPLIEGSFRSCLQGNVNDEVELCLESGDVDTKRSS
FTHSLYIHAGTDPFQTITDAIRTVKLHLNSFRQRHEKKLPGIVDYFGWCTWDAFYQEVTQEGVEAGLKSLAAGGTPPKFV
IIDDGWQSVERDATVEAGDEKKESPIFRLTGIKENEKFKKKDDPNVGIKNIVKIAKEKHGLRYVYVWHAITGYWGGVRPG
EEYGSVMKYPNMSKGVVENDPTWKTDVMTLQGLGLVSPKKVYKFYNELHSYLADAGVDGVKVAVQCVLETLGGGLGGRVE
LTRQFHQALDSSVAKNFPDNGCIACMSHNTDALYCSKQAAVIRASDDFYPRDPVSHTIHIASVAYNSVFLGEFMQPDWDM
FHSVHPAAEYHASARAISGGPLYVSDSPGKHNFELLRKLVLPDGSILRARLPGRPTRDCLFADPARDGVSLLKIWNMNKY
TGVLGVYNCQGAAWSSTERKNIFHQTKTDSLTGSIRGRDVHSISEASTDPTTWNGDCAVYSQSRGELIVMPYNVSLPVSL
KIREHEIFTVSPISHLVDGVSFAPIGLVNMYNSGGAIEGLRYEAEKMKVVMEVKGCGKFGSYSSVKPKRCVVESNEIAFE
YDSSSGLVTFELDKMPIENKRFHLIQVEL
;
_entity_poly.pdbx_strand_id   B,A
#
# COMPACT_ATOMS: atom_id res chain seq x y z
N PRO A 5 -38.32 -17.21 3.36
CA PRO A 5 -36.95 -16.76 3.65
C PRO A 5 -36.87 -15.46 4.51
N ALA A 6 -37.38 -14.33 4.01
CA ALA A 6 -37.31 -12.98 4.67
C ALA A 6 -37.65 -11.88 3.66
N VAL A 7 -37.08 -12.02 2.49
CA VAL A 7 -37.50 -11.28 1.33
C VAL A 7 -37.95 -12.32 0.30
N ARG A 8 -39.23 -12.24 -0.06
CA ARG A 8 -39.80 -13.08 -1.09
C ARG A 8 -40.76 -12.28 -1.98
N ILE A 9 -40.89 -12.77 -3.23
CA ILE A 9 -42.06 -12.51 -4.08
C ILE A 9 -43.04 -13.72 -4.08
N SER A 10 -44.28 -13.45 -3.64
CA SER A 10 -45.44 -14.37 -3.72
C SER A 10 -46.71 -13.52 -3.92
N ASP A 11 -47.77 -14.09 -4.50
CA ASP A 11 -48.80 -13.32 -5.24
C ASP A 11 -48.00 -12.46 -6.26
N GLY A 12 -48.49 -11.28 -6.62
CA GLY A 12 -47.61 -10.27 -7.28
C GLY A 12 -47.10 -9.20 -6.31
N ASN A 13 -46.65 -9.64 -5.14
CA ASN A 13 -46.18 -8.74 -4.13
C ASN A 13 -44.76 -9.06 -3.66
N LEU A 14 -44.03 -7.99 -3.35
CA LEU A 14 -42.72 -8.14 -2.70
C LEU A 14 -42.96 -7.99 -1.22
N ILE A 15 -42.59 -9.01 -0.46
CA ILE A 15 -42.83 -9.01 0.98
C ILE A 15 -41.53 -9.19 1.75
N ILE A 16 -41.37 -8.39 2.79
CA ILE A 16 -40.19 -8.31 3.63
C ILE A 16 -40.66 -8.47 5.09
N LYS A 17 -40.30 -9.58 5.74
CA LYS A 17 -40.70 -9.82 7.14
C LYS A 17 -42.19 -9.49 7.39
N ASN A 18 -43.01 -10.10 6.54
CA ASN A 18 -44.47 -9.88 6.51
C ASN A 18 -44.96 -8.41 6.55
N ARG A 19 -44.32 -7.58 5.70
CA ARG A 19 -44.86 -6.31 5.27
C ARG A 19 -44.79 -6.26 3.75
N THR A 20 -45.87 -5.78 3.11
CA THR A 20 -45.97 -5.72 1.66
C THR A 20 -45.35 -4.41 1.26
N ILE A 21 -44.18 -4.47 0.65
CA ILE A 21 -43.45 -3.26 0.31
C ILE A 21 -43.87 -2.82 -1.06
N LEU A 22 -43.90 -3.77 -2.01
CA LEU A 22 -44.33 -3.50 -3.41
C LEU A 22 -45.53 -4.36 -3.80
N THR A 23 -46.51 -3.72 -4.43
CA THR A 23 -47.61 -4.44 -5.09
C THR A 23 -47.40 -4.52 -6.63
N GLY A 24 -47.85 -5.60 -7.24
CA GLY A 24 -47.96 -5.66 -8.69
C GLY A 24 -46.62 -5.92 -9.33
N VAL A 25 -45.89 -6.84 -8.77
CA VAL A 25 -44.67 -7.23 -9.43
C VAL A 25 -45.10 -7.97 -10.70
N PRO A 26 -44.63 -7.52 -11.87
CA PRO A 26 -45.01 -8.20 -13.10
C PRO A 26 -44.38 -9.58 -13.18
N ASP A 27 -45.03 -10.48 -13.92
CA ASP A 27 -44.67 -11.91 -13.91
C ASP A 27 -43.29 -12.25 -14.49
N ASN A 28 -42.75 -11.39 -15.37
CA ASN A 28 -41.42 -11.63 -15.96
C ASN A 28 -40.21 -11.32 -15.04
N VAL A 29 -40.44 -10.52 -14.00
CA VAL A 29 -39.44 -10.28 -12.97
C VAL A 29 -39.21 -11.56 -12.16
N ILE A 30 -37.95 -12.00 -12.06
CA ILE A 30 -37.57 -13.24 -11.33
C ILE A 30 -36.51 -12.99 -10.23
N THR A 31 -36.67 -13.69 -9.11
CA THR A 31 -35.74 -13.63 -7.98
C THR A 31 -34.84 -14.85 -7.90
N THR A 32 -33.74 -14.72 -7.17
CA THR A 32 -32.84 -15.84 -6.91
C THR A 32 -32.01 -15.52 -5.68
N SER A 33 -31.72 -16.56 -4.89
CA SER A 33 -30.88 -16.43 -3.71
C SER A 33 -29.55 -17.15 -3.89
N ALA A 34 -29.13 -17.27 -5.13
CA ALA A 34 -27.87 -17.89 -5.45
C ALA A 34 -26.85 -16.87 -5.94
N SER A 35 -25.79 -16.70 -5.16
CA SER A 35 -24.49 -16.35 -5.69
C SER A 35 -23.70 -17.66 -5.57
N GLU A 36 -22.42 -17.63 -5.89
CA GLU A 36 -21.55 -18.82 -5.69
C GLU A 36 -21.19 -19.04 -4.21
N ALA A 37 -21.46 -18.04 -3.35
CA ALA A 37 -21.10 -18.05 -1.93
C ALA A 37 -21.82 -18.99 -0.89
N GLY A 38 -23.08 -19.43 -1.01
CA GLY A 38 -24.00 -19.26 -2.14
C GLY A 38 -25.44 -18.92 -1.77
N PRO A 39 -26.07 -19.59 -0.76
CA PRO A 39 -27.29 -19.03 -0.17
C PRO A 39 -27.04 -17.67 0.50
N VAL A 40 -28.03 -16.80 0.43
CA VAL A 40 -27.84 -15.39 0.57
C VAL A 40 -29.10 -14.86 1.25
N GLU A 41 -28.96 -14.12 2.36
CA GLU A 41 -30.09 -13.65 3.20
C GLU A 41 -31.20 -12.78 2.55
N GLY A 42 -30.83 -11.99 1.54
CA GLY A 42 -31.78 -11.21 0.74
C GLY A 42 -31.97 -11.89 -0.61
N VAL A 43 -32.35 -11.09 -1.61
CA VAL A 43 -32.73 -11.62 -2.91
C VAL A 43 -32.11 -10.80 -4.04
N PHE A 44 -31.60 -11.48 -5.06
CA PHE A 44 -31.21 -10.83 -6.29
C PHE A 44 -32.41 -10.80 -7.20
N VAL A 45 -32.47 -9.82 -8.07
CA VAL A 45 -33.62 -9.59 -8.94
C VAL A 45 -33.16 -9.27 -10.34
N GLY A 46 -33.73 -9.98 -11.31
CA GLY A 46 -33.66 -9.56 -12.70
C GLY A 46 -34.94 -9.93 -13.41
N ALA A 47 -34.88 -9.87 -14.74
CA ALA A 47 -36.05 -10.05 -15.58
C ALA A 47 -35.69 -10.66 -16.93
N VAL A 48 -36.67 -11.32 -17.54
CA VAL A 48 -36.55 -11.80 -18.94
C VAL A 48 -37.41 -10.85 -19.75
N PHE A 49 -36.94 -10.55 -20.97
CA PHE A 49 -37.64 -9.68 -21.90
C PHE A 49 -37.86 -10.50 -23.16
N ASN A 50 -38.73 -10.03 -24.06
CA ASN A 50 -38.97 -10.74 -25.32
C ASN A 50 -37.74 -10.68 -26.20
N LYS A 51 -37.36 -9.46 -26.54
CA LYS A 51 -36.32 -9.17 -27.50
C LYS A 51 -35.00 -8.87 -26.78
N GLU A 52 -33.94 -9.01 -27.56
CA GLU A 52 -32.57 -8.75 -27.15
C GLU A 52 -32.29 -7.29 -27.51
N GLU A 53 -32.62 -6.35 -26.62
CA GLU A 53 -32.29 -4.91 -26.85
C GLU A 53 -31.20 -4.39 -25.88
N SER A 54 -30.56 -3.28 -26.24
CA SER A 54 -29.47 -2.67 -25.45
C SER A 54 -29.95 -1.78 -24.30
N LYS A 55 -31.27 -1.65 -24.15
CA LYS A 55 -31.86 -0.97 -23.00
C LYS A 55 -33.18 -1.65 -22.61
N HIS A 56 -33.50 -1.58 -21.32
CA HIS A 56 -34.83 -1.92 -20.81
C HIS A 56 -35.24 -1.02 -19.65
N ILE A 57 -36.54 -0.74 -19.58
CA ILE A 57 -37.21 -0.30 -18.38
C ILE A 57 -38.06 -1.51 -17.99
N VAL A 58 -38.27 -1.72 -16.70
CA VAL A 58 -39.16 -2.79 -16.25
C VAL A 58 -39.66 -2.45 -14.88
N PRO A 59 -40.98 -2.31 -14.71
CA PRO A 59 -41.44 -2.11 -13.35
C PRO A 59 -41.09 -3.28 -12.43
N ILE A 60 -40.76 -2.94 -11.19
CA ILE A 60 -40.52 -3.94 -10.17
C ILE A 60 -41.77 -4.12 -9.34
N GLY A 61 -42.64 -3.12 -9.34
CA GLY A 61 -43.75 -3.10 -8.41
C GLY A 61 -44.00 -1.67 -7.98
N THR A 62 -45.00 -1.52 -7.12
CA THR A 62 -45.62 -0.25 -6.92
C THR A 62 -45.33 0.13 -5.48
N LEU A 63 -44.61 1.23 -5.31
CA LEU A 63 -44.33 1.71 -3.97
C LEU A 63 -45.39 2.71 -3.57
N ARG A 64 -46.05 2.42 -2.44
CA ARG A 64 -46.92 3.41 -1.81
C ARG A 64 -46.84 3.33 -0.29
N ASN A 65 -46.88 4.50 0.35
CA ASN A 65 -47.01 4.65 1.77
C ASN A 65 -45.87 4.04 2.61
N SER A 66 -44.68 3.98 2.03
CA SER A 66 -43.48 3.56 2.76
C SER A 66 -42.41 4.64 2.60
N ARG A 67 -41.95 5.20 3.72
CA ARG A 67 -40.90 6.20 3.72
C ARG A 67 -39.66 5.60 3.00
N PHE A 68 -39.03 6.36 2.10
CA PHE A 68 -37.76 5.95 1.53
C PHE A 68 -36.81 7.13 1.52
N MET A 69 -35.49 6.83 1.51
CA MET A 69 -34.47 7.83 1.15
C MET A 69 -33.67 7.30 0.01
N SER A 70 -33.32 8.16 -0.95
CA SER A 70 -32.56 7.74 -2.14
C SER A 70 -31.37 8.66 -2.39
N CYS A 71 -30.37 8.09 -3.06
CA CYS A 71 -29.26 8.87 -3.60
C CYS A 71 -29.36 8.71 -5.08
N PHE A 72 -29.40 9.86 -5.75
CA PHE A 72 -29.79 9.92 -7.14
C PHE A 72 -28.88 10.93 -7.81
N ARG A 73 -28.56 10.68 -9.07
CA ARG A 73 -27.64 11.54 -9.81
C ARG A 73 -28.37 12.73 -10.38
N PHE A 74 -28.09 13.92 -9.85
CA PHE A 74 -28.71 15.13 -10.32
C PHE A 74 -27.88 15.79 -11.41
N LYS A 75 -26.58 15.50 -11.42
CA LYS A 75 -25.68 15.71 -12.56
C LYS A 75 -25.12 14.36 -12.88
N LEU A 76 -24.42 14.27 -13.98
CA LEU A 76 -23.66 13.08 -14.35
C LEU A 76 -22.65 12.68 -13.28
N TRP A 77 -22.00 13.68 -12.72
CA TRP A 77 -20.86 13.51 -11.87
C TRP A 77 -21.27 13.20 -10.44
N TRP A 78 -22.43 13.68 -10.03
CA TRP A 78 -22.74 13.75 -8.61
C TRP A 78 -24.18 13.36 -8.25
N MET A 79 -24.31 12.90 -7.01
CA MET A 79 -25.55 12.45 -6.44
C MET A 79 -25.93 13.46 -5.41
N ALA A 80 -27.21 13.42 -5.08
CA ALA A 80 -27.69 14.06 -3.89
C ALA A 80 -28.92 13.32 -3.43
N GLN A 81 -29.58 13.87 -2.42
CA GLN A 81 -30.62 13.17 -1.71
C GLN A 81 -32.04 13.58 -2.09
N ARG A 82 -32.96 12.67 -1.75
CA ARG A 82 -34.38 12.77 -2.07
C ARG A 82 -35.15 11.79 -1.17
N MET A 83 -36.17 12.28 -0.48
CA MET A 83 -37.03 11.48 0.41
C MET A 83 -38.42 11.50 -0.18
N GLY A 84 -39.11 10.37 -0.13
CA GLY A 84 -40.55 10.35 -0.37
C GLY A 84 -41.30 9.23 0.29
N GLU A 85 -42.61 9.21 0.03
CA GLU A 85 -43.51 8.13 0.45
C GLU A 85 -43.92 7.20 -0.69
N MET A 86 -43.83 7.68 -1.93
CA MET A 86 -44.51 7.06 -3.10
C MET A 86 -43.52 6.91 -4.24
N GLY A 87 -43.70 5.84 -5.03
CA GLY A 87 -42.96 5.62 -6.28
C GLY A 87 -42.73 6.81 -7.20
N ARG A 88 -43.75 7.63 -7.43
CA ARG A 88 -43.57 8.79 -8.33
C ARG A 88 -42.45 9.73 -7.83
N ASP A 89 -42.23 9.80 -6.51
CA ASP A 89 -41.18 10.64 -5.94
C ASP A 89 -39.72 10.14 -6.20
N ILE A 90 -39.55 8.90 -6.70
CA ILE A 90 -38.21 8.34 -6.88
C ILE A 90 -37.66 8.87 -8.16
N PRO A 91 -36.58 9.69 -8.10
CA PRO A 91 -36.02 10.36 -9.25
C PRO A 91 -35.41 9.46 -10.27
N TYR A 92 -35.27 9.99 -11.48
CA TYR A 92 -34.44 9.36 -12.47
C TYR A 92 -33.04 9.19 -11.86
N GLU A 93 -32.35 8.14 -12.26
CA GLU A 93 -30.95 7.91 -11.94
C GLU A 93 -30.65 7.56 -10.48
N THR A 94 -31.66 7.02 -9.79
CA THR A 94 -31.51 6.60 -8.41
C THR A 94 -30.59 5.38 -8.33
N GLN A 95 -29.46 5.51 -7.68
CA GLN A 95 -28.46 4.42 -7.62
C GLN A 95 -28.50 3.60 -6.35
N PHE A 96 -29.06 4.16 -5.29
CA PHE A 96 -29.29 3.45 -4.08
C PHE A 96 -30.63 3.89 -3.53
N LEU A 97 -31.34 2.96 -2.88
CA LEU A 97 -32.61 3.28 -2.22
C LEU A 97 -32.77 2.49 -0.93
N LEU A 98 -33.03 3.19 0.15
CA LEU A 98 -33.33 2.63 1.43
C LEU A 98 -34.83 2.85 1.77
N VAL A 99 -35.52 1.84 2.30
CA VAL A 99 -36.98 1.94 2.58
C VAL A 99 -37.26 1.52 4.02
N GLU A 100 -37.88 2.41 4.79
CA GLU A 100 -38.45 2.11 6.11
C GLU A 100 -39.92 1.66 6.02
N SER A 101 -40.19 0.38 6.30
CA SER A 101 -41.52 -0.07 6.77
C SER A 101 -41.65 -0.05 8.34
N ASN A 102 -42.64 0.70 8.84
CA ASN A 102 -42.86 0.93 10.30
C ASN A 102 -43.80 -0.11 10.94
N LYS A 120 -38.41 0.41 12.56
CA LYS A 120 -38.22 -0.99 12.94
C LYS A 120 -37.48 -1.88 11.89
N VAL A 121 -38.01 -2.02 10.66
CA VAL A 121 -37.36 -2.80 9.54
C VAL A 121 -36.89 -1.97 8.32
N TYR A 122 -35.64 -2.18 7.89
CA TYR A 122 -35.03 -1.36 6.83
C TYR A 122 -34.68 -2.27 5.66
N THR A 123 -34.91 -1.79 4.45
CA THR A 123 -34.72 -2.56 3.25
C THR A 123 -33.87 -1.72 2.31
N VAL A 124 -32.82 -2.32 1.74
CA VAL A 124 -31.97 -1.69 0.69
C VAL A 124 -32.14 -2.36 -0.69
N PHE A 125 -32.16 -1.49 -1.68
CA PHE A 125 -32.24 -1.81 -3.08
C PHE A 125 -30.98 -1.28 -3.76
N LEU A 126 -30.16 -2.22 -4.25
CA LEU A 126 -28.91 -1.96 -4.91
C LEU A 126 -29.07 -2.36 -6.35
N PRO A 127 -29.34 -1.40 -7.22
CA PRO A 127 -29.19 -1.71 -8.63
C PRO A 127 -27.71 -1.88 -8.93
N LEU A 128 -27.39 -2.87 -9.77
CA LEU A 128 -26.04 -3.34 -9.96
C LEU A 128 -25.62 -3.39 -11.39
N ILE A 129 -24.32 -3.59 -11.54
CA ILE A 129 -23.77 -3.95 -12.82
C ILE A 129 -23.89 -5.47 -12.93
N GLU A 130 -24.27 -5.90 -14.12
CA GLU A 130 -24.36 -7.31 -14.44
C GLU A 130 -23.80 -7.44 -15.83
N GLY A 131 -22.68 -8.16 -15.94
CA GLY A 131 -22.01 -8.32 -17.20
C GLY A 131 -21.67 -6.95 -17.75
N SER A 132 -22.27 -6.64 -18.90
CA SER A 132 -21.97 -5.42 -19.62
C SER A 132 -23.05 -4.39 -19.42
N PHE A 133 -24.01 -4.65 -18.51
CA PHE A 133 -25.14 -3.76 -18.24
C PHE A 133 -25.09 -3.09 -16.85
N ARG A 134 -25.68 -1.90 -16.74
CA ARG A 134 -25.77 -1.16 -15.47
C ARG A 134 -27.20 -0.72 -15.15
N SER A 135 -27.63 -1.13 -13.97
CA SER A 135 -28.96 -0.78 -13.51
C SER A 135 -28.97 0.54 -12.71
N CYS A 136 -30.07 1.25 -12.80
CA CYS A 136 -30.47 2.16 -11.72
C CYS A 136 -31.97 2.11 -11.61
N LEU A 137 -32.48 2.71 -10.56
CA LEU A 137 -33.92 2.75 -10.32
C LEU A 137 -34.46 4.07 -10.84
N GLN A 138 -35.79 4.18 -10.92
CA GLN A 138 -36.50 5.42 -11.30
C GLN A 138 -37.96 5.12 -11.11
N GLY A 139 -38.72 6.18 -10.89
CA GLY A 139 -40.15 6.06 -10.71
C GLY A 139 -40.90 6.63 -11.89
N ASN A 140 -42.14 6.17 -12.04
CA ASN A 140 -43.09 6.74 -12.98
C ASN A 140 -44.26 7.32 -12.21
N VAL A 141 -45.15 7.99 -12.92
CA VAL A 141 -46.31 8.65 -12.32
C VAL A 141 -47.35 7.71 -11.68
N ASN A 142 -47.37 6.43 -12.12
CA ASN A 142 -48.21 5.37 -11.51
C ASN A 142 -47.66 4.72 -10.20
N ASP A 143 -46.66 5.35 -9.56
CA ASP A 143 -45.98 4.89 -8.33
C ASP A 143 -45.20 3.55 -8.43
N GLU A 144 -44.87 3.11 -9.64
CA GLU A 144 -44.02 1.94 -9.80
C GLU A 144 -42.52 2.30 -9.63
N VAL A 145 -41.74 1.38 -9.06
CA VAL A 145 -40.28 1.49 -9.05
C VAL A 145 -39.85 0.70 -10.28
N GLU A 146 -39.18 1.37 -11.22
CA GLU A 146 -38.73 0.73 -12.45
C GLU A 146 -37.24 0.54 -12.38
N LEU A 147 -36.78 -0.63 -12.78
CA LEU A 147 -35.37 -0.88 -12.93
C LEU A 147 -35.05 -0.47 -14.37
N CYS A 148 -33.89 0.15 -14.57
CA CYS A 148 -33.43 0.63 -15.85
C CYS A 148 -32.04 0.02 -16.15
N LEU A 149 -32.01 -0.92 -17.10
CA LEU A 149 -30.82 -1.65 -17.48
C LEU A 149 -30.28 -0.98 -18.75
N GLU A 150 -28.98 -0.69 -18.80
CA GLU A 150 -28.32 -0.06 -19.96
C GLU A 150 -26.95 -0.64 -20.17
N SER A 151 -26.64 -0.99 -21.42
CA SER A 151 -25.27 -1.34 -21.78
C SER A 151 -24.52 -0.11 -22.26
N GLY A 152 -25.24 0.97 -22.60
CA GLY A 152 -24.62 2.20 -23.13
C GLY A 152 -23.77 1.96 -24.37
N ASP A 153 -24.14 0.96 -25.16
CA ASP A 153 -23.49 0.62 -26.41
C ASP A 153 -24.50 -0.16 -27.24
N VAL A 154 -25.09 0.49 -28.23
CA VAL A 154 -26.19 -0.10 -29.03
C VAL A 154 -25.90 -1.54 -29.59
N ASP A 155 -24.63 -1.91 -29.71
CA ASP A 155 -24.16 -3.27 -30.10
C ASP A 155 -24.13 -4.35 -29.01
N THR A 156 -23.98 -3.97 -27.74
CA THR A 156 -24.08 -4.92 -26.64
C THR A 156 -25.53 -5.03 -26.18
N LYS A 157 -26.14 -6.18 -26.45
CA LYS A 157 -27.56 -6.38 -26.21
C LYS A 157 -27.74 -7.67 -25.46
N ARG A 158 -28.89 -7.80 -24.82
CA ARG A 158 -29.15 -8.93 -23.92
C ARG A 158 -30.65 -9.04 -23.65
N SER A 159 -31.12 -10.27 -23.40
CA SER A 159 -32.57 -10.54 -23.24
C SER A 159 -32.99 -10.91 -21.83
N SER A 160 -32.11 -11.57 -21.07
CA SER A 160 -32.38 -11.89 -19.66
C SER A 160 -31.33 -11.38 -18.65
N PHE A 161 -31.78 -11.16 -17.42
CA PHE A 161 -30.94 -10.69 -16.32
C PHE A 161 -31.36 -11.39 -15.02
N THR A 162 -30.38 -11.88 -14.26
CA THR A 162 -30.60 -12.63 -13.03
C THR A 162 -30.22 -11.88 -11.74
N HIS A 163 -29.19 -11.03 -11.82
CA HIS A 163 -28.55 -10.34 -10.67
C HIS A 163 -28.35 -8.83 -10.90
N SER A 164 -29.39 -8.10 -11.27
CA SER A 164 -29.26 -6.68 -11.66
C SER A 164 -29.78 -5.68 -10.63
N LEU A 165 -30.42 -6.21 -9.60
CA LEU A 165 -30.79 -5.45 -8.42
C LEU A 165 -30.60 -6.43 -7.28
N TYR A 166 -30.16 -5.95 -6.10
CA TYR A 166 -30.14 -6.78 -4.91
C TYR A 166 -30.90 -6.10 -3.82
N ILE A 167 -31.71 -6.89 -3.10
CA ILE A 167 -32.63 -6.36 -2.09
C ILE A 167 -32.36 -7.14 -0.85
N HIS A 168 -32.34 -6.44 0.29
CA HIS A 168 -32.02 -7.07 1.57
C HIS A 168 -32.50 -6.22 2.74
N ALA A 169 -32.86 -6.88 3.83
CA ALA A 169 -33.50 -6.23 4.93
C ALA A 169 -32.86 -6.59 6.21
N GLY A 170 -33.14 -5.81 7.24
CA GLY A 170 -32.58 -5.99 8.58
C GLY A 170 -33.02 -4.88 9.50
N THR A 171 -32.65 -4.97 10.77
CA THR A 171 -33.22 -4.12 11.84
C THR A 171 -32.39 -2.85 12.24
N ASP A 172 -31.13 -2.82 11.83
CA ASP A 172 -30.21 -1.74 12.01
C ASP A 172 -29.89 -1.19 10.60
N PRO A 173 -30.36 0.02 10.26
CA PRO A 173 -30.21 0.52 8.89
C PRO A 173 -28.80 0.55 8.30
N PHE A 174 -27.77 0.78 9.11
CA PHE A 174 -26.36 0.87 8.60
C PHE A 174 -25.77 -0.49 8.44
N GLN A 175 -25.97 -1.34 9.44
CA GLN A 175 -25.62 -2.77 9.29
C GLN A 175 -26.32 -3.44 8.10
N THR A 176 -27.57 -3.08 7.88
CA THR A 176 -28.31 -3.57 6.76
C THR A 176 -27.58 -3.24 5.47
N ILE A 177 -27.12 -1.99 5.35
CA ILE A 177 -26.39 -1.53 4.13
C ILE A 177 -25.03 -2.22 3.95
N THR A 178 -24.29 -2.33 5.03
CA THR A 178 -23.01 -2.98 4.99
C THR A 178 -23.20 -4.43 4.56
N ASP A 179 -24.12 -5.16 5.20
CA ASP A 179 -24.26 -6.61 4.89
C ASP A 179 -24.61 -6.81 3.44
N ALA A 180 -25.45 -5.94 2.92
CA ALA A 180 -25.86 -6.00 1.53
C ALA A 180 -24.71 -5.70 0.59
N ILE A 181 -23.86 -4.76 0.93
CA ILE A 181 -22.69 -4.51 0.06
C ILE A 181 -21.72 -5.65 0.11
N ARG A 182 -21.54 -6.25 1.28
CA ARG A 182 -20.69 -7.43 1.38
C ARG A 182 -21.17 -8.47 0.38
N THR A 183 -22.45 -8.82 0.48
CA THR A 183 -23.10 -9.83 -0.34
C THR A 183 -22.94 -9.54 -1.84
N VAL A 184 -23.17 -8.32 -2.24
CA VAL A 184 -22.87 -7.93 -3.61
C VAL A 184 -21.38 -8.09 -3.94
N LYS A 185 -20.51 -7.69 -3.04
CA LYS A 185 -19.08 -7.93 -3.26
C LYS A 185 -18.75 -9.41 -3.49
N LEU A 186 -19.35 -10.28 -2.68
CA LEU A 186 -19.11 -11.70 -2.78
C LEU A 186 -19.68 -12.32 -4.07
N HIS A 187 -20.68 -11.69 -4.65
CA HIS A 187 -21.16 -12.10 -5.96
C HIS A 187 -20.17 -11.64 -7.05
N LEU A 188 -19.76 -10.38 -7.03
CA LEU A 188 -19.00 -9.79 -8.16
C LEU A 188 -17.49 -9.94 -8.10
N ASN A 189 -16.94 -9.81 -6.90
CA ASN A 189 -15.48 -9.81 -6.64
C ASN A 189 -14.69 -8.78 -7.42
N SER A 190 -15.37 -7.72 -7.78
CA SER A 190 -14.85 -6.66 -8.59
C SER A 190 -14.61 -5.43 -7.73
N PHE A 191 -14.79 -5.51 -6.40
CA PHE A 191 -14.50 -4.33 -5.54
C PHE A 191 -14.24 -4.72 -4.13
N ARG A 192 -13.73 -3.76 -3.37
CA ARG A 192 -13.46 -3.97 -1.96
C ARG A 192 -14.24 -2.96 -1.20
N GLN A 193 -14.67 -3.37 -0.03
CA GLN A 193 -15.38 -2.48 0.79
C GLN A 193 -14.39 -1.47 1.35
N ARG A 194 -14.89 -0.34 1.84
CA ARG A 194 -14.05 0.71 2.43
C ARG A 194 -13.08 0.14 3.39
N HIS A 195 -13.53 -0.63 4.35
CA HIS A 195 -12.70 -0.90 5.52
C HIS A 195 -11.49 -1.76 5.16
N GLU A 196 -11.49 -2.32 3.95
CA GLU A 196 -10.49 -3.30 3.52
C GLU A 196 -9.38 -2.67 2.67
N LYS A 197 -9.51 -1.40 2.29
CA LYS A 197 -8.55 -0.70 1.44
C LYS A 197 -7.53 0.06 2.28
N LYS A 198 -6.40 0.39 1.67
CA LYS A 198 -5.38 1.18 2.31
C LYS A 198 -5.68 2.64 2.08
N LEU A 199 -5.83 3.42 3.16
CA LEU A 199 -6.03 4.86 3.02
C LEU A 199 -4.68 5.44 2.78
N PRO A 200 -4.55 6.47 1.92
CA PRO A 200 -3.26 7.14 1.80
C PRO A 200 -3.06 8.08 3.00
N GLY A 201 -1.80 8.42 3.26
CA GLY A 201 -1.41 9.10 4.47
C GLY A 201 -1.91 10.52 4.58
N ILE A 202 -2.31 11.11 3.46
CA ILE A 202 -2.84 12.45 3.45
C ILE A 202 -4.06 12.60 4.34
N VAL A 203 -4.83 11.52 4.56
CA VAL A 203 -6.02 11.66 5.45
C VAL A 203 -5.67 12.05 6.91
N ASP A 204 -4.41 12.00 7.29
CA ASP A 204 -4.09 12.25 8.63
C ASP A 204 -3.53 13.59 8.82
N TYR A 205 -3.42 14.34 7.74
CA TYR A 205 -2.80 15.64 7.81
C TYR A 205 -3.68 16.62 7.13
N PHE A 206 -3.52 17.88 7.52
CA PHE A 206 -4.18 19.05 6.96
C PHE A 206 -3.58 19.34 5.60
N GLY A 207 -4.40 19.79 4.68
CA GLY A 207 -3.93 20.05 3.30
C GLY A 207 -4.38 21.40 2.74
N TRP A 208 -3.82 21.74 1.59
CA TRP A 208 -4.23 22.90 0.84
C TRP A 208 -4.44 22.50 -0.62
N CYS A 209 -5.54 22.95 -1.22
CA CYS A 209 -5.82 22.71 -2.66
C CYS A 209 -5.82 24.02 -3.43
N THR A 210 -5.12 24.08 -4.57
CA THR A 210 -4.90 25.37 -5.24
C THR A 210 -6.16 25.88 -5.94
N TRP A 211 -7.10 24.97 -6.20
CA TRP A 211 -8.25 25.21 -7.06
C TRP A 211 -9.05 26.50 -6.80
N ASP A 212 -9.54 26.73 -5.58
CA ASP A 212 -10.28 27.97 -5.35
C ASP A 212 -9.39 29.21 -5.19
N ALA A 213 -8.08 29.03 -5.03
CA ALA A 213 -7.12 30.13 -4.88
C ALA A 213 -6.75 30.85 -6.21
N PHE A 214 -6.68 30.09 -7.29
CA PHE A 214 -6.22 30.56 -8.58
C PHE A 214 -6.95 29.98 -9.78
N TYR A 215 -7.83 29.00 -9.57
CA TYR A 215 -8.46 28.23 -10.65
C TYR A 215 -7.40 27.81 -11.68
N GLN A 216 -7.75 27.72 -12.95
CA GLN A 216 -6.80 27.29 -13.96
C GLN A 216 -5.58 28.19 -14.13
N GLU A 217 -5.56 29.37 -13.52
CA GLU A 217 -4.37 30.30 -13.57
C GLU A 217 -3.29 30.03 -12.51
N VAL A 218 -3.44 28.94 -11.77
CA VAL A 218 -2.42 28.51 -10.81
C VAL A 218 -1.02 28.55 -11.41
N THR A 219 0.00 28.94 -10.63
CA THR A 219 1.42 28.87 -11.08
C THR A 219 2.19 28.21 -9.98
N GLN A 220 3.49 28.00 -10.14
CA GLN A 220 4.30 27.38 -9.08
C GLN A 220 4.66 28.37 -7.95
N GLU A 221 4.75 29.64 -8.32
CA GLU A 221 4.93 30.74 -7.37
C GLU A 221 3.64 30.87 -6.59
N GLY A 222 2.51 30.64 -7.25
CA GLY A 222 1.20 30.56 -6.57
C GLY A 222 1.18 29.48 -5.52
N VAL A 223 1.56 28.27 -5.91
CA VAL A 223 1.70 27.18 -4.96
C VAL A 223 2.56 27.52 -3.72
N GLU A 224 3.72 28.11 -3.91
CA GLU A 224 4.63 28.36 -2.79
C GLU A 224 4.04 29.37 -1.77
N ALA A 225 3.57 30.50 -2.29
CA ALA A 225 2.94 31.53 -1.50
C ALA A 225 1.86 30.97 -0.61
N GLY A 226 1.11 30.01 -1.15
CA GLY A 226 0.00 29.41 -0.43
C GLY A 226 0.45 28.54 0.71
N LEU A 227 1.51 27.75 0.47
CA LEU A 227 2.09 26.89 1.51
C LEU A 227 2.85 27.71 2.55
N LYS A 228 3.30 28.90 2.16
CA LYS A 228 4.03 29.76 3.07
C LYS A 228 3.06 30.43 4.05
N SER A 229 2.01 31.07 3.55
CA SER A 229 1.11 31.85 4.40
C SER A 229 0.44 31.00 5.45
N LEU A 230 0.04 29.79 5.05
CA LEU A 230 -0.58 28.84 5.99
C LEU A 230 0.41 28.38 7.08
N ALA A 231 1.67 28.15 6.73
CA ALA A 231 2.63 27.67 7.74
C ALA A 231 2.96 28.82 8.71
N ALA A 232 2.98 30.05 8.18
CA ALA A 232 3.20 31.26 8.97
C ALA A 232 2.24 31.39 10.15
N GLY A 233 0.96 31.09 9.93
CA GLY A 233 -0.06 31.23 10.98
C GLY A 233 -0.19 30.11 12.00
N GLY A 234 0.73 29.14 11.97
CA GLY A 234 0.77 28.07 12.97
C GLY A 234 0.04 26.79 12.61
N THR A 235 -0.42 26.65 11.36
CA THR A 235 -1.22 25.49 10.96
C THR A 235 -0.76 25.06 9.60
N PRO A 236 0.36 24.34 9.57
CA PRO A 236 1.02 24.03 8.30
C PRO A 236 0.36 22.88 7.55
N PRO A 237 0.13 23.05 6.25
CA PRO A 237 -0.31 21.89 5.50
C PRO A 237 0.86 21.00 5.39
N LYS A 238 0.60 19.69 5.45
CA LYS A 238 1.58 18.66 5.11
C LYS A 238 1.24 17.96 3.81
N PHE A 239 0.13 18.30 3.15
CA PHE A 239 -0.04 17.98 1.71
C PHE A 239 -0.64 19.16 0.95
N VAL A 240 -0.60 19.04 -0.38
CA VAL A 240 -1.07 20.07 -1.28
C VAL A 240 -1.56 19.39 -2.54
N ILE A 241 -2.73 19.82 -3.01
CA ILE A 241 -3.22 19.34 -4.31
C ILE A 241 -3.03 20.45 -5.33
N ILE A 242 -2.14 20.23 -6.30
CA ILE A 242 -1.98 21.15 -7.42
C ILE A 242 -3.11 20.81 -8.38
N ASP A 243 -4.11 21.69 -8.45
CA ASP A 243 -5.35 21.30 -9.08
C ASP A 243 -5.26 21.61 -10.56
N ASP A 244 -6.36 21.46 -11.29
CA ASP A 244 -6.43 21.73 -12.74
C ASP A 244 -5.79 23.08 -13.02
N GLY A 245 -4.82 23.05 -13.92
CA GLY A 245 -4.08 24.25 -14.29
C GLY A 245 -2.62 24.05 -14.64
N TRP A 246 -1.99 22.99 -14.12
CA TRP A 246 -0.59 22.66 -14.39
C TRP A 246 -0.28 21.89 -15.68
N GLN A 247 -1.29 21.27 -16.29
CA GLN A 247 -1.03 20.43 -17.47
C GLN A 247 -0.80 21.25 -18.77
N SER A 248 -0.06 20.66 -19.73
CA SER A 248 0.14 21.31 -21.02
C SER A 248 -1.05 21.01 -21.90
N VAL A 249 -1.81 22.04 -22.26
CA VAL A 249 -3.02 21.88 -23.06
C VAL A 249 -3.18 22.93 -24.18
N GLU A 250 -3.99 22.59 -25.18
CA GLU A 250 -4.27 23.47 -26.31
C GLU A 250 -5.68 23.31 -26.84
N ARG A 251 -6.21 24.41 -27.35
CA ARG A 251 -7.40 24.37 -28.18
C ARG A 251 -7.04 23.80 -29.54
N ASP A 252 -8.05 23.51 -30.37
CA ASP A 252 -7.81 23.13 -31.76
C ASP A 252 -7.74 24.40 -32.66
N ALA A 253 -6.93 24.31 -33.71
CA ALA A 253 -6.69 25.46 -34.58
C ALA A 253 -6.03 25.03 -35.90
N SER A 264 -16.77 29.27 -25.99
CA SER A 264 -15.51 28.86 -25.34
C SER A 264 -15.04 27.47 -25.83
N PRO A 265 -14.06 27.41 -26.78
CA PRO A 265 -13.59 26.10 -27.30
C PRO A 265 -12.82 25.30 -26.25
N ILE A 266 -12.89 23.97 -26.41
CA ILE A 266 -12.42 23.05 -25.38
C ILE A 266 -10.92 22.82 -25.52
N PHE A 267 -10.25 22.54 -24.41
CA PHE A 267 -8.81 22.26 -24.38
C PHE A 267 -8.63 20.75 -24.31
N ARG A 268 -7.54 20.27 -24.90
CA ARG A 268 -7.19 18.88 -24.92
C ARG A 268 -5.74 18.76 -24.55
N LEU A 269 -5.38 17.62 -23.95
CA LEU A 269 -4.02 17.40 -23.45
C LEU A 269 -3.04 17.26 -24.57
N THR A 270 -1.97 18.04 -24.54
CA THR A 270 -0.90 17.91 -25.56
C THR A 270 0.32 17.18 -25.08
N GLY A 271 0.60 17.27 -23.78
CA GLY A 271 1.60 16.42 -23.18
C GLY A 271 1.33 16.05 -21.73
N ILE A 272 2.12 15.07 -21.32
CA ILE A 272 2.01 14.47 -20.00
C ILE A 272 2.75 15.33 -19.00
N LYS A 273 3.66 16.16 -19.52
CA LYS A 273 4.49 17.04 -18.72
C LYS A 273 3.80 18.37 -18.49
N GLU A 274 4.29 19.04 -17.46
CA GLU A 274 3.75 20.32 -17.01
C GLU A 274 3.88 21.51 -17.98
N ASN A 275 2.84 22.32 -18.10
CA ASN A 275 2.98 23.60 -18.83
C ASN A 275 4.06 24.56 -18.27
N GLU A 276 4.28 25.65 -19.01
CA GLU A 276 5.17 26.80 -18.68
C GLU A 276 5.19 27.23 -17.23
N LYS A 277 4.03 27.23 -16.59
CA LYS A 277 3.88 27.83 -15.27
C LYS A 277 4.56 26.99 -14.24
N PHE A 278 4.92 25.75 -14.60
CA PHE A 278 5.60 24.84 -13.67
C PHE A 278 6.99 24.36 -14.01
N LYS A 279 7.67 25.14 -14.84
CA LYS A 279 9.06 24.92 -15.20
C LYS A 279 9.79 26.06 -14.55
N LYS A 280 10.87 25.82 -13.82
CA LYS A 280 11.54 26.97 -13.17
C LYS A 280 12.06 27.92 -14.26
N LYS A 281 11.91 29.24 -14.02
CA LYS A 281 12.00 30.26 -15.08
C LYS A 281 13.46 30.60 -15.39
N ASP A 282 14.21 29.58 -15.77
CA ASP A 282 15.66 29.62 -15.60
C ASP A 282 16.31 28.40 -16.30
N ASP A 283 15.91 27.21 -15.88
CA ASP A 283 16.26 25.94 -16.53
C ASP A 283 14.91 25.32 -16.92
N PRO A 284 14.43 25.57 -18.15
CA PRO A 284 13.12 25.05 -18.52
C PRO A 284 13.07 23.50 -18.66
N ASN A 285 14.23 22.84 -18.73
CA ASN A 285 14.27 21.37 -18.74
C ASN A 285 13.95 20.75 -17.40
N VAL A 286 14.07 21.54 -16.32
CA VAL A 286 13.47 21.17 -15.02
C VAL A 286 12.01 21.68 -14.95
N GLY A 287 11.11 20.75 -14.64
CA GLY A 287 9.69 20.98 -14.59
C GLY A 287 9.15 20.87 -13.17
N ILE A 288 8.04 20.14 -13.04
CA ILE A 288 7.25 20.08 -11.80
C ILE A 288 7.99 19.51 -10.57
N LYS A 289 9.07 18.78 -10.83
CA LYS A 289 10.09 18.48 -9.83
C LYS A 289 10.50 19.71 -9.00
N ASN A 290 10.51 20.87 -9.62
CA ASN A 290 10.93 22.09 -8.94
C ASN A 290 10.01 22.45 -7.78
N ILE A 291 8.73 22.65 -8.08
CA ILE A 291 7.72 22.94 -7.06
C ILE A 291 7.52 21.82 -6.04
N VAL A 292 7.69 20.58 -6.46
CA VAL A 292 7.64 19.46 -5.53
C VAL A 292 8.74 19.53 -4.48
N LYS A 293 9.90 20.04 -4.86
CA LYS A 293 11.09 20.08 -3.99
C LYS A 293 10.98 21.23 -3.03
N ILE A 294 10.65 22.38 -3.60
CA ILE A 294 10.30 23.54 -2.83
C ILE A 294 9.28 23.16 -1.77
N ALA A 295 8.18 22.50 -2.14
CA ALA A 295 7.15 22.17 -1.16
C ALA A 295 7.66 21.21 -0.10
N LYS A 296 8.36 20.16 -0.51
CA LYS A 296 8.83 19.16 0.46
C LYS A 296 10.00 19.64 1.33
N GLU A 297 11.12 19.99 0.69
CA GLU A 297 12.36 20.27 1.42
C GLU A 297 12.31 21.64 2.09
N LYS A 298 11.82 22.64 1.37
CA LYS A 298 11.77 24.00 1.90
C LYS A 298 10.60 24.21 2.86
N HIS A 299 9.37 23.91 2.42
CA HIS A 299 8.15 24.10 3.25
C HIS A 299 7.60 22.86 4.00
N GLY A 300 8.29 21.74 3.98
CA GLY A 300 8.05 20.66 4.95
C GLY A 300 6.88 19.76 4.69
N LEU A 301 6.36 19.75 3.45
CA LEU A 301 5.24 18.90 3.09
C LEU A 301 5.70 17.49 3.01
N ARG A 302 4.79 16.55 3.36
CA ARG A 302 4.98 15.12 3.14
C ARG A 302 4.42 14.65 1.81
N TYR A 303 3.34 15.29 1.35
CA TYR A 303 2.69 14.76 0.16
C TYR A 303 2.40 15.88 -0.82
N VAL A 304 2.47 15.53 -2.10
CA VAL A 304 2.11 16.43 -3.17
C VAL A 304 1.24 15.64 -4.11
N TYR A 305 0.05 16.16 -4.33
CA TYR A 305 -0.87 15.55 -5.23
C TYR A 305 -1.11 16.50 -6.39
N VAL A 306 -1.43 15.96 -7.58
CA VAL A 306 -1.84 16.76 -8.72
C VAL A 306 -3.12 16.22 -9.43
N TRP A 307 -3.88 17.13 -10.04
CA TRP A 307 -5.16 16.81 -10.67
C TRP A 307 -4.99 16.30 -12.10
N HIS A 308 -5.83 15.38 -12.52
CA HIS A 308 -5.98 15.12 -13.96
C HIS A 308 -7.27 14.41 -14.25
N ALA A 309 -7.80 14.61 -15.43
CA ALA A 309 -9.01 13.92 -15.81
C ALA A 309 -8.61 12.49 -16.00
N ILE A 310 -9.60 11.60 -15.93
CA ILE A 310 -9.41 10.18 -16.24
C ILE A 310 -9.04 10.01 -17.70
N THR A 311 -9.41 11.00 -18.52
CA THR A 311 -9.24 11.03 -19.97
C THR A 311 -8.08 11.95 -20.41
N GLY A 312 -7.28 12.38 -19.43
CA GLY A 312 -6.18 13.30 -19.66
C GLY A 312 -6.60 14.65 -19.17
N TYR A 313 -7.38 15.34 -19.99
CA TYR A 313 -7.92 16.66 -19.65
C TYR A 313 -9.42 16.69 -20.02
N TRP A 314 -10.04 17.86 -19.96
CA TRP A 314 -11.46 18.00 -20.21
C TRP A 314 -11.85 17.55 -21.58
N GLY A 315 -11.03 17.88 -22.56
CA GLY A 315 -11.26 17.43 -23.92
C GLY A 315 -10.49 16.20 -24.28
N GLY A 316 -10.14 15.40 -23.29
CA GLY A 316 -9.32 14.21 -23.50
C GLY A 316 -7.93 14.57 -23.93
N VAL A 317 -7.35 13.72 -24.76
CA VAL A 317 -6.01 13.90 -25.32
C VAL A 317 -6.08 14.20 -26.82
N ARG A 318 -5.19 15.06 -27.30
CA ARG A 318 -5.15 15.44 -28.71
C ARG A 318 -5.04 14.20 -29.55
N PRO A 319 -5.98 13.99 -30.50
CA PRO A 319 -5.94 12.83 -31.40
C PRO A 319 -4.57 12.64 -32.00
N GLY A 320 -4.15 11.39 -32.05
CA GLY A 320 -2.75 11.11 -32.36
C GLY A 320 -2.42 9.68 -31.99
N GLU A 321 -1.60 9.09 -32.85
CA GLU A 321 -1.27 7.67 -32.81
C GLU A 321 -0.56 7.26 -31.51
N GLU A 322 0.07 8.22 -30.79
CA GLU A 322 0.81 7.90 -29.54
C GLU A 322 0.00 7.09 -28.50
N TYR A 323 -1.19 7.56 -28.18
CA TYR A 323 -2.04 6.88 -27.25
C TYR A 323 -3.30 6.38 -27.92
N GLY A 324 -3.32 6.38 -29.25
CA GLY A 324 -4.45 5.84 -30.01
C GLY A 324 -5.68 6.69 -29.79
N SER A 325 -5.45 8.01 -29.68
CA SER A 325 -6.49 8.97 -29.30
C SER A 325 -7.28 9.35 -30.54
N VAL A 326 -8.59 9.42 -30.31
CA VAL A 326 -9.62 9.37 -31.32
C VAL A 326 -10.77 10.19 -30.76
N MET A 327 -11.27 11.15 -31.53
CA MET A 327 -12.41 11.95 -31.11
C MET A 327 -13.70 11.14 -30.88
N LYS A 328 -14.32 11.32 -29.72
CA LYS A 328 -15.58 10.67 -29.41
C LYS A 328 -16.55 11.65 -28.81
N TYR A 329 -17.84 11.38 -29.01
CA TYR A 329 -18.90 12.28 -28.62
C TYR A 329 -19.74 11.57 -27.58
N PRO A 330 -19.84 12.18 -26.38
CA PRO A 330 -20.70 11.62 -25.37
C PRO A 330 -22.11 11.23 -25.86
N ASN A 331 -22.48 9.98 -25.64
CA ASN A 331 -23.85 9.59 -25.82
C ASN A 331 -24.71 10.08 -24.66
N MET A 332 -25.91 10.54 -24.98
CA MET A 332 -26.90 10.96 -23.98
C MET A 332 -27.74 9.77 -23.51
N SER A 333 -27.68 9.43 -22.23
CA SER A 333 -28.63 8.48 -21.67
C SER A 333 -29.81 9.27 -21.12
N LYS A 334 -30.98 8.64 -21.14
CA LYS A 334 -32.24 9.33 -20.88
C LYS A 334 -32.29 9.91 -19.47
N GLY A 335 -31.91 9.14 -18.46
CA GLY A 335 -32.02 9.57 -17.04
C GLY A 335 -31.14 10.75 -16.62
N VAL A 336 -29.94 10.80 -17.16
CA VAL A 336 -29.01 11.86 -16.83
C VAL A 336 -29.50 13.15 -17.43
N VAL A 337 -29.81 13.07 -18.72
CA VAL A 337 -30.34 14.19 -19.48
C VAL A 337 -31.62 14.68 -18.85
N GLU A 338 -32.44 13.75 -18.38
CA GLU A 338 -33.67 14.10 -17.69
C GLU A 338 -33.45 14.98 -16.46
N ASN A 339 -32.42 14.70 -15.67
CA ASN A 339 -32.11 15.47 -14.46
C ASN A 339 -31.23 16.63 -14.69
N ASP A 340 -30.22 16.47 -15.55
CA ASP A 340 -29.40 17.59 -16.01
C ASP A 340 -29.59 17.87 -17.53
N PRO A 341 -30.62 18.69 -17.88
CA PRO A 341 -30.80 19.09 -19.28
C PRO A 341 -29.59 19.78 -19.91
N THR A 342 -28.87 20.64 -19.15
CA THR A 342 -27.64 21.35 -19.63
C THR A 342 -26.49 20.47 -20.15
N TRP A 343 -26.46 19.22 -19.70
CA TRP A 343 -25.50 18.22 -20.16
C TRP A 343 -25.65 17.95 -21.67
N LYS A 344 -26.85 18.09 -22.21
CA LYS A 344 -27.07 17.93 -23.67
C LYS A 344 -26.34 18.99 -24.52
N THR A 345 -26.02 20.16 -23.93
CA THR A 345 -25.25 21.23 -24.60
C THR A 345 -23.95 21.61 -23.89
N ASP A 346 -23.35 20.65 -23.20
CA ASP A 346 -22.06 20.90 -22.57
C ASP A 346 -20.96 20.90 -23.64
N VAL A 347 -20.01 21.83 -23.46
CA VAL A 347 -18.71 21.86 -24.14
C VAL A 347 -18.20 20.48 -24.54
N MET A 348 -18.19 19.56 -23.59
CA MET A 348 -17.69 18.20 -23.83
C MET A 348 -18.57 17.36 -24.74
N THR A 349 -19.89 17.46 -24.58
CA THR A 349 -20.82 16.73 -25.43
C THR A 349 -20.71 17.20 -26.90
N LEU A 350 -20.81 18.51 -27.12
CA LEU A 350 -20.82 19.10 -28.49
C LEU A 350 -19.48 19.13 -29.23
N GLN A 351 -18.40 19.38 -28.48
CA GLN A 351 -17.05 19.42 -29.07
C GLN A 351 -16.28 18.12 -28.96
N GLY A 352 -16.71 17.22 -28.06
CA GLY A 352 -16.12 15.89 -27.95
C GLY A 352 -14.83 15.82 -27.16
N LEU A 353 -14.32 14.60 -27.02
CA LEU A 353 -13.06 14.33 -26.35
C LEU A 353 -12.23 13.39 -27.14
N GLY A 354 -10.91 13.64 -27.13
CA GLY A 354 -9.94 12.65 -27.59
C GLY A 354 -9.75 11.51 -26.59
N LEU A 355 -10.56 10.48 -26.74
CA LEU A 355 -10.46 9.29 -25.89
C LEU A 355 -9.24 8.46 -26.26
N VAL A 356 -8.28 8.39 -25.35
CA VAL A 356 -7.19 7.41 -25.46
C VAL A 356 -7.77 6.02 -25.75
N SER A 357 -7.08 5.21 -26.54
CA SER A 357 -7.51 3.81 -26.78
C SER A 357 -7.38 2.86 -25.55
N PRO A 358 -8.37 1.98 -25.31
CA PRO A 358 -8.17 0.95 -24.28
C PRO A 358 -6.90 0.13 -24.41
N LYS A 359 -6.43 -0.06 -25.63
CA LYS A 359 -5.21 -0.81 -25.84
C LYS A 359 -3.97 -0.06 -25.31
N LYS A 360 -4.04 1.27 -25.31
CA LYS A 360 -2.94 2.15 -24.93
C LYS A 360 -3.18 2.91 -23.61
N VAL A 361 -4.29 2.64 -22.92
CA VAL A 361 -4.67 3.45 -21.74
C VAL A 361 -3.70 3.18 -20.61
N TYR A 362 -3.36 1.93 -20.34
CA TYR A 362 -2.29 1.67 -19.38
C TYR A 362 -1.03 2.50 -19.74
N LYS A 363 -0.58 2.39 -20.98
CA LYS A 363 0.58 3.15 -21.45
C LYS A 363 0.44 4.62 -21.08
N PHE A 364 -0.74 5.18 -21.32
CA PHE A 364 -0.96 6.62 -21.08
C PHE A 364 -0.81 6.96 -19.60
N TYR A 365 -1.46 6.18 -18.73
CA TYR A 365 -1.39 6.42 -17.31
C TYR A 365 -0.02 6.12 -16.76
N ASN A 366 0.60 5.06 -17.25
CA ASN A 366 1.96 4.77 -16.80
C ASN A 366 2.97 5.82 -17.21
N GLU A 367 2.89 6.27 -18.46
CA GLU A 367 3.82 7.31 -18.88
C GLU A 367 3.59 8.60 -18.06
N LEU A 368 2.34 8.92 -17.75
CA LEU A 368 1.99 10.15 -17.06
C LEU A 368 2.46 10.05 -15.63
N HIS A 369 1.98 9.01 -14.94
CA HIS A 369 2.29 8.81 -13.55
C HIS A 369 3.76 8.57 -13.30
N SER A 370 4.42 7.83 -14.19
CA SER A 370 5.90 7.59 -14.05
C SER A 370 6.63 8.90 -14.10
N TYR A 371 6.21 9.84 -14.97
CA TYR A 371 6.82 11.18 -15.01
C TYR A 371 6.62 11.91 -13.69
N LEU A 372 5.36 11.98 -13.28
CA LEU A 372 4.96 12.56 -12.00
C LEU A 372 5.66 11.96 -10.81
N ALA A 373 5.67 10.65 -10.69
CA ALA A 373 6.29 10.01 -9.53
C ALA A 373 7.80 10.23 -9.51
N ASP A 374 8.44 10.21 -10.66
CA ASP A 374 9.89 10.30 -10.70
C ASP A 374 10.28 11.75 -10.50
N ALA A 375 9.28 12.63 -10.46
CA ALA A 375 9.42 14.00 -9.98
C ALA A 375 9.10 14.21 -8.48
N GLY A 376 8.63 13.17 -7.79
CA GLY A 376 8.39 13.21 -6.37
C GLY A 376 6.94 13.40 -5.99
N VAL A 377 6.04 13.32 -6.98
CA VAL A 377 4.62 13.43 -6.70
C VAL A 377 4.11 12.11 -6.10
N ASP A 378 3.31 12.18 -5.06
CA ASP A 378 2.85 11.00 -4.31
C ASP A 378 1.44 10.52 -4.67
N GLY A 379 0.69 11.30 -5.45
CA GLY A 379 -0.71 11.00 -5.70
C GLY A 379 -1.43 11.91 -6.69
N VAL A 380 -2.56 11.41 -7.18
CA VAL A 380 -3.36 12.11 -8.16
C VAL A 380 -4.78 12.20 -7.65
N LYS A 381 -5.44 13.28 -8.03
CA LYS A 381 -6.83 13.50 -7.83
C LYS A 381 -7.41 13.36 -9.24
N VAL A 382 -8.15 12.26 -9.48
CA VAL A 382 -8.62 11.83 -10.83
C VAL A 382 -10.11 12.24 -11.09
N ALA A 383 -10.31 13.35 -11.77
CA ALA A 383 -11.60 13.92 -12.01
C ALA A 383 -12.22 13.42 -13.32
N VAL A 384 -13.44 13.91 -13.59
CA VAL A 384 -14.20 13.65 -14.82
C VAL A 384 -14.44 12.18 -15.03
N GLN A 385 -14.49 11.41 -13.95
CA GLN A 385 -14.53 9.95 -14.11
C GLN A 385 -15.76 9.44 -14.80
N CYS A 386 -16.91 10.05 -14.55
CA CYS A 386 -18.14 9.56 -15.16
C CYS A 386 -18.24 9.63 -16.71
N VAL A 387 -17.40 10.41 -17.40
CA VAL A 387 -17.60 10.52 -18.87
C VAL A 387 -17.56 9.17 -19.51
N LEU A 388 -16.64 8.33 -19.03
CA LEU A 388 -16.45 7.02 -19.60
C LEU A 388 -17.79 6.35 -19.87
N GLU A 389 -18.74 6.43 -18.94
CA GLU A 389 -20.10 5.86 -19.22
C GLU A 389 -20.80 6.32 -20.53
N THR A 390 -20.53 7.56 -20.92
CA THR A 390 -21.07 8.14 -22.15
C THR A 390 -20.27 7.79 -23.42
N LEU A 391 -19.05 7.29 -23.28
CA LEU A 391 -18.18 7.00 -24.42
C LEU A 391 -18.16 5.51 -24.74
N GLY A 392 -19.21 4.79 -24.31
CA GLY A 392 -19.31 3.35 -24.50
C GLY A 392 -19.20 2.97 -25.97
N GLY A 393 -19.62 3.92 -26.83
CA GLY A 393 -19.15 3.98 -28.21
C GLY A 393 -19.45 2.67 -28.90
N GLY A 394 -18.45 2.14 -29.60
CA GLY A 394 -18.51 0.76 -30.10
C GLY A 394 -17.46 -0.06 -29.39
N LEU A 395 -17.20 0.27 -28.13
CA LEU A 395 -16.04 -0.24 -27.40
C LEU A 395 -16.41 -1.24 -26.30
N GLY A 396 -17.68 -1.60 -26.18
CA GLY A 396 -18.07 -2.64 -25.21
C GLY A 396 -19.09 -2.15 -24.23
N GLY A 397 -19.30 -0.84 -24.22
CA GLY A 397 -20.32 -0.25 -23.39
C GLY A 397 -19.73 0.49 -22.22
N ARG A 398 -20.66 1.15 -21.52
CA ARG A 398 -20.37 1.86 -20.30
C ARG A 398 -19.66 1.03 -19.23
N VAL A 399 -20.05 -0.23 -19.02
CA VAL A 399 -19.46 -1.01 -17.92
C VAL A 399 -18.09 -1.53 -18.31
N GLU A 400 -17.94 -1.98 -19.55
CA GLU A 400 -16.69 -2.58 -19.99
C GLU A 400 -15.58 -1.55 -20.22
N LEU A 401 -15.94 -0.32 -20.57
CA LEU A 401 -14.94 0.74 -20.80
C LEU A 401 -14.55 1.36 -19.46
N THR A 402 -15.52 1.62 -18.58
CA THR A 402 -15.21 2.08 -17.24
C THR A 402 -14.26 1.08 -16.54
N ARG A 403 -14.45 -0.23 -16.76
CA ARG A 403 -13.66 -1.27 -16.12
C ARG A 403 -12.22 -1.15 -16.62
N GLN A 404 -12.07 -1.17 -17.95
CA GLN A 404 -10.76 -1.18 -18.57
C GLN A 404 -9.93 0.01 -18.15
N PHE A 405 -10.51 1.20 -18.17
CA PHE A 405 -9.80 2.40 -17.68
C PHE A 405 -9.46 2.34 -16.20
N HIS A 406 -10.40 1.95 -15.36
CA HIS A 406 -10.12 1.81 -13.93
C HIS A 406 -9.09 0.77 -13.56
N GLN A 407 -9.04 -0.35 -14.30
CA GLN A 407 -8.03 -1.43 -14.15
C GLN A 407 -6.60 -0.95 -14.44
N ALA A 408 -6.50 -0.06 -15.41
CA ALA A 408 -5.24 0.49 -15.85
C ALA A 408 -4.83 1.61 -14.92
N LEU A 409 -5.77 2.45 -14.52
CA LEU A 409 -5.49 3.52 -13.55
C LEU A 409 -4.98 2.93 -12.27
N ASP A 410 -5.58 1.82 -11.83
CA ASP A 410 -5.17 1.21 -10.56
C ASP A 410 -3.75 0.65 -10.63
N SER A 411 -3.48 -0.06 -11.69
CA SER A 411 -2.18 -0.66 -11.92
C SER A 411 -1.10 0.39 -11.94
N SER A 412 -1.39 1.47 -12.64
CA SER A 412 -0.52 2.61 -12.70
C SER A 412 -0.40 3.34 -11.34
N VAL A 413 -1.48 3.42 -10.57
CA VAL A 413 -1.41 3.97 -9.19
C VAL A 413 -0.62 3.06 -8.24
N ALA A 414 -0.79 1.73 -8.38
CA ALA A 414 -0.14 0.83 -7.45
C ALA A 414 1.37 0.77 -7.74
N LYS A 415 1.73 1.06 -8.97
CA LYS A 415 3.14 1.16 -9.39
C LYS A 415 3.79 2.46 -8.98
N ASN A 416 3.14 3.57 -9.28
CA ASN A 416 3.78 4.86 -9.23
C ASN A 416 3.50 5.68 -7.94
N PHE A 417 2.36 5.45 -7.29
CA PHE A 417 2.00 6.16 -6.08
C PHE A 417 1.59 5.09 -5.07
N PRO A 418 2.55 4.38 -4.48
CA PRO A 418 2.12 3.17 -3.75
C PRO A 418 1.72 3.38 -2.28
N ASP A 419 1.74 4.62 -1.77
CA ASP A 419 0.87 4.97 -0.64
C ASP A 419 -0.62 4.97 -1.06
N ASN A 420 -0.96 4.50 -2.26
CA ASN A 420 -2.32 4.44 -2.76
C ASN A 420 -2.91 5.86 -2.95
N GLY A 421 -2.21 6.65 -3.74
CA GLY A 421 -2.51 8.08 -3.90
C GLY A 421 -3.50 8.40 -5.00
N CYS A 422 -4.75 8.00 -4.80
CA CYS A 422 -5.80 8.27 -5.73
C CYS A 422 -6.97 8.88 -4.99
N ILE A 423 -7.47 9.99 -5.51
CA ILE A 423 -8.67 10.57 -5.02
C ILE A 423 -9.63 10.62 -6.16
N ALA A 424 -10.77 9.99 -5.97
CA ALA A 424 -11.68 9.85 -7.07
C ALA A 424 -12.64 11.02 -6.93
N CYS A 425 -12.87 11.66 -8.04
CA CYS A 425 -13.65 12.86 -8.08
C CYS A 425 -14.56 12.78 -9.34
N MET A 426 -15.79 13.23 -9.17
CA MET A 426 -16.79 13.21 -10.22
C MET A 426 -17.10 11.77 -10.66
N SER A 427 -17.28 10.88 -9.70
CA SER A 427 -17.39 9.45 -9.97
C SER A 427 -18.51 8.79 -9.18
N HIS A 428 -19.65 9.43 -9.12
CA HIS A 428 -20.75 8.82 -8.43
C HIS A 428 -21.61 8.01 -9.32
N ASN A 429 -21.00 7.11 -10.10
CA ASN A 429 -21.74 6.08 -10.82
C ASN A 429 -21.34 4.72 -10.33
N THR A 430 -22.30 3.81 -10.46
CA THR A 430 -22.22 2.49 -9.93
C THR A 430 -21.30 1.70 -10.85
N ASP A 431 -21.14 2.13 -12.11
CA ASP A 431 -20.11 1.56 -13.03
C ASP A 431 -18.74 1.50 -12.35
N ALA A 432 -18.39 2.63 -11.72
CA ALA A 432 -17.08 2.87 -11.12
C ALA A 432 -17.02 2.40 -9.66
N LEU A 433 -18.08 2.63 -8.91
CA LEU A 433 -18.13 2.13 -7.53
C LEU A 433 -18.02 0.60 -7.49
N TYR A 434 -18.76 -0.10 -8.35
CA TYR A 434 -18.73 -1.59 -8.37
C TYR A 434 -17.49 -2.24 -8.97
N CYS A 435 -16.59 -1.45 -9.56
CA CYS A 435 -15.24 -1.92 -9.86
C CYS A 435 -14.16 -1.08 -9.09
N SER A 436 -14.53 -0.62 -7.88
CA SER A 436 -13.64 0.11 -6.98
C SER A 436 -12.83 -0.79 -6.05
N LYS A 437 -11.71 -1.28 -6.58
CA LYS A 437 -10.94 -2.36 -5.94
C LYS A 437 -9.80 -1.91 -5.11
N GLN A 438 -9.36 -0.69 -5.31
CA GLN A 438 -8.09 -0.21 -4.79
C GLN A 438 -8.28 1.14 -4.23
N ALA A 439 -8.69 2.10 -5.06
CA ALA A 439 -8.82 3.49 -4.68
C ALA A 439 -9.65 3.60 -3.42
N ALA A 440 -9.23 4.47 -2.51
CA ALA A 440 -9.77 4.48 -1.17
C ALA A 440 -10.40 5.77 -0.72
N VAL A 441 -10.40 6.81 -1.55
CA VAL A 441 -10.90 8.12 -1.15
C VAL A 441 -11.72 8.72 -2.29
N ILE A 442 -12.93 9.19 -1.94
CA ILE A 442 -13.91 9.68 -2.91
C ILE A 442 -14.50 10.96 -2.45
N ARG A 443 -14.50 11.92 -3.35
CA ARG A 443 -15.25 13.15 -3.14
C ARG A 443 -16.73 12.78 -3.09
N ALA A 444 -17.44 13.24 -2.07
CA ALA A 444 -18.81 12.79 -1.89
C ALA A 444 -19.86 13.77 -2.35
N SER A 445 -19.44 14.85 -2.97
CA SER A 445 -20.41 15.74 -3.56
C SER A 445 -19.81 16.65 -4.62
N ASP A 446 -20.72 17.31 -5.33
CA ASP A 446 -20.42 18.52 -6.04
C ASP A 446 -19.55 19.46 -5.20
N ASP A 447 -18.88 20.39 -5.90
CA ASP A 447 -17.79 21.19 -5.39
C ASP A 447 -18.30 22.14 -4.35
N PHE A 448 -17.40 22.51 -3.45
CA PHE A 448 -17.56 23.70 -2.65
C PHE A 448 -17.60 24.87 -3.62
N TYR A 449 -18.55 25.78 -3.46
CA TYR A 449 -18.65 26.98 -4.29
C TYR A 449 -18.60 28.22 -3.37
N PRO A 450 -17.43 28.85 -3.25
CA PRO A 450 -17.39 29.98 -2.32
C PRO A 450 -18.33 31.13 -2.70
N ARG A 451 -18.64 31.26 -3.99
CA ARG A 451 -19.39 32.46 -4.41
C ARG A 451 -20.89 32.25 -4.54
N ASP A 452 -21.38 31.01 -4.37
CA ASP A 452 -22.82 30.67 -4.59
C ASP A 452 -23.49 30.43 -3.26
N PRO A 453 -24.21 31.42 -2.76
CA PRO A 453 -24.81 31.24 -1.42
C PRO A 453 -25.83 30.07 -1.29
N VAL A 454 -26.41 29.64 -2.41
CA VAL A 454 -27.27 28.45 -2.46
C VAL A 454 -26.58 27.16 -2.00
N SER A 455 -25.26 27.07 -2.20
CA SER A 455 -24.56 25.79 -2.22
C SER A 455 -24.25 25.21 -0.86
N HIS A 456 -24.19 26.05 0.17
CA HIS A 456 -23.56 25.67 1.43
C HIS A 456 -24.35 24.66 2.26
N THR A 457 -25.63 24.96 2.46
CA THR A 457 -26.52 24.02 3.11
C THR A 457 -26.62 22.75 2.26
N ILE A 458 -26.70 22.89 0.93
CA ILE A 458 -26.85 21.71 0.06
C ILE A 458 -25.65 20.82 0.18
N HIS A 459 -24.48 21.45 0.30
CA HIS A 459 -23.25 20.72 0.41
C HIS A 459 -23.29 19.81 1.63
N ILE A 460 -23.65 20.35 2.80
CA ILE A 460 -23.60 19.60 4.03
C ILE A 460 -24.61 18.45 3.97
N ALA A 461 -25.74 18.66 3.31
CA ALA A 461 -26.71 17.60 3.16
C ALA A 461 -26.26 16.58 2.11
N SER A 462 -25.79 17.00 0.94
CA SER A 462 -25.41 15.98 -0.08
C SER A 462 -24.25 15.07 0.44
N VAL A 463 -23.42 15.64 1.31
CA VAL A 463 -22.21 14.98 1.74
C VAL A 463 -22.62 13.88 2.73
N ALA A 464 -23.46 14.25 3.68
CA ALA A 464 -23.99 13.31 4.65
C ALA A 464 -24.78 12.17 4.00
N TYR A 465 -25.75 12.50 3.16
CA TYR A 465 -26.59 11.43 2.56
C TYR A 465 -25.77 10.55 1.62
N ASN A 466 -24.93 11.12 0.75
CA ASN A 466 -24.15 10.28 -0.16
C ASN A 466 -23.13 9.41 0.61
N SER A 467 -22.72 9.82 1.81
CA SER A 467 -21.75 9.07 2.57
C SER A 467 -22.38 7.84 3.19
N VAL A 468 -23.69 7.85 3.38
CA VAL A 468 -24.37 6.63 3.75
C VAL A 468 -24.05 5.50 2.77
N PHE A 469 -24.03 5.78 1.47
CA PHE A 469 -23.75 4.72 0.46
C PHE A 469 -22.34 4.75 -0.12
N LEU A 470 -21.76 5.94 -0.29
CA LEU A 470 -20.38 6.03 -0.83
C LEU A 470 -19.35 5.53 0.16
N GLY A 471 -19.60 5.77 1.43
CA GLY A 471 -18.74 5.28 2.50
C GLY A 471 -18.68 3.77 2.64
N GLU A 472 -19.52 3.04 1.94
CA GLU A 472 -19.41 1.60 1.95
C GLU A 472 -18.25 1.15 1.14
N PHE A 473 -17.86 1.95 0.15
CA PHE A 473 -16.82 1.62 -0.83
C PHE A 473 -15.47 2.30 -0.57
N MET A 474 -15.49 3.62 -0.34
CA MET A 474 -14.29 4.48 -0.23
C MET A 474 -14.51 5.44 0.91
N GLN A 475 -13.45 6.02 1.45
CA GLN A 475 -13.57 6.99 2.60
C GLN A 475 -14.04 8.36 2.11
N PRO A 476 -15.22 8.84 2.55
CA PRO A 476 -15.67 10.10 1.84
C PRO A 476 -14.78 11.32 2.09
N ASP A 477 -14.73 12.22 1.12
CA ASP A 477 -13.94 13.41 1.11
C ASP A 477 -14.92 14.55 0.97
N TRP A 478 -14.96 15.46 1.94
CA TRP A 478 -16.01 16.43 1.98
C TRP A 478 -15.62 17.66 1.20
N ASP A 479 -14.46 17.58 0.54
CA ASP A 479 -13.99 18.62 -0.36
C ASP A 479 -13.39 19.81 0.40
N MET A 480 -12.66 20.64 -0.31
CA MET A 480 -12.06 21.86 0.25
C MET A 480 -13.08 22.89 0.75
N PHE A 481 -12.59 23.97 1.35
CA PHE A 481 -13.43 25.08 1.89
C PHE A 481 -12.59 26.28 2.22
N HIS A 482 -13.23 27.39 2.55
CA HIS A 482 -12.49 28.62 2.82
C HIS A 482 -12.53 28.88 4.30
N SER A 483 -11.38 29.10 4.93
CA SER A 483 -11.39 29.55 6.34
C SER A 483 -11.94 30.92 6.56
N VAL A 484 -11.91 31.75 5.53
CA VAL A 484 -12.54 33.07 5.57
C VAL A 484 -13.74 33.12 4.62
N HIS A 485 -14.91 33.02 5.20
CA HIS A 485 -16.14 32.90 4.42
C HIS A 485 -17.28 33.04 5.43
N PRO A 486 -18.43 33.58 5.02
CA PRO A 486 -19.49 33.66 6.04
C PRO A 486 -19.86 32.27 6.62
N ALA A 487 -19.92 31.26 5.74
CA ALA A 487 -20.09 29.82 6.06
C ALA A 487 -18.85 28.97 6.42
N ALA A 488 -17.78 29.56 6.94
CA ALA A 488 -16.57 28.82 7.19
C ALA A 488 -16.72 27.81 8.34
N GLU A 489 -17.28 28.27 9.45
CA GLU A 489 -17.37 27.46 10.66
C GLU A 489 -18.34 26.36 10.37
N TYR A 490 -19.37 26.65 9.57
CA TYR A 490 -20.33 25.59 9.09
C TYR A 490 -19.63 24.48 8.35
N HIS A 491 -18.83 24.85 7.38
CA HIS A 491 -18.10 23.90 6.54
C HIS A 491 -16.99 23.19 7.29
N ALA A 492 -16.37 23.88 8.23
CA ALA A 492 -15.19 23.38 8.83
C ALA A 492 -15.54 22.31 9.89
N SER A 493 -16.62 22.55 10.62
CA SER A 493 -17.12 21.60 11.59
C SER A 493 -17.48 20.31 10.86
N ALA A 494 -18.18 20.41 9.75
CA ALA A 494 -18.45 19.23 8.91
C ALA A 494 -17.17 18.54 8.55
N ARG A 495 -16.18 19.24 8.00
CA ARG A 495 -14.93 18.56 7.66
C ARG A 495 -14.37 17.79 8.86
N ALA A 496 -14.33 18.46 10.01
CA ALA A 496 -13.79 17.88 11.24
C ALA A 496 -14.41 16.54 11.60
N ILE A 497 -15.72 16.42 11.39
CA ILE A 497 -16.45 15.21 11.74
C ILE A 497 -16.75 14.29 10.54
N SER A 498 -16.10 14.49 9.39
CA SER A 498 -16.42 13.74 8.17
C SER A 498 -15.82 12.36 8.04
N GLY A 499 -14.74 12.11 8.77
CA GLY A 499 -13.92 10.93 8.53
C GLY A 499 -12.87 11.04 7.47
N GLY A 500 -12.87 12.16 6.73
CA GLY A 500 -12.08 12.31 5.52
C GLY A 500 -10.98 13.35 5.62
N PRO A 501 -10.25 13.55 4.51
CA PRO A 501 -9.20 14.52 4.52
C PRO A 501 -9.72 15.91 4.79
N LEU A 502 -8.97 16.65 5.57
CA LEU A 502 -9.29 17.99 5.97
C LEU A 502 -8.37 18.94 5.14
N TYR A 503 -8.98 19.74 4.27
CA TYR A 503 -8.21 20.76 3.58
C TYR A 503 -8.99 22.01 3.24
N VAL A 504 -8.23 23.05 2.95
CA VAL A 504 -8.79 24.27 2.46
C VAL A 504 -8.25 24.52 1.08
N SER A 505 -8.89 25.46 0.43
CA SER A 505 -8.48 26.03 -0.82
C SER A 505 -8.34 27.56 -0.72
N ASP A 506 -7.96 28.06 0.44
CA ASP A 506 -7.77 29.48 0.63
C ASP A 506 -6.82 30.10 -0.40
N SER A 507 -7.16 31.28 -0.91
CA SER A 507 -6.14 32.18 -1.51
C SER A 507 -5.16 32.60 -0.41
N PRO A 508 -3.86 32.75 -0.74
CA PRO A 508 -2.82 33.07 0.25
C PRO A 508 -3.11 34.34 1.00
N GLY A 509 -2.82 34.37 2.30
CA GLY A 509 -3.04 35.52 3.18
C GLY A 509 -4.48 35.70 3.65
N LYS A 510 -5.44 34.98 3.08
CA LYS A 510 -6.86 35.10 3.51
C LYS A 510 -7.21 33.83 4.31
N HIS A 511 -6.88 33.89 5.59
CA HIS A 511 -6.94 32.77 6.48
C HIS A 511 -7.48 33.15 7.81
N ASN A 512 -8.24 32.24 8.40
CA ASN A 512 -8.70 32.37 9.76
C ASN A 512 -8.03 31.34 10.64
N PHE A 513 -6.92 31.69 11.27
CA PHE A 513 -6.17 30.72 12.07
C PHE A 513 -6.80 30.41 13.43
N GLU A 514 -7.71 31.26 13.91
CA GLU A 514 -8.45 30.92 15.13
C GLU A 514 -9.31 29.71 14.81
N LEU A 515 -10.03 29.84 13.70
CA LEU A 515 -10.72 28.71 13.04
C LEU A 515 -9.83 27.52 12.71
N LEU A 516 -8.78 27.68 11.91
CA LEU A 516 -7.93 26.55 11.50
C LEU A 516 -7.30 25.72 12.63
N ARG A 517 -7.03 26.35 13.78
CA ARG A 517 -6.49 25.64 14.94
C ARG A 517 -7.48 24.74 15.65
N LYS A 518 -8.76 24.95 15.41
CA LYS A 518 -9.77 24.04 15.87
C LYS A 518 -9.74 22.70 15.08
N LEU A 519 -9.04 22.70 13.94
CA LEU A 519 -8.94 21.54 13.06
C LEU A 519 -7.56 20.95 12.91
N VAL A 520 -6.51 21.73 13.16
CA VAL A 520 -5.15 21.34 12.79
C VAL A 520 -4.22 21.63 13.95
N LEU A 521 -3.45 20.63 14.32
CA LEU A 521 -2.47 20.78 15.38
C LEU A 521 -1.17 21.41 14.85
N PRO A 522 -0.32 21.94 15.75
CA PRO A 522 0.92 22.61 15.31
C PRO A 522 1.80 21.92 14.25
N ASP A 523 1.77 20.58 14.23
CA ASP A 523 2.51 19.76 13.26
C ASP A 523 1.71 19.40 12.03
N GLY A 524 0.50 19.94 11.89
CA GLY A 524 -0.29 19.75 10.68
C GLY A 524 -1.15 18.51 10.69
N SER A 525 -1.18 17.81 11.81
CA SER A 525 -2.01 16.60 11.89
C SER A 525 -3.42 17.05 12.22
N ILE A 526 -4.37 16.15 12.03
CA ILE A 526 -5.74 16.36 12.41
C ILE A 526 -6.30 15.24 13.27
N LEU A 527 -7.50 15.51 13.77
CA LEU A 527 -8.19 14.62 14.68
C LEU A 527 -9.26 13.97 13.89
N ARG A 528 -8.84 13.15 12.95
CA ARG A 528 -9.75 12.40 12.08
C ARG A 528 -10.53 11.32 12.82
N ALA A 529 -11.86 11.37 12.69
CA ALA A 529 -12.72 10.33 13.10
C ALA A 529 -12.63 9.04 12.18
N ARG A 530 -13.15 7.92 12.66
CA ARG A 530 -12.83 6.61 12.16
C ARG A 530 -13.77 6.22 11.02
N LEU A 531 -14.99 6.75 10.99
CA LEU A 531 -16.01 6.33 10.05
C LEU A 531 -16.37 7.42 9.05
N PRO A 532 -17.11 7.06 7.98
CA PRO A 532 -17.73 8.14 7.19
C PRO A 532 -18.74 8.88 8.05
N GLY A 533 -18.73 10.20 7.99
CA GLY A 533 -19.70 10.96 8.70
C GLY A 533 -21.04 10.74 7.99
N ARG A 534 -22.09 10.46 8.75
CA ARG A 534 -23.38 10.09 8.21
C ARG A 534 -24.51 10.64 9.03
N PRO A 535 -25.71 10.64 8.49
CA PRO A 535 -26.85 11.12 9.26
C PRO A 535 -27.20 10.13 10.34
N THR A 536 -27.88 10.57 11.38
CA THR A 536 -28.36 9.70 12.45
C THR A 536 -29.48 8.79 11.94
N ARG A 537 -29.82 7.70 12.64
CA ARG A 537 -31.04 6.90 12.31
C ARG A 537 -32.28 7.84 12.13
N ASP A 538 -32.50 8.67 13.14
CA ASP A 538 -33.41 9.82 13.13
C ASP A 538 -33.57 10.63 11.84
N CYS A 539 -32.46 10.89 11.13
CA CYS A 539 -32.46 11.77 9.97
C CYS A 539 -32.53 11.03 8.61
N LEU A 540 -32.43 9.71 8.63
CA LEU A 540 -32.29 9.00 7.35
C LEU A 540 -33.44 9.21 6.37
N PHE A 541 -34.66 9.35 6.89
CA PHE A 541 -35.88 9.39 6.10
C PHE A 541 -36.62 10.74 6.10
N ALA A 542 -36.09 11.73 6.84
CA ALA A 542 -36.61 13.08 6.87
C ALA A 542 -35.60 14.01 6.19
N ASP A 543 -36.03 14.70 5.13
CA ASP A 543 -35.15 15.50 4.29
C ASP A 543 -34.91 16.85 4.94
N PRO A 544 -33.70 17.06 5.54
CA PRO A 544 -33.48 18.26 6.32
C PRO A 544 -33.08 19.49 5.47
N ALA A 545 -33.07 19.32 4.13
CA ALA A 545 -33.02 20.45 3.21
C ALA A 545 -34.43 20.97 2.78
N ARG A 546 -35.45 20.10 2.79
CA ARG A 546 -36.74 20.32 2.15
C ARG A 546 -37.97 20.29 3.08
N ASP A 547 -37.93 19.52 4.16
CA ASP A 547 -39.11 19.27 4.97
C ASP A 547 -39.50 20.51 5.88
N GLY A 548 -38.61 21.49 6.03
CA GLY A 548 -38.90 22.65 6.87
C GLY A 548 -39.01 22.40 8.36
N VAL A 549 -38.77 21.17 8.80
CA VAL A 549 -39.11 20.72 10.14
C VAL A 549 -37.93 20.11 10.94
N SER A 550 -37.00 19.40 10.28
CA SER A 550 -35.91 18.69 10.98
C SER A 550 -34.52 19.37 10.84
N LEU A 551 -33.71 19.24 11.89
CA LEU A 551 -32.29 19.55 11.80
C LEU A 551 -31.56 18.33 11.31
N LEU A 552 -30.52 18.53 10.51
CA LEU A 552 -29.64 17.44 10.09
C LEU A 552 -28.65 17.16 11.16
N LYS A 553 -28.64 15.94 11.69
CA LYS A 553 -27.62 15.48 12.66
C LYS A 553 -26.68 14.46 12.02
N ILE A 554 -25.39 14.78 12.03
CA ILE A 554 -24.36 13.92 11.49
C ILE A 554 -23.64 13.25 12.63
N TRP A 555 -23.44 11.94 12.56
CA TRP A 555 -22.67 11.21 13.58
C TRP A 555 -21.37 10.65 13.04
N ASN A 556 -20.38 10.52 13.92
CA ASN A 556 -19.17 9.76 13.69
C ASN A 556 -18.63 9.24 14.99
N MET A 557 -17.52 8.50 14.92
CA MET A 557 -16.89 7.87 16.07
C MET A 557 -15.42 8.15 16.11
N ASN A 558 -14.91 8.27 17.32
CA ASN A 558 -13.49 8.12 17.59
C ASN A 558 -13.29 6.77 18.35
N LYS A 559 -12.08 6.47 18.81
CA LYS A 559 -11.86 5.27 19.62
C LYS A 559 -12.66 5.31 20.93
N TYR A 560 -12.64 6.42 21.66
CA TYR A 560 -13.23 6.48 22.99
C TYR A 560 -14.37 7.50 23.20
N THR A 561 -14.75 8.20 22.14
CA THR A 561 -15.94 9.01 22.12
C THR A 561 -16.62 8.90 20.77
N GLY A 562 -17.85 9.35 20.73
CA GLY A 562 -18.49 9.66 19.51
C GLY A 562 -18.52 11.16 19.35
N VAL A 563 -19.13 11.58 18.25
CA VAL A 563 -19.25 12.97 17.96
C VAL A 563 -20.47 13.23 17.08
N LEU A 564 -21.13 14.32 17.33
CA LEU A 564 -22.40 14.57 16.69
C LEU A 564 -22.45 16.03 16.23
N GLY A 565 -22.65 16.23 14.94
CA GLY A 565 -22.83 17.60 14.41
C GLY A 565 -24.31 17.82 14.16
N VAL A 566 -24.85 18.98 14.55
CA VAL A 566 -26.24 19.32 14.22
C VAL A 566 -26.23 20.57 13.35
N TYR A 567 -26.88 20.47 12.18
CA TYR A 567 -26.90 21.53 11.19
C TYR A 567 -28.33 21.91 10.83
N ASN A 568 -28.55 23.15 10.41
CA ASN A 568 -29.82 23.51 9.77
C ASN A 568 -29.48 23.68 8.31
N CYS A 569 -29.85 22.71 7.51
CA CYS A 569 -29.54 22.84 6.11
C CYS A 569 -30.79 23.04 5.30
N GLN A 570 -31.75 23.79 5.87
CA GLN A 570 -33.03 24.06 5.21
C GLN A 570 -33.03 25.25 4.27
N GLY A 571 -33.96 25.22 3.33
CA GLY A 571 -34.30 26.36 2.52
C GLY A 571 -33.57 26.42 1.22
N ALA A 572 -32.87 25.34 0.87
CA ALA A 572 -32.23 25.22 -0.44
C ALA A 572 -32.17 23.76 -0.88
N ALA A 573 -32.32 23.50 -2.18
CA ALA A 573 -32.13 22.16 -2.69
C ALA A 573 -32.34 22.07 -4.18
N TRP A 574 -31.84 21.00 -4.75
CA TRP A 574 -32.13 20.68 -6.11
C TRP A 574 -33.64 20.58 -6.30
N SER A 575 -34.16 21.44 -7.19
CA SER A 575 -35.57 21.47 -7.61
C SER A 575 -35.87 20.42 -8.70
N SER A 576 -36.87 19.57 -8.47
CA SER A 576 -37.36 18.61 -9.47
C SER A 576 -37.89 19.31 -10.76
N THR A 577 -38.33 20.56 -10.65
CA THR A 577 -38.91 21.29 -11.79
C THR A 577 -37.87 22.15 -12.49
N GLU A 578 -37.13 22.96 -11.72
CA GLU A 578 -36.05 23.83 -12.27
C GLU A 578 -34.75 23.07 -12.63
N ARG A 579 -34.55 21.89 -12.02
CA ARG A 579 -33.44 20.99 -12.35
C ARG A 579 -32.05 21.64 -12.11
N LYS A 580 -31.93 22.25 -10.94
CA LYS A 580 -30.72 22.94 -10.53
C LYS A 580 -30.89 23.32 -9.02
N ASN A 581 -29.84 23.78 -8.38
CA ASN A 581 -29.97 24.13 -6.98
C ASN A 581 -30.63 25.45 -6.87
N ILE A 582 -31.78 25.50 -6.20
CA ILE A 582 -32.41 26.79 -5.90
C ILE A 582 -32.67 26.93 -4.42
N PHE A 583 -32.82 28.19 -3.97
CA PHE A 583 -33.48 28.47 -2.70
C PHE A 583 -34.96 28.20 -2.89
N HIS A 584 -35.65 27.96 -1.78
CA HIS A 584 -37.09 27.74 -1.74
C HIS A 584 -37.59 28.16 -0.35
N GLN A 585 -38.91 28.29 -0.20
CA GLN A 585 -39.49 28.94 0.98
C GLN A 585 -39.30 28.12 2.25
N THR A 586 -39.10 28.83 3.36
CA THR A 586 -38.85 28.27 4.70
C THR A 586 -39.75 28.98 5.74
N LYS A 587 -40.47 28.22 6.56
CA LYS A 587 -41.55 28.79 7.43
C LYS A 587 -41.01 29.53 8.66
N THR A 588 -40.51 28.80 9.65
CA THR A 588 -39.84 29.42 10.80
C THR A 588 -38.39 29.72 10.40
N ASP A 589 -37.77 30.63 11.11
CA ASP A 589 -36.36 30.89 10.93
C ASP A 589 -35.54 29.83 11.70
N SER A 590 -35.92 29.63 12.95
CA SER A 590 -35.20 28.77 13.87
C SER A 590 -35.96 27.49 14.10
N LEU A 591 -35.28 26.35 13.90
CA LEU A 591 -35.84 25.04 14.15
C LEU A 591 -35.31 24.45 15.43
N THR A 592 -36.17 23.73 16.14
CA THR A 592 -35.74 22.98 17.31
C THR A 592 -35.78 21.48 17.00
N GLY A 593 -34.67 20.82 17.32
CA GLY A 593 -34.57 19.36 17.44
C GLY A 593 -33.99 19.03 18.80
N SER A 594 -33.55 17.80 18.95
CA SER A 594 -32.97 17.34 20.20
C SER A 594 -31.90 16.37 19.92
N ILE A 595 -31.12 16.10 20.95
CA ILE A 595 -29.91 15.33 20.85
C ILE A 595 -30.04 14.29 21.95
N ARG A 596 -29.79 13.02 21.62
CA ARG A 596 -29.64 11.95 22.62
C ARG A 596 -28.29 11.26 22.39
N GLY A 597 -27.66 10.80 23.46
CA GLY A 597 -26.40 10.06 23.31
C GLY A 597 -26.46 8.98 22.25
N ARG A 598 -27.54 8.20 22.25
CA ARG A 598 -27.76 7.11 21.26
C ARG A 598 -27.89 7.55 19.82
N ASP A 599 -28.03 8.86 19.57
CA ASP A 599 -27.98 9.41 18.23
C ASP A 599 -26.67 9.10 17.54
N VAL A 600 -25.61 9.08 18.33
CA VAL A 600 -24.35 8.51 17.88
C VAL A 600 -24.53 6.99 17.82
N HIS A 601 -24.87 6.49 16.64
CA HIS A 601 -25.37 5.13 16.48
C HIS A 601 -24.56 4.02 17.16
N SER A 602 -23.24 4.17 17.21
CA SER A 602 -22.33 3.16 17.64
C SER A 602 -21.63 3.54 18.94
N ILE A 603 -22.10 4.60 19.60
CA ILE A 603 -21.51 5.05 20.85
C ILE A 603 -21.00 3.94 21.80
N SER A 604 -21.64 2.74 21.81
CA SER A 604 -21.15 1.52 22.58
C SER A 604 -19.73 1.12 22.33
N GLU A 605 -19.32 1.20 21.08
CA GLU A 605 -17.94 0.92 20.76
C GLU A 605 -16.89 1.83 21.50
N ALA A 606 -17.30 2.98 22.01
CA ALA A 606 -16.40 3.90 22.73
C ALA A 606 -16.30 3.61 24.19
N SER A 607 -17.19 2.77 24.66
CA SER A 607 -17.19 2.32 26.05
C SER A 607 -16.14 1.27 26.22
N THR A 608 -15.38 1.42 27.29
CA THR A 608 -14.36 0.46 27.68
C THR A 608 -14.97 -0.86 28.22
N ASP A 609 -16.21 -0.80 28.69
CA ASP A 609 -16.95 -1.92 29.23
C ASP A 609 -18.39 -1.88 28.70
N PRO A 610 -18.60 -2.30 27.43
CA PRO A 610 -19.97 -2.33 26.86
C PRO A 610 -20.97 -3.27 27.57
N THR A 611 -20.49 -4.35 28.20
CA THR A 611 -21.42 -5.30 28.83
C THR A 611 -22.22 -4.61 29.95
N THR A 612 -21.50 -3.89 30.82
CA THR A 612 -22.02 -3.22 32.03
C THR A 612 -22.36 -1.72 31.90
N TRP A 613 -22.36 -1.16 30.69
CA TRP A 613 -22.66 0.27 30.49
C TRP A 613 -24.19 0.57 30.46
N ASN A 614 -24.61 1.53 31.28
CA ASN A 614 -26.03 1.95 31.35
C ASN A 614 -26.51 2.87 30.23
N GLY A 615 -25.60 3.51 29.50
CA GLY A 615 -25.95 4.40 28.37
C GLY A 615 -25.77 5.88 28.65
N ASP A 616 -25.32 6.18 29.86
CA ASP A 616 -25.05 7.53 30.30
C ASP A 616 -23.85 8.07 29.58
N CYS A 617 -23.99 9.32 29.11
CA CYS A 617 -22.97 9.98 28.30
C CYS A 617 -22.67 11.33 28.88
N ALA A 618 -21.38 11.68 28.86
CA ALA A 618 -20.95 13.02 28.96
C ALA A 618 -21.04 13.67 27.54
N VAL A 619 -21.91 14.66 27.41
CA VAL A 619 -22.02 15.49 26.20
C VAL A 619 -21.35 16.89 26.45
N TYR A 620 -20.43 17.29 25.57
CA TYR A 620 -19.72 18.59 25.70
C TYR A 620 -20.02 19.37 24.47
N SER A 621 -20.66 20.51 24.65
CA SER A 621 -20.95 21.41 23.55
C SER A 621 -19.70 22.20 23.19
N GLN A 622 -19.12 21.88 22.04
CA GLN A 622 -17.82 22.45 21.75
C GLN A 622 -17.90 23.98 21.58
N SER A 623 -18.97 24.47 20.95
CA SER A 623 -19.13 25.92 20.73
C SER A 623 -19.55 26.72 21.97
N ARG A 624 -20.50 26.17 22.75
CA ARG A 624 -20.98 26.85 23.97
C ARG A 624 -20.02 26.66 25.13
N GLY A 625 -19.07 25.72 25.06
CA GLY A 625 -18.19 25.40 26.20
C GLY A 625 -18.79 24.65 27.41
N GLU A 626 -19.99 24.09 27.30
CA GLU A 626 -20.72 23.52 28.43
C GLU A 626 -20.67 22.02 28.41
N LEU A 627 -20.49 21.44 29.59
CA LEU A 627 -20.59 19.99 29.82
C LEU A 627 -21.87 19.58 30.56
N ILE A 628 -22.60 18.66 29.93
CA ILE A 628 -23.90 18.16 30.38
C ILE A 628 -23.85 16.65 30.50
N VAL A 629 -24.31 16.13 31.63
CA VAL A 629 -24.46 14.69 31.78
C VAL A 629 -25.83 14.33 31.29
N MET A 630 -25.86 13.33 30.39
CA MET A 630 -27.07 12.86 29.73
C MET A 630 -27.33 11.38 29.96
N PRO A 631 -28.20 11.07 30.92
CA PRO A 631 -28.68 9.72 31.10
C PRO A 631 -29.21 9.20 29.81
N TYR A 632 -29.05 7.89 29.59
CA TYR A 632 -29.70 7.16 28.47
C TYR A 632 -31.16 7.52 28.43
N ASN A 633 -31.72 7.60 27.23
CA ASN A 633 -33.11 8.09 27.02
C ASN A 633 -33.22 9.63 26.93
N VAL A 634 -32.76 10.34 27.97
CA VAL A 634 -32.90 11.79 28.09
C VAL A 634 -32.51 12.59 26.83
N SER A 635 -33.41 13.49 26.40
CA SER A 635 -33.13 14.41 25.29
C SER A 635 -32.63 15.75 25.82
N LEU A 636 -31.86 16.46 24.99
CA LEU A 636 -31.45 17.86 25.25
C LEU A 636 -31.82 18.73 24.03
N PRO A 637 -32.70 19.73 24.19
CA PRO A 637 -33.03 20.48 22.98
C PRO A 637 -31.95 21.37 22.42
N VAL A 638 -31.99 21.55 21.11
CA VAL A 638 -31.03 22.33 20.35
C VAL A 638 -31.78 23.18 19.37
N SER A 639 -31.55 24.49 19.37
CA SER A 639 -32.20 25.41 18.39
C SER A 639 -31.17 26.08 17.44
N LEU A 640 -31.53 26.19 16.16
CA LEU A 640 -30.60 26.71 15.18
C LEU A 640 -31.32 27.42 14.05
N LYS A 641 -30.80 28.59 13.66
CA LYS A 641 -31.25 29.30 12.45
C LYS A 641 -30.60 28.61 11.25
N ILE A 642 -31.09 28.92 10.06
CA ILE A 642 -30.49 28.39 8.83
C ILE A 642 -29.01 28.75 8.76
N ARG A 643 -28.20 27.77 8.39
CA ARG A 643 -26.73 27.89 8.36
C ARG A 643 -26.02 27.92 9.71
N GLU A 644 -26.71 27.73 10.82
CA GLU A 644 -26.03 27.63 12.10
C GLU A 644 -25.73 26.16 12.38
N HIS A 645 -24.79 25.88 13.28
CA HIS A 645 -24.44 24.50 13.64
C HIS A 645 -23.98 24.41 15.09
N GLU A 646 -23.97 23.18 15.64
CA GLU A 646 -23.39 22.90 16.95
C GLU A 646 -22.75 21.52 16.90
N ILE A 647 -21.53 21.42 17.40
CA ILE A 647 -20.83 20.18 17.49
C ILE A 647 -20.79 19.74 18.94
N PHE A 648 -21.02 18.44 19.16
CA PHE A 648 -21.03 17.85 20.51
C PHE A 648 -20.09 16.68 20.55
N THR A 649 -19.19 16.62 21.52
CA THR A 649 -18.48 15.37 21.76
C THR A 649 -19.33 14.48 22.70
N VAL A 650 -19.50 13.19 22.38
CA VAL A 650 -20.30 12.27 23.22
C VAL A 650 -19.35 11.17 23.74
N SER A 651 -19.11 11.15 25.04
CA SER A 651 -18.28 10.16 25.69
C SER A 651 -19.08 9.29 26.67
N PRO A 652 -19.08 7.96 26.47
CA PRO A 652 -19.70 7.05 27.42
C PRO A 652 -19.09 7.19 28.78
N ILE A 653 -19.91 7.33 29.82
CA ILE A 653 -19.44 7.46 31.23
C ILE A 653 -19.19 6.13 31.89
N SER A 654 -18.07 6.04 32.57
CA SER A 654 -17.69 4.83 33.21
C SER A 654 -17.96 5.04 34.69
N HIS A 655 -18.63 4.07 35.31
CA HIS A 655 -18.91 4.10 36.74
C HIS A 655 -17.84 3.21 37.41
N LEU A 656 -16.96 3.84 38.19
CA LEU A 656 -15.82 3.15 38.79
C LEU A 656 -16.29 2.55 40.09
N VAL A 657 -16.71 3.43 41.00
CA VAL A 657 -17.49 3.12 42.23
C VAL A 657 -18.73 4.02 42.27
N ASP A 658 -19.65 3.71 43.16
CA ASP A 658 -20.79 4.56 43.41
C ASP A 658 -20.28 5.97 43.79
N GLY A 659 -20.65 6.98 43.00
CA GLY A 659 -20.27 8.38 43.22
C GLY A 659 -19.09 8.90 42.40
N VAL A 660 -18.30 7.99 41.83
CA VAL A 660 -17.15 8.32 41.03
C VAL A 660 -17.34 7.84 39.61
N SER A 661 -17.66 8.78 38.71
CA SER A 661 -17.90 8.52 37.28
C SER A 661 -17.02 9.45 36.39
N PHE A 662 -16.67 8.96 35.21
CA PHE A 662 -15.69 9.63 34.41
C PHE A 662 -15.89 9.39 32.94
N ALA A 663 -15.59 10.44 32.17
CA ALA A 663 -15.52 10.27 30.73
C ALA A 663 -14.64 11.35 30.13
N PRO A 664 -13.65 10.95 29.37
CA PRO A 664 -12.81 11.95 28.71
C PRO A 664 -13.57 12.68 27.59
N ILE A 665 -13.32 13.97 27.41
CA ILE A 665 -13.83 14.70 26.22
C ILE A 665 -12.77 14.76 25.12
N GLY A 666 -11.55 15.12 25.54
CA GLY A 666 -10.44 15.39 24.65
C GLY A 666 -10.07 16.87 24.63
N LEU A 667 -9.74 17.36 23.45
CA LEU A 667 -9.21 18.71 23.27
C LEU A 667 -10.36 19.62 22.97
N VAL A 668 -10.84 20.28 24.02
CA VAL A 668 -12.06 21.04 24.02
C VAL A 668 -12.12 22.28 23.09
N ASN A 669 -10.98 22.85 22.75
CA ASN A 669 -10.95 23.86 21.72
C ASN A 669 -10.71 23.28 20.30
N MET A 670 -10.98 21.99 20.11
CA MET A 670 -11.02 21.44 18.76
C MET A 670 -12.35 20.81 18.44
N TYR A 671 -12.75 20.95 17.19
CA TYR A 671 -14.03 20.45 16.74
C TYR A 671 -14.23 18.95 17.04
N ASN A 672 -13.27 18.12 16.72
CA ASN A 672 -13.43 16.73 17.06
C ASN A 672 -12.60 16.43 18.28
N SER A 673 -13.08 16.88 19.42
CA SER A 673 -12.28 16.89 20.65
C SER A 673 -11.83 15.48 21.02
N GLY A 674 -12.75 14.54 20.95
CA GLY A 674 -12.48 13.11 21.20
C GLY A 674 -11.48 12.39 20.30
N GLY A 675 -11.14 12.96 19.15
CA GLY A 675 -10.10 12.42 18.30
C GLY A 675 -8.69 12.36 18.87
N ALA A 676 -8.48 13.09 19.95
CA ALA A 676 -7.22 13.13 20.60
C ALA A 676 -6.95 11.94 21.54
N ILE A 677 -7.97 11.21 21.99
CA ILE A 677 -7.75 10.19 22.99
C ILE A 677 -7.38 8.94 22.24
N GLU A 678 -6.13 8.50 22.36
CA GLU A 678 -5.66 7.31 21.67
C GLU A 678 -5.69 6.11 22.57
N GLY A 679 -5.62 6.33 23.88
CA GLY A 679 -5.66 5.26 24.86
C GLY A 679 -6.51 5.66 26.04
N LEU A 680 -7.15 4.67 26.65
CA LEU A 680 -7.99 4.89 27.81
C LEU A 680 -8.09 3.63 28.61
N ARG A 681 -7.86 3.76 29.90
CA ARG A 681 -7.99 2.65 30.80
C ARG A 681 -8.44 3.12 32.17
N TYR A 682 -9.40 2.39 32.70
CA TYR A 682 -9.91 2.57 34.04
C TYR A 682 -9.28 1.56 35.00
N GLU A 683 -8.77 2.07 36.12
CA GLU A 683 -8.37 1.25 37.26
C GLU A 683 -9.23 1.58 38.48
N ALA A 684 -10.38 0.92 38.58
CA ALA A 684 -11.28 1.10 39.71
C ALA A 684 -10.61 0.79 41.07
N GLU A 685 -9.79 -0.27 41.09
CA GLU A 685 -9.16 -0.75 42.33
C GLU A 685 -8.31 0.36 42.96
N LYS A 686 -7.65 1.16 42.14
CA LYS A 686 -6.80 2.29 42.61
C LYS A 686 -7.40 3.73 42.42
N MET A 687 -8.57 3.82 41.76
CA MET A 687 -9.33 5.08 41.59
C MET A 687 -8.67 6.03 40.55
N LYS A 688 -8.12 5.41 39.50
CA LYS A 688 -7.21 6.05 38.57
C LYS A 688 -7.76 5.91 37.13
N VAL A 689 -7.68 7.00 36.35
CA VAL A 689 -7.86 6.91 34.89
C VAL A 689 -6.49 7.13 34.27
N VAL A 690 -6.16 6.31 33.28
CA VAL A 690 -4.90 6.44 32.58
C VAL A 690 -5.26 6.66 31.14
N MET A 691 -4.68 7.69 30.54
CA MET A 691 -4.99 8.11 29.16
C MET A 691 -3.77 8.38 28.30
N GLU A 692 -3.90 8.06 27.03
CA GLU A 692 -2.94 8.41 26.04
C GLU A 692 -3.60 9.45 25.16
N VAL A 693 -3.08 10.68 25.21
CA VAL A 693 -3.65 11.80 24.45
C VAL A 693 -2.65 12.34 23.46
N LYS A 694 -3.06 12.45 22.21
CA LYS A 694 -2.24 13.04 21.17
C LYS A 694 -2.52 14.53 21.07
N GLY A 695 -1.56 15.31 20.62
CA GLY A 695 -1.81 16.74 20.37
C GLY A 695 -1.40 17.65 21.53
N CYS A 696 -2.01 18.83 21.62
CA CYS A 696 -1.68 19.81 22.63
C CYS A 696 -2.79 20.81 22.66
N GLY A 697 -2.84 21.61 23.74
CA GLY A 697 -3.96 22.54 23.98
C GLY A 697 -4.74 22.11 25.22
N LYS A 698 -5.91 22.68 25.40
CA LYS A 698 -6.72 22.44 26.59
C LYS A 698 -7.36 21.08 26.52
N PHE A 699 -7.13 20.30 27.58
CA PHE A 699 -7.72 19.00 27.69
C PHE A 699 -8.85 19.00 28.72
N GLY A 700 -9.98 18.38 28.36
CA GLY A 700 -11.15 18.34 29.20
C GLY A 700 -11.69 16.93 29.41
N SER A 701 -12.25 16.69 30.60
CA SER A 701 -12.88 15.42 30.96
C SER A 701 -14.07 15.74 31.82
N TYR A 702 -15.06 14.84 31.89
CA TYR A 702 -16.08 14.86 32.97
C TYR A 702 -15.65 13.92 34.09
N SER A 703 -15.62 14.45 35.33
CA SER A 703 -15.45 13.70 36.57
C SER A 703 -16.49 14.12 37.55
N SER A 704 -17.08 13.16 38.25
CA SER A 704 -18.21 13.44 39.13
C SER A 704 -17.72 13.98 40.48
N VAL A 705 -16.40 13.88 40.71
CA VAL A 705 -15.73 14.38 41.90
C VAL A 705 -14.49 15.13 41.48
N LYS A 706 -14.03 16.03 42.35
CA LYS A 706 -12.83 16.81 42.07
C LYS A 706 -11.67 15.82 42.10
N PRO A 707 -10.80 15.86 41.11
CA PRO A 707 -9.61 15.03 41.22
C PRO A 707 -8.68 15.39 42.37
N LYS A 708 -7.89 14.41 42.79
CA LYS A 708 -6.90 14.61 43.82
C LYS A 708 -5.69 15.15 43.09
N ARG A 709 -5.37 14.51 41.96
CA ARG A 709 -4.22 14.83 41.15
C ARG A 709 -4.52 14.60 39.65
N CYS A 710 -3.91 15.44 38.83
CA CYS A 710 -3.71 15.14 37.42
C CYS A 710 -2.21 15.09 37.14
N VAL A 711 -1.79 14.10 36.36
CA VAL A 711 -0.39 13.86 36.09
C VAL A 711 -0.23 13.68 34.60
N VAL A 712 0.79 14.34 34.07
CA VAL A 712 1.13 14.30 32.66
C VAL A 712 2.61 13.98 32.62
N GLU A 713 2.96 12.86 31.99
CA GLU A 713 4.31 12.28 32.07
C GLU A 713 4.89 12.37 33.47
N SER A 714 4.36 11.58 34.40
CA SER A 714 4.92 11.51 35.75
C SER A 714 5.06 12.84 36.54
N ASN A 715 4.45 13.95 36.07
CA ASN A 715 4.52 15.23 36.78
C ASN A 715 3.18 15.81 37.08
N GLU A 716 2.95 16.11 38.34
CA GLU A 716 1.70 16.67 38.80
C GLU A 716 1.51 18.01 38.11
N ILE A 717 0.31 18.29 37.63
CA ILE A 717 0.05 19.55 36.92
C ILE A 717 -1.20 20.31 37.45
N ALA A 718 -1.23 21.59 37.14
CA ALA A 718 -2.33 22.44 37.56
C ALA A 718 -3.56 22.12 36.74
N PHE A 719 -4.71 22.03 37.39
CA PHE A 719 -5.98 21.82 36.70
C PHE A 719 -7.08 22.57 37.37
N GLU A 720 -8.10 22.90 36.57
CA GLU A 720 -9.36 23.50 37.03
C GLU A 720 -10.48 22.45 37.08
N TYR A 721 -11.44 22.64 37.98
CA TYR A 721 -12.59 21.77 38.10
C TYR A 721 -13.81 22.60 38.30
N ASP A 722 -14.87 22.30 37.58
CA ASP A 722 -16.15 22.94 37.85
C ASP A 722 -17.08 21.90 38.50
N SER A 723 -17.24 21.99 39.81
CA SER A 723 -18.00 21.00 40.59
C SER A 723 -19.47 20.94 40.18
N SER A 724 -19.93 21.96 39.48
CA SER A 724 -21.31 22.02 39.08
C SER A 724 -21.60 21.20 37.83
N SER A 725 -20.62 21.13 36.94
CA SER A 725 -20.78 20.42 35.66
C SER A 725 -19.95 19.14 35.61
N GLY A 726 -18.79 19.13 36.26
CA GLY A 726 -17.90 17.99 36.26
C GLY A 726 -16.62 18.23 35.50
N LEU A 727 -16.54 19.39 34.86
CA LEU A 727 -15.53 19.60 33.86
C LEU A 727 -14.21 19.80 34.49
N VAL A 728 -13.29 18.88 34.16
CA VAL A 728 -11.91 18.94 34.56
C VAL A 728 -11.14 19.46 33.36
N THR A 729 -10.12 20.25 33.62
CA THR A 729 -9.46 21.02 32.59
C THR A 729 -8.02 21.20 32.94
N PHE A 730 -7.12 20.91 32.03
CA PHE A 730 -5.74 21.39 32.17
C PHE A 730 -5.12 21.58 30.82
N GLU A 731 -3.93 22.15 30.82
CA GLU A 731 -3.23 22.49 29.59
C GLU A 731 -2.09 21.54 29.33
N LEU A 732 -2.18 20.86 28.18
CA LEU A 732 -1.04 20.26 27.49
C LEU A 732 -0.32 21.39 26.68
N ASP A 733 0.84 21.81 27.17
CA ASP A 733 1.48 23.07 26.76
C ASP A 733 2.13 22.96 25.39
N LYS A 734 2.66 21.76 25.08
CA LYS A 734 3.49 21.47 23.88
C LYS A 734 3.09 20.16 23.19
N MET A 735 3.48 19.97 21.93
CA MET A 735 3.14 18.70 21.26
C MET A 735 3.85 17.57 21.99
N PRO A 736 3.33 16.33 21.89
CA PRO A 736 4.05 15.30 22.65
C PRO A 736 5.50 15.25 22.15
N ILE A 737 6.42 15.27 23.10
CA ILE A 737 7.87 15.38 22.84
C ILE A 737 8.36 14.02 22.29
N GLU A 738 9.35 14.01 21.40
CA GLU A 738 9.69 12.83 20.55
C GLU A 738 8.60 12.69 19.42
N ASN A 739 8.57 11.70 18.49
CA ASN A 739 9.23 10.38 18.43
C ASN A 739 8.72 9.35 19.47
N LYS A 740 7.58 9.68 20.10
CA LYS A 740 7.05 8.97 21.30
C LYS A 740 5.65 9.55 21.51
N ARG A 741 4.71 8.99 20.76
CA ARG A 741 3.68 9.81 20.08
C ARG A 741 2.62 10.47 20.94
N PHE A 742 2.45 10.05 22.19
CA PHE A 742 1.28 10.46 22.95
C PHE A 742 1.66 10.96 24.33
N HIS A 743 0.92 11.94 24.84
CA HIS A 743 1.02 12.27 26.26
C HIS A 743 0.39 11.11 27.03
N LEU A 744 0.99 10.76 28.17
CA LEU A 744 0.47 9.75 29.05
C LEU A 744 -0.03 10.55 30.26
N ILE A 745 -1.32 10.40 30.54
CA ILE A 745 -1.99 11.23 31.48
C ILE A 745 -2.63 10.29 32.45
N GLN A 746 -2.35 10.49 33.73
CA GLN A 746 -3.09 9.80 34.75
C GLN A 746 -3.93 10.85 35.46
N VAL A 747 -5.16 10.46 35.77
CA VAL A 747 -6.05 11.26 36.58
C VAL A 747 -6.46 10.42 37.79
N GLU A 748 -6.26 10.96 38.99
CA GLU A 748 -6.49 10.24 40.26
C GLU A 748 -7.63 10.89 41.04
N LEU A 749 -8.59 10.06 41.46
CA LEU A 749 -9.86 10.53 41.97
C LEU A 749 -10.10 10.05 43.40
N PRO B 5 33.14 11.15 -23.72
CA PRO B 5 32.04 11.16 -22.76
C PRO B 5 32.36 10.54 -21.39
N ALA B 6 32.59 9.22 -21.36
CA ALA B 6 32.66 8.42 -20.12
C ALA B 6 32.78 6.95 -20.50
N VAL B 7 31.84 6.50 -21.34
CA VAL B 7 31.78 5.15 -21.88
C VAL B 7 31.42 5.25 -23.37
N ARG B 8 32.42 5.14 -24.25
CA ARG B 8 32.21 5.19 -25.70
C ARG B 8 32.82 3.98 -26.40
N ILE B 9 32.24 3.64 -27.55
CA ILE B 9 32.74 2.58 -28.45
C ILE B 9 33.37 3.22 -29.70
N SER B 10 34.70 3.06 -29.82
CA SER B 10 35.57 3.72 -30.83
C SER B 10 36.47 2.65 -31.47
N ASP B 11 36.81 2.82 -32.75
CA ASP B 11 37.67 1.88 -33.53
C ASP B 11 36.85 0.60 -33.88
N GLY B 12 37.16 -0.52 -33.22
CA GLY B 12 36.16 -1.46 -32.75
C GLY B 12 36.41 -1.82 -31.29
N ASN B 13 36.82 -0.85 -30.46
CA ASN B 13 37.04 -1.05 -29.01
C ASN B 13 35.89 -0.50 -28.17
N LEU B 14 35.80 -0.95 -26.91
CA LEU B 14 34.91 -0.35 -25.91
C LEU B 14 35.76 0.27 -24.80
N ILE B 15 35.68 1.59 -24.68
CA ILE B 15 36.59 2.38 -23.89
C ILE B 15 35.89 2.95 -22.65
N ILE B 16 36.42 2.61 -21.47
CA ILE B 16 35.86 2.98 -20.15
C ILE B 16 36.91 3.78 -19.39
N LYS B 17 36.64 5.05 -19.14
CA LYS B 17 37.62 5.97 -18.52
C LYS B 17 39.03 5.82 -19.10
N ASN B 18 39.09 5.75 -20.43
CA ASN B 18 40.33 5.67 -21.22
C ASN B 18 41.24 4.44 -20.99
N ARG B 19 40.65 3.34 -20.55
CA ARG B 19 41.27 2.02 -20.63
C ARG B 19 40.33 1.22 -21.55
N THR B 20 40.81 0.11 -22.10
CA THR B 20 40.00 -0.69 -23.04
C THR B 20 39.50 -1.93 -22.32
N ILE B 21 38.21 -2.20 -22.42
CA ILE B 21 37.58 -3.35 -21.77
C ILE B 21 37.23 -4.45 -22.77
N LEU B 22 36.56 -4.08 -23.85
CA LEU B 22 36.37 -5.01 -24.96
C LEU B 22 37.15 -4.53 -26.18
N THR B 23 37.85 -5.47 -26.80
CA THR B 23 38.46 -5.32 -28.13
C THR B 23 37.58 -6.03 -29.21
N GLY B 24 37.73 -5.63 -30.46
CA GLY B 24 37.02 -6.31 -31.56
C GLY B 24 35.51 -6.27 -31.53
N VAL B 25 34.93 -5.10 -31.22
CA VAL B 25 33.48 -4.88 -31.26
C VAL B 25 33.04 -4.78 -32.73
N PRO B 26 32.07 -5.61 -33.17
CA PRO B 26 31.67 -5.61 -34.58
C PRO B 26 31.12 -4.31 -35.17
N ASP B 27 30.95 -4.32 -36.50
CA ASP B 27 30.31 -3.22 -37.21
C ASP B 27 28.81 -3.25 -36.93
N ASN B 28 28.21 -4.45 -36.93
CA ASN B 28 26.76 -4.57 -36.71
C ASN B 28 26.26 -4.18 -35.30
N VAL B 29 27.18 -3.91 -34.37
CA VAL B 29 26.84 -3.47 -33.01
C VAL B 29 26.78 -1.95 -32.97
N ILE B 30 25.56 -1.42 -32.98
CA ILE B 30 25.30 0.02 -32.79
C ILE B 30 25.01 0.45 -31.35
N THR B 31 25.27 1.72 -31.12
CA THR B 31 25.22 2.31 -29.82
C THR B 31 24.50 3.66 -29.85
N THR B 32 23.87 3.98 -28.73
CA THR B 32 23.17 5.24 -28.58
C THR B 32 23.27 5.65 -27.13
N SER B 33 23.35 6.94 -26.90
CA SER B 33 23.15 7.52 -25.58
C SER B 33 21.78 8.25 -25.51
N ALA B 34 20.88 7.93 -26.44
CA ALA B 34 19.51 8.43 -26.44
C ALA B 34 18.66 7.77 -25.37
N SER B 35 18.28 8.57 -24.37
CA SER B 35 17.14 8.26 -23.53
C SER B 35 16.50 9.55 -22.93
N GLU B 36 15.39 9.95 -23.54
CA GLU B 36 14.28 10.70 -22.91
C GLU B 36 14.47 12.21 -22.70
N ALA B 37 15.22 12.62 -21.69
CA ALA B 37 15.44 14.06 -21.40
C ALA B 37 16.77 14.28 -20.61
N GLY B 38 17.93 14.06 -21.26
CA GLY B 38 18.08 13.79 -22.70
C GLY B 38 19.16 12.76 -23.02
N PRO B 39 20.45 13.12 -22.85
CA PRO B 39 21.49 12.10 -23.02
C PRO B 39 21.44 11.11 -21.85
N VAL B 40 22.44 10.23 -21.75
CA VAL B 40 22.64 9.48 -20.51
C VAL B 40 24.15 9.21 -20.28
N GLU B 41 24.56 9.04 -19.00
CA GLU B 41 26.01 8.90 -18.63
C GLU B 41 26.76 7.69 -19.26
N GLY B 42 26.01 6.63 -19.56
CA GLY B 42 26.52 5.40 -20.14
C GLY B 42 26.03 5.26 -21.55
N VAL B 43 25.87 4.03 -22.03
CA VAL B 43 25.50 3.79 -23.41
C VAL B 43 24.63 2.53 -23.56
N PHE B 44 23.42 2.73 -24.07
CA PHE B 44 22.56 1.64 -24.55
C PHE B 44 23.12 1.04 -25.84
N VAL B 45 22.97 -0.27 -26.00
CA VAL B 45 23.66 -1.02 -27.04
C VAL B 45 22.70 -1.96 -27.75
N GLY B 46 22.85 -2.02 -29.07
CA GLY B 46 21.98 -2.82 -29.91
C GLY B 46 22.75 -3.41 -31.08
N ALA B 47 22.01 -3.87 -32.08
CA ALA B 47 22.59 -4.55 -33.22
C ALA B 47 21.61 -4.67 -34.37
N VAL B 48 22.16 -4.60 -35.60
CA VAL B 48 21.40 -4.79 -36.85
C VAL B 48 21.87 -6.04 -37.61
N PHE B 49 20.95 -6.96 -37.88
CA PHE B 49 21.25 -8.19 -38.61
C PHE B 49 20.57 -8.16 -39.96
N ASN B 50 20.90 -9.14 -40.80
CA ASN B 50 20.36 -9.22 -42.17
C ASN B 50 18.99 -9.89 -42.17
N LYS B 51 18.94 -11.07 -41.58
CA LYS B 51 17.73 -11.88 -41.51
C LYS B 51 16.94 -11.54 -40.25
N GLU B 52 15.62 -11.44 -40.39
CA GLU B 52 14.71 -11.16 -39.28
C GLU B 52 14.45 -12.50 -38.61
N GLU B 53 15.26 -12.83 -37.61
CA GLU B 53 15.14 -14.08 -36.83
C GLU B 53 14.55 -13.84 -35.43
N SER B 54 14.08 -14.92 -34.80
CA SER B 54 13.52 -14.93 -33.42
C SER B 54 14.51 -15.28 -32.30
N LYS B 55 15.72 -15.67 -32.65
CA LYS B 55 16.85 -15.73 -31.73
C LYS B 55 18.02 -15.16 -32.48
N HIS B 56 18.98 -14.61 -31.75
CA HIS B 56 20.14 -13.93 -32.32
C HIS B 56 21.28 -13.94 -31.32
N ILE B 57 22.47 -14.26 -31.81
CA ILE B 57 23.70 -14.06 -31.06
C ILE B 57 24.47 -12.98 -31.82
N VAL B 58 25.15 -12.11 -31.08
CA VAL B 58 26.13 -11.24 -31.68
C VAL B 58 27.16 -11.01 -30.60
N PRO B 59 28.44 -11.20 -30.93
CA PRO B 59 29.49 -10.77 -30.01
C PRO B 59 29.41 -9.27 -29.77
N ILE B 60 29.56 -8.86 -28.51
CA ILE B 60 29.73 -7.45 -28.15
C ILE B 60 31.22 -7.06 -28.19
N GLY B 61 32.12 -8.04 -28.04
CA GLY B 61 33.57 -7.78 -28.03
C GLY B 61 34.30 -8.75 -27.12
N THR B 62 35.62 -8.55 -26.98
CA THR B 62 36.53 -9.52 -26.36
C THR B 62 37.00 -9.00 -24.99
N LEU B 63 36.55 -9.65 -23.93
CA LEU B 63 37.04 -9.34 -22.58
C LEU B 63 38.24 -10.25 -22.28
N ARG B 64 39.40 -9.63 -22.08
CA ARG B 64 40.59 -10.35 -21.58
C ARG B 64 41.27 -9.54 -20.50
N ASN B 65 41.70 -10.26 -19.45
CA ASN B 65 42.50 -9.75 -18.32
C ASN B 65 41.86 -8.59 -17.57
N SER B 66 40.54 -8.65 -17.42
CA SER B 66 39.73 -7.72 -16.62
C SER B 66 38.89 -8.56 -15.66
N ARG B 67 38.92 -8.28 -14.36
CA ARG B 67 38.10 -9.08 -13.42
C ARG B 67 36.63 -8.78 -13.56
N PHE B 68 35.80 -9.80 -13.34
CA PHE B 68 34.35 -9.67 -13.41
C PHE B 68 33.66 -10.50 -12.35
N MET B 69 32.40 -10.16 -12.06
CA MET B 69 31.51 -11.04 -11.29
C MET B 69 30.24 -11.09 -12.07
N SER B 70 29.65 -12.28 -12.10
CA SER B 70 28.53 -12.56 -12.95
C SER B 70 27.48 -13.30 -12.15
N CYS B 71 26.25 -12.79 -12.16
CA CYS B 71 25.10 -13.59 -11.75
C CYS B 71 24.50 -14.27 -13.00
N PHE B 72 24.52 -15.62 -13.01
CA PHE B 72 24.01 -16.46 -14.14
C PHE B 72 22.97 -17.44 -13.68
N ARG B 73 22.09 -17.85 -14.57
CA ARG B 73 21.08 -18.82 -14.20
C ARG B 73 21.52 -20.30 -14.27
N PHE B 74 21.83 -20.86 -13.10
CA PHE B 74 22.21 -22.26 -13.01
C PHE B 74 21.06 -23.22 -13.17
N LYS B 75 19.87 -22.83 -12.72
CA LYS B 75 18.62 -23.52 -13.09
C LYS B 75 17.73 -22.47 -13.71
N LEU B 76 16.57 -22.86 -14.20
CA LEU B 76 15.60 -21.88 -14.74
C LEU B 76 15.19 -20.81 -13.70
N TRP B 77 15.05 -21.24 -12.45
CA TRP B 77 14.46 -20.42 -11.36
C TRP B 77 15.43 -19.49 -10.68
N TRP B 78 16.71 -19.87 -10.62
CA TRP B 78 17.66 -19.27 -9.69
C TRP B 78 19.00 -18.95 -10.31
N MET B 79 19.72 -18.07 -9.64
CA MET B 79 20.97 -17.54 -10.11
C MET B 79 22.01 -17.89 -9.08
N ALA B 80 23.27 -17.81 -9.47
CA ALA B 80 24.37 -17.75 -8.51
C ALA B 80 25.56 -17.06 -9.15
N GLN B 81 26.60 -16.88 -8.38
CA GLN B 81 27.76 -16.15 -8.81
C GLN B 81 28.73 -17.05 -9.59
N ARG B 82 29.51 -16.39 -10.45
CA ARG B 82 30.70 -16.93 -11.07
C ARG B 82 31.66 -15.78 -11.30
N MET B 83 32.91 -15.93 -10.89
CA MET B 83 33.94 -14.92 -11.14
C MET B 83 34.86 -15.39 -12.27
N GLY B 84 35.71 -14.46 -12.75
CA GLY B 84 36.65 -14.75 -13.82
C GLY B 84 37.41 -13.53 -14.25
N GLU B 85 38.39 -13.73 -15.13
CA GLU B 85 39.13 -12.64 -15.78
C GLU B 85 39.00 -12.63 -17.30
N MET B 86 38.44 -13.68 -17.91
CA MET B 86 38.47 -13.85 -19.35
C MET B 86 37.09 -14.15 -19.84
N GLY B 87 36.76 -13.67 -21.02
CA GLY B 87 35.45 -13.91 -21.60
C GLY B 87 34.94 -15.34 -21.67
N ARG B 88 35.81 -16.34 -21.76
CA ARG B 88 35.36 -17.75 -21.77
C ARG B 88 34.70 -18.16 -20.45
N ASP B 89 35.14 -17.52 -19.36
CA ASP B 89 34.62 -17.76 -17.99
C ASP B 89 33.18 -17.23 -17.67
N ILE B 90 32.63 -16.37 -18.54
CA ILE B 90 31.26 -15.87 -18.42
C ILE B 90 30.28 -16.98 -18.73
N PRO B 91 29.48 -17.42 -17.74
CA PRO B 91 28.62 -18.59 -17.99
C PRO B 91 27.50 -18.28 -18.96
N TYR B 92 26.84 -19.30 -19.47
CA TYR B 92 25.59 -19.07 -20.19
C TYR B 92 24.55 -18.48 -19.22
N GLU B 93 23.72 -17.58 -19.74
CA GLU B 93 22.57 -17.00 -19.02
C GLU B 93 22.99 -16.04 -17.90
N THR B 94 24.02 -15.25 -18.18
CA THR B 94 24.42 -14.17 -17.30
C THR B 94 23.48 -12.98 -17.54
N GLN B 95 22.84 -12.53 -16.48
CA GLN B 95 21.90 -11.43 -16.56
C GLN B 95 22.41 -10.17 -15.89
N PHE B 96 23.40 -10.31 -15.02
CA PHE B 96 24.13 -9.17 -14.52
C PHE B 96 25.61 -9.48 -14.60
N LEU B 97 26.37 -8.51 -15.09
CA LEU B 97 27.79 -8.67 -15.24
C LEU B 97 28.42 -7.40 -14.81
N LEU B 98 29.42 -7.50 -13.95
CA LEU B 98 30.07 -6.33 -13.39
C LEU B 98 31.54 -6.54 -13.70
N VAL B 99 32.24 -5.48 -14.13
CA VAL B 99 33.63 -5.58 -14.57
C VAL B 99 34.51 -4.58 -13.83
N GLU B 100 35.71 -5.01 -13.47
CA GLU B 100 36.74 -4.14 -12.87
C GLU B 100 37.85 -3.70 -13.87
N SER B 101 38.34 -2.47 -13.72
CA SER B 101 39.39 -1.86 -14.58
C SER B 101 40.33 -0.98 -13.73
N ASN B 102 41.56 -0.77 -14.20
CA ASN B 102 42.64 -0.02 -13.49
C ASN B 102 43.25 1.08 -14.37
N LYS B 120 39.76 0.04 -9.70
CA LYS B 120 39.46 1.45 -9.46
C LYS B 120 38.19 1.95 -10.22
N VAL B 121 37.77 1.24 -11.28
CA VAL B 121 36.59 1.63 -12.09
C VAL B 121 35.70 0.46 -12.48
N TYR B 122 34.40 0.59 -12.24
CA TYR B 122 33.47 -0.54 -12.36
C TYR B 122 32.44 -0.29 -13.42
N THR B 123 32.14 -1.35 -14.18
CA THR B 123 31.32 -1.26 -15.37
C THR B 123 30.28 -2.36 -15.27
N VAL B 124 29.01 -2.00 -15.11
CA VAL B 124 27.88 -2.97 -15.15
C VAL B 124 27.44 -3.14 -16.59
N PHE B 125 27.00 -4.35 -16.91
CA PHE B 125 26.39 -4.64 -18.21
C PHE B 125 25.02 -5.22 -17.86
N LEU B 126 23.96 -4.47 -18.16
CA LEU B 126 22.59 -4.87 -17.86
C LEU B 126 21.87 -5.25 -19.14
N PRO B 127 21.81 -6.56 -19.47
CA PRO B 127 21.06 -7.02 -20.63
C PRO B 127 19.58 -6.99 -20.40
N LEU B 128 18.89 -6.34 -21.31
CA LEU B 128 17.55 -5.86 -21.09
C LEU B 128 16.50 -6.61 -21.83
N ILE B 129 15.24 -6.30 -21.51
CA ILE B 129 14.13 -6.60 -22.39
C ILE B 129 13.91 -5.38 -23.33
N GLU B 130 13.40 -5.66 -24.52
CA GLU B 130 13.08 -4.65 -25.52
C GLU B 130 12.02 -5.30 -26.45
N GLY B 131 10.82 -4.71 -26.48
CA GLY B 131 9.73 -5.28 -27.28
C GLY B 131 9.43 -6.67 -26.79
N SER B 132 9.40 -7.63 -27.71
CA SER B 132 9.09 -9.02 -27.36
C SER B 132 10.34 -9.84 -27.01
N PHE B 133 11.51 -9.17 -26.92
CA PHE B 133 12.82 -9.83 -26.81
C PHE B 133 13.52 -9.62 -25.46
N ARG B 134 14.15 -10.68 -24.98
CA ARG B 134 14.86 -10.68 -23.74
C ARG B 134 16.30 -11.01 -24.05
N SER B 135 17.21 -10.24 -23.50
CA SER B 135 18.63 -10.44 -23.72
C SER B 135 19.29 -11.04 -22.48
N CYS B 136 20.41 -11.71 -22.73
CA CYS B 136 21.40 -11.97 -21.70
C CYS B 136 22.79 -12.08 -22.32
N LEU B 137 23.77 -12.31 -21.46
CA LEU B 137 25.13 -12.47 -21.89
C LEU B 137 25.54 -13.98 -21.82
N GLN B 138 26.52 -14.34 -22.65
CA GLN B 138 27.18 -15.64 -22.58
C GLN B 138 28.63 -15.45 -23.02
N GLY B 139 29.53 -16.20 -22.40
CA GLY B 139 30.91 -16.31 -22.88
C GLY B 139 31.03 -17.25 -24.07
N ASN B 140 32.22 -17.32 -24.66
CA ASN B 140 32.60 -18.48 -25.49
C ASN B 140 34.10 -18.65 -25.52
N VAL B 141 34.55 -19.71 -26.19
CA VAL B 141 35.98 -20.04 -26.30
C VAL B 141 36.85 -18.88 -26.82
N ASN B 142 36.32 -18.07 -27.75
CA ASN B 142 37.02 -16.85 -28.25
C ASN B 142 37.28 -15.71 -27.24
N ASP B 143 36.87 -15.86 -25.97
CA ASP B 143 36.91 -14.81 -24.94
C ASP B 143 36.01 -13.62 -25.30
N GLU B 144 34.95 -13.91 -26.05
CA GLU B 144 34.01 -12.90 -26.53
C GLU B 144 32.77 -12.90 -25.61
N VAL B 145 32.34 -11.70 -25.23
CA VAL B 145 31.12 -11.52 -24.46
C VAL B 145 29.99 -11.37 -25.48
N GLU B 146 29.21 -12.43 -25.68
CA GLU B 146 28.11 -12.46 -26.65
C GLU B 146 26.79 -12.00 -26.00
N LEU B 147 25.83 -11.60 -26.85
CA LEU B 147 24.52 -11.11 -26.44
C LEU B 147 23.46 -11.91 -27.17
N CYS B 148 22.66 -12.67 -26.41
CA CYS B 148 21.73 -13.61 -26.95
C CYS B 148 20.35 -12.98 -26.84
N LEU B 149 19.83 -12.43 -27.93
CA LEU B 149 18.45 -11.94 -27.98
C LEU B 149 17.47 -13.09 -28.25
N GLU B 150 16.42 -13.26 -27.44
CA GLU B 150 15.37 -14.22 -27.78
C GLU B 150 13.99 -13.67 -27.47
N SER B 151 13.05 -13.93 -28.37
CA SER B 151 11.62 -13.72 -28.10
C SER B 151 10.93 -14.95 -27.47
N GLY B 152 11.58 -16.11 -27.49
CA GLY B 152 10.99 -17.34 -26.93
C GLY B 152 9.68 -17.68 -27.61
N ASP B 153 9.67 -17.51 -28.93
CA ASP B 153 8.52 -17.74 -29.79
C ASP B 153 9.01 -17.62 -31.22
N VAL B 154 9.11 -18.77 -31.89
CA VAL B 154 9.38 -18.87 -33.33
C VAL B 154 8.71 -17.80 -34.22
N ASP B 155 7.49 -17.40 -33.86
CA ASP B 155 6.69 -16.43 -34.65
C ASP B 155 7.04 -14.94 -34.46
N THR B 156 7.61 -14.54 -33.32
CA THR B 156 7.92 -13.11 -33.09
C THR B 156 9.39 -12.87 -33.44
N LYS B 157 9.62 -12.53 -34.70
CA LYS B 157 10.94 -12.34 -35.28
C LYS B 157 11.27 -10.85 -35.28
N ARG B 158 12.56 -10.50 -35.17
CA ARG B 158 13.01 -9.10 -35.28
C ARG B 158 14.48 -8.98 -35.70
N SER B 159 14.81 -7.96 -36.49
CA SER B 159 16.15 -7.80 -37.11
C SER B 159 16.99 -6.63 -36.61
N SER B 160 16.37 -5.71 -35.86
CA SER B 160 17.04 -4.47 -35.39
C SER B 160 16.78 -4.23 -33.91
N PHE B 161 17.82 -3.82 -33.19
CA PHE B 161 17.71 -3.54 -31.76
C PHE B 161 18.57 -2.35 -31.43
N THR B 162 18.08 -1.48 -30.55
CA THR B 162 18.85 -0.30 -30.13
C THR B 162 19.12 -0.23 -28.61
N HIS B 163 18.45 -1.05 -27.84
CA HIS B 163 18.33 -0.90 -26.41
C HIS B 163 18.28 -2.29 -25.74
N SER B 164 19.17 -3.19 -26.14
CA SER B 164 19.15 -4.56 -25.63
C SER B 164 20.15 -4.77 -24.51
N LEU B 165 21.02 -3.82 -24.30
CA LEU B 165 22.05 -3.96 -23.31
C LEU B 165 22.41 -2.56 -22.87
N TYR B 166 22.54 -2.33 -21.57
CA TYR B 166 23.00 -1.04 -21.06
C TYR B 166 24.29 -1.22 -20.26
N ILE B 167 25.22 -0.30 -20.45
CA ILE B 167 26.54 -0.41 -19.91
C ILE B 167 26.82 0.93 -19.30
N HIS B 168 27.26 0.97 -18.04
CA HIS B 168 27.51 2.23 -17.34
C HIS B 168 28.70 2.06 -16.41
N ALA B 169 29.39 3.14 -16.11
CA ALA B 169 30.61 3.06 -15.34
C ALA B 169 30.73 4.15 -14.29
N GLY B 170 31.40 3.81 -13.19
CA GLY B 170 31.73 4.78 -12.16
C GLY B 170 32.72 4.22 -11.18
N THR B 171 33.06 5.03 -10.18
CA THR B 171 34.10 4.71 -9.20
C THR B 171 33.57 4.01 -7.90
N ASP B 172 32.25 3.86 -7.79
CA ASP B 172 31.60 3.21 -6.64
C ASP B 172 30.77 2.10 -7.30
N PRO B 173 31.04 0.81 -6.95
CA PRO B 173 30.33 -0.27 -7.62
C PRO B 173 28.81 -0.27 -7.38
N PHE B 174 28.37 0.01 -6.17
CA PHE B 174 26.93 -0.11 -5.82
C PHE B 174 26.13 1.05 -6.42
N GLN B 175 26.59 2.27 -6.11
CA GLN B 175 26.12 3.49 -6.80
C GLN B 175 26.09 3.32 -8.33
N THR B 176 27.08 2.65 -8.90
CA THR B 176 27.11 2.47 -10.35
C THR B 176 25.98 1.60 -10.82
N ILE B 177 25.76 0.50 -10.11
CA ILE B 177 24.66 -0.45 -10.39
C ILE B 177 23.29 0.23 -10.21
N THR B 178 23.12 0.97 -9.11
CA THR B 178 21.91 1.74 -8.80
C THR B 178 21.63 2.78 -9.87
N ASP B 179 22.65 3.51 -10.35
CA ASP B 179 22.44 4.55 -11.40
C ASP B 179 22.15 3.92 -12.78
N ALA B 180 22.69 2.74 -13.01
CA ALA B 180 22.41 1.97 -14.21
C ALA B 180 20.95 1.50 -14.19
N ILE B 181 20.49 1.04 -13.02
CA ILE B 181 19.17 0.50 -12.90
C ILE B 181 18.21 1.63 -13.15
N ARG B 182 18.44 2.73 -12.44
CA ARG B 182 17.65 3.94 -12.52
C ARG B 182 17.52 4.43 -13.94
N THR B 183 18.63 4.43 -14.66
CA THR B 183 18.64 4.85 -16.07
C THR B 183 17.76 3.94 -16.91
N VAL B 184 17.93 2.64 -16.72
CA VAL B 184 17.14 1.61 -17.42
C VAL B 184 15.64 1.84 -17.10
N LYS B 185 15.36 2.20 -15.84
CA LYS B 185 14.02 2.48 -15.38
C LYS B 185 13.41 3.69 -16.08
N LEU B 186 14.20 4.72 -16.28
CA LEU B 186 13.72 5.89 -16.97
C LEU B 186 13.40 5.57 -18.44
N HIS B 187 14.10 4.62 -19.05
CA HIS B 187 13.86 4.25 -20.44
C HIS B 187 12.64 3.34 -20.55
N LEU B 188 12.60 2.31 -19.72
CA LEU B 188 11.59 1.26 -19.85
C LEU B 188 10.27 1.62 -19.21
N ASN B 189 10.35 2.30 -18.07
CA ASN B 189 9.22 2.66 -17.21
C ASN B 189 8.27 1.52 -16.89
N SER B 190 8.80 0.29 -16.78
CA SER B 190 8.02 -0.92 -16.55
C SER B 190 8.29 -1.62 -15.23
N PHE B 191 9.17 -1.08 -14.41
CA PHE B 191 9.44 -1.59 -13.07
C PHE B 191 9.80 -0.41 -12.18
N ARG B 192 10.01 -0.68 -10.90
CA ARG B 192 10.38 0.37 -9.89
C ARG B 192 11.52 -0.15 -9.06
N GLN B 193 12.36 0.75 -8.59
CA GLN B 193 13.46 0.33 -7.74
C GLN B 193 12.96 -0.05 -6.35
N ARG B 194 13.73 -0.85 -5.63
CA ARG B 194 13.41 -1.32 -4.26
C ARG B 194 13.05 -0.18 -3.35
N HIS B 195 13.87 0.86 -3.32
CA HIS B 195 13.61 1.98 -2.40
C HIS B 195 12.23 2.65 -2.65
N GLU B 196 11.64 2.43 -3.84
CA GLU B 196 10.40 3.07 -4.24
C GLU B 196 9.17 2.24 -3.98
N LYS B 197 9.35 1.06 -3.40
CA LYS B 197 8.22 0.15 -3.13
C LYS B 197 7.87 0.04 -1.66
N LYS B 198 6.62 -0.34 -1.41
CA LYS B 198 6.13 -0.51 -0.07
C LYS B 198 6.50 -1.93 0.32
N LEU B 199 7.24 -2.10 1.39
CA LEU B 199 7.46 -3.45 1.91
C LEU B 199 6.19 -3.93 2.61
N PRO B 200 5.86 -5.23 2.49
CA PRO B 200 4.82 -5.70 3.38
C PRO B 200 5.30 -5.71 4.85
N GLY B 201 4.33 -5.74 5.74
CA GLY B 201 4.62 -5.65 7.17
C GLY B 201 5.31 -6.87 7.75
N ILE B 202 5.22 -8.01 7.05
CA ILE B 202 5.86 -9.26 7.51
C ILE B 202 7.34 -9.08 7.80
N VAL B 203 8.01 -8.23 7.02
CA VAL B 203 9.46 -8.05 7.13
C VAL B 203 9.94 -7.47 8.47
N ASP B 204 9.07 -6.88 9.28
CA ASP B 204 9.49 -6.43 10.61
C ASP B 204 9.24 -7.42 11.75
N TYR B 205 8.72 -8.61 11.44
CA TYR B 205 8.40 -9.62 12.48
C TYR B 205 8.90 -11.02 12.13
N PHE B 206 9.25 -11.76 13.18
CA PHE B 206 9.54 -13.19 13.08
C PHE B 206 8.40 -13.99 12.43
N GLY B 207 8.72 -14.86 11.45
CA GLY B 207 7.72 -15.79 10.87
C GLY B 207 8.11 -17.25 10.97
N TRP B 208 7.14 -18.11 10.71
CA TRP B 208 7.36 -19.55 10.51
C TRP B 208 6.79 -19.98 9.13
N CYS B 209 7.43 -20.92 8.44
CA CYS B 209 6.94 -21.45 7.13
C CYS B 209 6.77 -22.94 7.24
N THR B 210 5.66 -23.49 6.75
CA THR B 210 5.36 -24.93 6.93
C THR B 210 6.26 -25.86 6.11
N TRP B 211 6.81 -25.38 4.99
CA TRP B 211 7.51 -26.25 4.04
C TRP B 211 8.45 -27.32 4.63
N ASP B 212 9.51 -26.93 5.34
CA ASP B 212 10.47 -27.94 5.87
C ASP B 212 10.03 -28.63 7.19
N ALA B 213 8.81 -28.36 7.65
CA ALA B 213 8.22 -29.04 8.80
C ALA B 213 7.36 -30.22 8.41
N PHE B 214 6.57 -30.03 7.35
CA PHE B 214 5.65 -31.04 6.85
C PHE B 214 5.68 -31.32 5.35
N TYR B 215 6.42 -30.53 4.57
CA TYR B 215 6.38 -30.57 3.09
C TYR B 215 4.94 -30.56 2.58
N GLN B 216 4.62 -31.26 1.49
CA GLN B 216 3.26 -31.23 0.97
C GLN B 216 2.22 -31.89 1.88
N GLU B 217 2.62 -32.69 2.88
CA GLU B 217 1.64 -33.33 3.82
C GLU B 217 1.15 -32.40 4.95
N VAL B 218 1.41 -31.09 4.84
CA VAL B 218 0.95 -30.09 5.83
C VAL B 218 -0.56 -30.15 6.07
N THR B 219 -0.93 -29.99 7.35
CA THR B 219 -2.32 -29.87 7.78
C THR B 219 -2.48 -28.68 8.64
N GLN B 220 -3.73 -28.31 8.92
CA GLN B 220 -4.04 -27.16 9.76
C GLN B 220 -3.69 -27.34 11.26
N GLU B 221 -3.56 -28.59 11.72
CA GLU B 221 -3.16 -28.90 13.10
C GLU B 221 -1.66 -28.77 13.16
N GLY B 222 -1.00 -29.24 12.10
CA GLY B 222 0.39 -28.93 11.80
C GLY B 222 0.69 -27.46 12.00
N VAL B 223 -0.13 -26.59 11.41
CA VAL B 223 0.05 -25.17 11.52
C VAL B 223 -0.09 -24.82 12.98
N GLU B 224 -1.24 -25.11 13.55
CA GLU B 224 -1.50 -24.70 14.95
C GLU B 224 -0.35 -25.03 15.93
N ALA B 225 0.14 -26.27 15.90
CA ALA B 225 1.22 -26.75 16.79
C ALA B 225 2.52 -25.93 16.66
N GLY B 226 2.92 -25.70 15.42
CA GLY B 226 4.11 -24.92 15.11
C GLY B 226 4.10 -23.56 15.77
N LEU B 227 2.94 -22.91 15.73
CA LEU B 227 2.79 -21.58 16.28
C LEU B 227 2.87 -21.63 17.78
N LYS B 228 2.16 -22.61 18.35
CA LYS B 228 2.07 -22.75 19.78
C LYS B 228 3.45 -23.00 20.33
N SER B 229 4.21 -23.87 19.70
CA SER B 229 5.52 -24.27 20.27
C SER B 229 6.50 -23.10 20.27
N LEU B 230 6.56 -22.39 19.14
CA LEU B 230 7.45 -21.21 19.04
C LEU B 230 7.10 -20.09 20.05
N ALA B 231 5.80 -19.82 20.21
CA ALA B 231 5.27 -18.89 21.22
C ALA B 231 5.55 -19.34 22.64
N ALA B 232 5.52 -20.65 22.85
CA ALA B 232 5.83 -21.27 24.13
C ALA B 232 7.25 -20.91 24.65
N GLY B 233 8.21 -20.80 23.74
CA GLY B 233 9.59 -20.45 24.11
C GLY B 233 9.92 -18.98 24.31
N GLY B 234 8.99 -18.08 24.00
CA GLY B 234 9.23 -16.64 24.16
C GLY B 234 9.65 -15.95 22.87
N THR B 235 9.66 -16.68 21.74
CA THR B 235 9.91 -16.10 20.42
C THR B 235 8.66 -16.30 19.55
N PRO B 236 7.63 -15.46 19.72
CA PRO B 236 6.38 -15.74 19.00
C PRO B 236 6.42 -15.24 17.57
N PRO B 237 6.16 -16.12 16.60
CA PRO B 237 6.01 -15.61 15.25
C PRO B 237 4.78 -14.74 15.16
N LYS B 238 4.88 -13.62 14.44
CA LYS B 238 3.73 -12.79 14.10
C LYS B 238 3.36 -12.96 12.63
N PHE B 239 4.02 -13.87 11.92
CA PHE B 239 3.54 -14.24 10.58
C PHE B 239 3.78 -15.70 10.27
N VAL B 240 2.96 -16.27 9.39
CA VAL B 240 3.13 -17.66 8.98
C VAL B 240 2.90 -17.82 7.50
N ILE B 241 3.77 -18.61 6.86
CA ILE B 241 3.57 -19.00 5.46
C ILE B 241 3.08 -20.47 5.37
N ILE B 242 1.78 -20.65 5.22
CA ILE B 242 1.27 -21.95 4.90
C ILE B 242 1.75 -22.21 3.51
N ASP B 243 2.75 -23.08 3.42
CA ASP B 243 3.40 -23.40 2.15
C ASP B 243 2.64 -24.47 1.38
N ASP B 244 3.21 -24.85 0.23
CA ASP B 244 2.72 -25.90 -0.68
C ASP B 244 2.11 -27.09 0.03
N GLY B 245 0.91 -27.49 -0.40
CA GLY B 245 0.16 -28.56 0.25
C GLY B 245 -1.30 -28.31 0.57
N TRP B 246 -1.75 -27.06 0.41
CA TRP B 246 -3.10 -26.65 0.84
C TRP B 246 -4.12 -26.63 -0.31
N GLN B 247 -3.65 -26.61 -1.53
CA GLN B 247 -4.56 -26.41 -2.68
C GLN B 247 -5.29 -27.71 -3.07
N SER B 248 -6.48 -27.57 -3.67
CA SER B 248 -7.20 -28.70 -4.29
C SER B 248 -6.45 -29.09 -5.55
N VAL B 249 -5.75 -30.21 -5.48
CA VAL B 249 -4.95 -30.71 -6.59
C VAL B 249 -5.29 -32.17 -6.88
N GLU B 250 -5.15 -32.58 -8.13
CA GLU B 250 -5.39 -33.96 -8.55
C GLU B 250 -4.61 -34.29 -9.80
N ARG B 251 -4.28 -35.57 -9.99
CA ARG B 251 -3.56 -36.05 -11.19
C ARG B 251 -4.44 -35.84 -12.41
N ASP B 252 -4.03 -36.35 -13.56
CA ASP B 252 -4.89 -36.33 -14.75
C ASP B 252 -5.24 -37.73 -15.27
N ALA B 253 -6.45 -37.83 -15.86
CA ALA B 253 -6.94 -39.07 -16.50
C ALA B 253 -6.36 -39.27 -17.91
N SER B 264 5.75 -40.79 -11.33
CA SER B 264 4.79 -40.07 -10.49
C SER B 264 4.18 -38.95 -11.34
N PRO B 265 2.88 -39.08 -11.71
CA PRO B 265 2.13 -38.03 -12.42
C PRO B 265 2.05 -36.66 -11.73
N ILE B 266 2.16 -35.61 -12.54
CA ILE B 266 2.10 -34.22 -12.11
C ILE B 266 0.70 -33.79 -11.66
N PHE B 267 0.65 -33.01 -10.58
CA PHE B 267 -0.61 -32.54 -10.00
C PHE B 267 -1.05 -31.18 -10.61
N ARG B 268 -2.34 -31.03 -10.89
CA ARG B 268 -2.92 -29.77 -11.42
C ARG B 268 -4.05 -29.28 -10.51
N LEU B 269 -4.33 -27.99 -10.64
CA LEU B 269 -5.31 -27.30 -9.79
C LEU B 269 -6.73 -27.55 -10.32
N THR B 270 -7.60 -28.04 -9.43
CA THR B 270 -8.99 -28.31 -9.77
C THR B 270 -9.86 -27.15 -9.32
N GLY B 271 -9.67 -26.70 -8.07
CA GLY B 271 -10.40 -25.57 -7.51
C GLY B 271 -9.46 -24.53 -6.95
N ILE B 272 -9.94 -23.30 -6.87
CA ILE B 272 -9.20 -22.22 -6.22
C ILE B 272 -9.11 -22.36 -4.71
N LYS B 273 -10.12 -22.98 -4.10
CA LYS B 273 -10.20 -23.09 -2.64
C LYS B 273 -9.30 -24.22 -2.13
N GLU B 274 -9.13 -24.21 -0.82
CA GLU B 274 -8.37 -25.24 -0.10
C GLU B 274 -8.92 -26.67 -0.24
N ASN B 275 -8.07 -27.62 0.13
CA ASN B 275 -8.40 -29.06 0.15
C ASN B 275 -8.86 -29.53 1.57
N GLU B 276 -9.09 -30.83 1.73
CA GLU B 276 -9.60 -31.42 2.99
C GLU B 276 -8.77 -31.11 4.25
N LYS B 277 -7.44 -31.04 4.15
CA LYS B 277 -6.59 -30.83 5.34
C LYS B 277 -6.78 -29.46 6.02
N PHE B 278 -7.44 -28.54 5.31
CA PHE B 278 -7.69 -27.18 5.76
C PHE B 278 -9.16 -26.77 5.91
N LYS B 279 -10.08 -27.67 5.56
CA LYS B 279 -11.46 -27.55 6.05
C LYS B 279 -11.51 -27.93 7.52
N LYS B 280 -12.24 -27.17 8.34
CA LYS B 280 -12.25 -27.41 9.78
C LYS B 280 -13.04 -28.66 10.12
N LYS B 281 -12.45 -29.53 10.94
CA LYS B 281 -13.02 -30.83 11.28
C LYS B 281 -13.96 -30.55 12.45
N ASP B 282 -15.27 -30.65 12.19
CA ASP B 282 -16.33 -29.97 12.98
C ASP B 282 -17.37 -29.38 11.99
N ASP B 283 -16.89 -28.87 10.86
CA ASP B 283 -17.75 -28.26 9.83
C ASP B 283 -17.00 -28.16 8.48
N PRO B 284 -17.28 -29.09 7.54
CA PRO B 284 -16.65 -28.96 6.21
C PRO B 284 -17.16 -27.80 5.31
N ASN B 285 -18.08 -26.97 5.78
CA ASN B 285 -18.39 -25.70 5.08
C ASN B 285 -17.38 -24.59 5.30
N VAL B 286 -16.57 -24.69 6.36
CA VAL B 286 -15.65 -23.61 6.75
C VAL B 286 -14.23 -24.04 6.41
N GLY B 287 -13.52 -23.19 5.66
CA GLY B 287 -12.28 -23.57 5.02
C GLY B 287 -11.06 -23.07 5.74
N ILE B 288 -10.16 -22.50 4.95
CA ILE B 288 -8.91 -21.91 5.41
C ILE B 288 -9.12 -20.69 6.34
N LYS B 289 -10.32 -20.09 6.24
CA LYS B 289 -10.83 -19.10 7.22
C LYS B 289 -10.54 -19.54 8.63
N ASN B 290 -10.69 -20.84 8.87
CA ASN B 290 -10.58 -21.44 10.17
C ASN B 290 -9.15 -21.43 10.70
N ILE B 291 -8.24 -21.95 9.90
CA ILE B 291 -6.85 -21.88 10.32
C ILE B 291 -6.38 -20.41 10.45
N VAL B 292 -6.85 -19.52 9.58
CA VAL B 292 -6.50 -18.11 9.74
C VAL B 292 -6.97 -17.53 11.10
N LYS B 293 -8.28 -17.54 11.34
CA LYS B 293 -8.88 -17.21 12.63
C LYS B 293 -8.14 -17.83 13.83
N ILE B 294 -7.60 -19.04 13.71
CA ILE B 294 -6.87 -19.63 14.84
C ILE B 294 -5.51 -18.97 14.98
N ALA B 295 -4.80 -18.84 13.86
CA ALA B 295 -3.50 -18.16 13.87
C ALA B 295 -3.61 -16.75 14.47
N LYS B 296 -4.63 -16.01 14.05
CA LYS B 296 -4.78 -14.63 14.45
C LYS B 296 -5.42 -14.40 15.81
N GLU B 297 -6.57 -15.02 16.07
CA GLU B 297 -7.34 -14.78 17.29
C GLU B 297 -6.76 -15.51 18.51
N LYS B 298 -6.29 -16.73 18.30
CA LYS B 298 -5.87 -17.58 19.40
C LYS B 298 -4.36 -17.46 19.67
N HIS B 299 -3.55 -17.42 18.61
CA HIS B 299 -2.09 -17.46 18.72
C HIS B 299 -1.35 -16.13 18.48
N GLY B 300 -2.08 -15.08 18.08
CA GLY B 300 -1.57 -13.70 18.13
C GLY B 300 -0.81 -13.19 16.91
N LEU B 301 -0.96 -13.88 15.79
CA LEU B 301 -0.29 -13.53 14.55
C LEU B 301 -0.87 -12.23 14.00
N ARG B 302 -0.03 -11.40 13.39
CA ARG B 302 -0.54 -10.27 12.63
C ARG B 302 -0.83 -10.67 11.17
N TYR B 303 -0.12 -11.67 10.62
CA TYR B 303 -0.20 -11.95 9.17
C TYR B 303 -0.24 -13.46 8.84
N VAL B 304 -1.02 -13.81 7.83
CA VAL B 304 -1.01 -15.15 7.27
C VAL B 304 -0.88 -15.09 5.74
N TYR B 305 0.11 -15.82 5.22
CA TYR B 305 0.44 -15.82 3.80
C TYR B 305 0.24 -17.24 3.33
N VAL B 306 -0.15 -17.44 2.06
CA VAL B 306 -0.22 -18.80 1.52
C VAL B 306 0.66 -18.91 0.26
N TRP B 307 0.97 -20.14 -0.11
CA TRP B 307 1.76 -20.47 -1.31
C TRP B 307 0.84 -20.73 -2.47
N HIS B 308 1.20 -20.23 -3.64
CA HIS B 308 0.68 -20.78 -4.91
C HIS B 308 1.67 -20.52 -5.98
N ALA B 309 1.42 -21.08 -7.15
CA ALA B 309 2.26 -20.88 -8.29
C ALA B 309 1.60 -19.83 -9.14
N ILE B 310 2.43 -19.17 -9.91
CA ILE B 310 1.99 -18.16 -10.86
C ILE B 310 1.02 -18.83 -11.85
N THR B 311 1.25 -20.10 -12.14
CA THR B 311 0.45 -20.88 -13.09
C THR B 311 -0.75 -21.61 -12.49
N GLY B 312 -0.79 -21.64 -11.16
CA GLY B 312 -1.87 -22.23 -10.35
C GLY B 312 -1.25 -23.18 -9.33
N TYR B 313 -0.95 -24.37 -9.81
CA TYR B 313 -0.06 -25.29 -9.12
C TYR B 313 1.11 -25.56 -10.07
N TRP B 314 2.03 -26.40 -9.62
CA TRP B 314 3.11 -26.96 -10.42
C TRP B 314 2.72 -27.47 -11.82
N GLY B 315 1.56 -28.13 -11.95
CA GLY B 315 1.07 -28.57 -13.26
C GLY B 315 0.09 -27.64 -13.94
N GLY B 316 0.02 -26.39 -13.48
CA GLY B 316 -1.02 -25.47 -13.92
C GLY B 316 -2.40 -25.87 -13.41
N VAL B 317 -3.42 -25.42 -14.14
CA VAL B 317 -4.81 -25.63 -13.78
C VAL B 317 -5.42 -26.68 -14.71
N ARG B 318 -6.24 -27.57 -14.16
CA ARG B 318 -6.97 -28.54 -14.98
C ARG B 318 -7.59 -27.76 -16.11
N PRO B 319 -7.40 -28.22 -17.36
CA PRO B 319 -8.04 -27.49 -18.45
C PRO B 319 -9.57 -27.40 -18.38
N GLY B 320 -10.14 -26.67 -19.32
CA GLY B 320 -11.56 -26.36 -19.30
C GLY B 320 -11.77 -24.93 -19.73
N GLU B 321 -12.98 -24.66 -20.20
CA GLU B 321 -13.32 -23.33 -20.67
C GLU B 321 -13.25 -22.26 -19.55
N GLU B 322 -13.32 -22.68 -18.28
CA GLU B 322 -13.53 -21.74 -17.15
C GLU B 322 -12.49 -20.64 -17.02
N TYR B 323 -11.22 -21.03 -17.08
CA TYR B 323 -10.12 -20.08 -17.09
C TYR B 323 -9.32 -20.22 -18.37
N GLY B 324 -10.03 -20.56 -19.46
CA GLY B 324 -9.45 -20.89 -20.77
C GLY B 324 -8.18 -21.73 -20.75
N SER B 325 -8.05 -22.58 -19.73
CA SER B 325 -6.79 -23.24 -19.50
C SER B 325 -6.58 -24.33 -20.54
N VAL B 326 -5.46 -24.24 -21.27
CA VAL B 326 -5.13 -25.21 -22.32
C VAL B 326 -3.73 -25.75 -22.04
N MET B 327 -3.57 -27.07 -22.18
CA MET B 327 -2.28 -27.75 -22.07
C MET B 327 -1.21 -27.12 -22.97
N LYS B 328 -0.07 -26.74 -22.36
CA LYS B 328 1.10 -26.22 -23.07
C LYS B 328 2.35 -26.87 -22.47
N TYR B 329 3.36 -27.07 -23.32
CA TYR B 329 4.55 -27.82 -22.95
C TYR B 329 5.70 -26.83 -23.06
N PRO B 330 6.48 -26.67 -21.98
CA PRO B 330 7.63 -25.76 -21.95
C PRO B 330 8.56 -25.91 -23.12
N ASN B 331 8.88 -24.80 -23.78
CA ASN B 331 9.94 -24.76 -24.76
C ASN B 331 11.30 -24.71 -24.06
N MET B 332 12.26 -25.49 -24.54
CA MET B 332 13.63 -25.42 -24.05
C MET B 332 14.37 -24.31 -24.76
N SER B 333 15.13 -23.52 -24.00
CA SER B 333 16.01 -22.49 -24.53
C SER B 333 17.46 -22.91 -24.29
N LYS B 334 18.25 -22.94 -25.36
CA LYS B 334 19.67 -23.33 -25.33
C LYS B 334 20.39 -22.99 -24.00
N GLY B 335 20.52 -21.69 -23.69
CA GLY B 335 21.24 -21.22 -22.49
C GLY B 335 20.83 -21.89 -21.19
N VAL B 336 19.54 -22.18 -21.06
CA VAL B 336 19.03 -22.85 -19.88
C VAL B 336 19.42 -24.32 -19.87
N VAL B 337 19.13 -25.01 -20.97
CA VAL B 337 19.49 -26.42 -21.15
C VAL B 337 21.00 -26.71 -20.98
N GLU B 338 21.87 -25.75 -21.32
CA GLU B 338 23.31 -25.93 -21.15
C GLU B 338 23.78 -25.92 -19.69
N ASN B 339 22.96 -25.40 -18.79
CA ASN B 339 23.30 -25.33 -17.37
C ASN B 339 22.50 -26.31 -16.54
N ASP B 340 21.26 -26.54 -16.91
CA ASP B 340 20.42 -27.49 -16.20
C ASP B 340 19.90 -28.48 -17.24
N PRO B 341 20.64 -29.59 -17.43
CA PRO B 341 20.15 -30.54 -18.42
C PRO B 341 18.93 -31.33 -17.94
N THR B 342 18.76 -31.48 -16.61
CA THR B 342 17.59 -32.17 -16.04
C THR B 342 16.26 -31.46 -16.31
N TRP B 343 16.31 -30.20 -16.79
CA TRP B 343 15.12 -29.45 -17.23
C TRP B 343 14.48 -30.05 -18.54
N LYS B 344 15.22 -30.86 -19.30
CA LYS B 344 14.66 -31.64 -20.44
C LYS B 344 13.79 -32.81 -20.01
N THR B 345 14.21 -33.52 -18.97
CA THR B 345 13.45 -34.67 -18.41
C THR B 345 12.74 -34.31 -17.08
N ASP B 346 12.54 -33.00 -16.84
CA ASP B 346 11.76 -32.53 -15.70
C ASP B 346 10.30 -32.89 -15.91
N VAL B 347 9.64 -33.17 -14.80
CA VAL B 347 8.21 -33.47 -14.74
C VAL B 347 7.36 -32.46 -15.58
N MET B 348 7.64 -31.16 -15.43
CA MET B 348 6.83 -30.06 -16.04
C MET B 348 6.97 -29.98 -17.58
N THR B 349 8.20 -30.13 -18.05
CA THR B 349 8.51 -30.26 -19.48
C THR B 349 7.86 -31.47 -20.19
N LEU B 350 7.98 -32.65 -19.59
CA LEU B 350 7.47 -33.89 -20.21
C LEU B 350 5.94 -33.89 -20.18
N GLN B 351 5.36 -33.54 -19.02
CA GLN B 351 3.89 -33.64 -18.78
C GLN B 351 3.04 -32.36 -19.02
N GLY B 352 3.67 -31.21 -19.29
CA GLY B 352 2.95 -29.98 -19.64
C GLY B 352 2.27 -29.29 -18.47
N LEU B 353 1.80 -28.06 -18.73
CA LEU B 353 1.03 -27.25 -17.75
C LEU B 353 -0.33 -26.86 -18.31
N GLY B 354 -1.30 -26.75 -17.41
CA GLY B 354 -2.60 -26.15 -17.72
C GLY B 354 -2.49 -24.64 -17.62
N LEU B 355 -2.12 -24.02 -18.74
CA LEU B 355 -1.85 -22.60 -18.77
C LEU B 355 -3.13 -21.82 -18.91
N VAL B 356 -3.47 -21.10 -17.83
CA VAL B 356 -4.60 -20.19 -17.83
C VAL B 356 -4.42 -19.22 -19.00
N SER B 357 -5.52 -18.84 -19.63
CA SER B 357 -5.44 -18.01 -20.82
C SER B 357 -5.06 -16.60 -20.40
N PRO B 358 -4.27 -15.86 -21.21
CA PRO B 358 -3.95 -14.47 -20.81
C PRO B 358 -5.17 -13.55 -20.70
N LYS B 359 -6.21 -13.86 -21.47
CA LYS B 359 -7.51 -13.17 -21.40
C LYS B 359 -8.29 -13.48 -20.10
N LYS B 360 -8.00 -14.60 -19.43
CA LYS B 360 -8.72 -14.99 -18.22
C LYS B 360 -7.85 -14.95 -16.94
N VAL B 361 -6.57 -14.58 -17.05
CA VAL B 361 -5.64 -14.67 -15.92
C VAL B 361 -5.94 -13.68 -14.76
N TYR B 362 -6.45 -12.49 -15.04
CA TYR B 362 -6.83 -11.62 -13.94
C TYR B 362 -8.03 -12.24 -13.25
N LYS B 363 -8.98 -12.79 -14.02
CA LYS B 363 -10.14 -13.54 -13.44
C LYS B 363 -9.68 -14.67 -12.49
N PHE B 364 -8.63 -15.37 -12.90
CA PHE B 364 -8.11 -16.47 -12.12
C PHE B 364 -7.52 -16.00 -10.80
N TYR B 365 -6.50 -15.17 -10.88
CA TYR B 365 -5.87 -14.70 -9.69
C TYR B 365 -6.91 -13.99 -8.82
N ASN B 366 -7.85 -13.27 -9.43
CA ASN B 366 -8.76 -12.46 -8.63
C ASN B 366 -9.75 -13.30 -7.84
N GLU B 367 -10.21 -14.40 -8.43
CA GLU B 367 -11.12 -15.30 -7.72
C GLU B 367 -10.37 -16.04 -6.61
N LEU B 368 -9.17 -16.51 -6.94
CA LEU B 368 -8.25 -17.14 -5.97
C LEU B 368 -7.94 -16.25 -4.77
N HIS B 369 -7.53 -15.01 -5.06
CA HIS B 369 -7.14 -14.05 -4.03
C HIS B 369 -8.33 -13.43 -3.31
N SER B 370 -9.46 -13.29 -4.00
CA SER B 370 -10.68 -12.87 -3.31
C SER B 370 -11.07 -13.89 -2.28
N TYR B 371 -11.05 -15.15 -2.70
CA TYR B 371 -11.38 -16.22 -1.77
C TYR B 371 -10.47 -16.11 -0.57
N LEU B 372 -9.16 -16.07 -0.83
CA LEU B 372 -8.15 -16.02 0.23
C LEU B 372 -8.25 -14.78 1.13
N ALA B 373 -8.52 -13.63 0.53
CA ALA B 373 -8.61 -12.34 1.24
C ALA B 373 -9.79 -12.31 2.21
N ASP B 374 -10.93 -12.76 1.71
CA ASP B 374 -12.17 -12.82 2.51
C ASP B 374 -12.05 -13.84 3.64
N ALA B 375 -11.27 -14.91 3.42
CA ALA B 375 -10.83 -15.80 4.50
C ALA B 375 -9.81 -15.22 5.52
N GLY B 376 -9.33 -14.00 5.31
CA GLY B 376 -8.43 -13.33 6.28
C GLY B 376 -6.95 -13.43 5.94
N VAL B 377 -6.61 -13.96 4.77
CA VAL B 377 -5.21 -14.13 4.35
C VAL B 377 -4.70 -12.79 3.86
N ASP B 378 -3.46 -12.47 4.23
CA ASP B 378 -2.83 -11.15 4.03
C ASP B 378 -1.83 -11.13 2.87
N GLY B 379 -1.32 -12.29 2.43
CA GLY B 379 -0.41 -12.31 1.28
C GLY B 379 -0.30 -13.63 0.51
N VAL B 380 0.50 -13.63 -0.56
CA VAL B 380 0.84 -14.88 -1.22
C VAL B 380 2.34 -15.00 -1.44
N LYS B 381 2.87 -16.23 -1.36
CA LYS B 381 4.20 -16.57 -1.84
C LYS B 381 3.95 -17.18 -3.21
N VAL B 382 4.29 -16.47 -4.27
CA VAL B 382 3.94 -16.87 -5.62
C VAL B 382 5.24 -17.45 -6.14
N ALA B 383 5.20 -18.74 -6.48
CA ALA B 383 6.38 -19.46 -6.85
C ALA B 383 6.31 -19.87 -8.30
N VAL B 384 7.33 -20.55 -8.77
CA VAL B 384 7.35 -21.04 -10.14
C VAL B 384 7.23 -19.92 -11.21
N GLN B 385 7.66 -18.69 -10.91
CA GLN B 385 7.38 -17.54 -11.79
C GLN B 385 8.09 -17.56 -13.16
N CYS B 386 9.28 -18.13 -13.21
CA CYS B 386 10.06 -18.23 -14.44
C CYS B 386 9.49 -19.15 -15.56
N VAL B 387 8.67 -20.15 -15.25
CA VAL B 387 8.11 -21.01 -16.33
C VAL B 387 7.58 -20.19 -17.47
N LEU B 388 6.99 -19.05 -17.14
CA LEU B 388 6.37 -18.21 -18.15
C LEU B 388 7.25 -17.96 -19.38
N GLU B 389 8.57 -17.89 -19.21
CA GLU B 389 9.46 -17.68 -20.35
C GLU B 389 9.56 -18.88 -21.35
N THR B 390 9.09 -20.05 -20.91
CA THR B 390 9.12 -21.25 -21.70
C THR B 390 7.82 -21.40 -22.47
N LEU B 391 6.77 -20.71 -22.04
CA LEU B 391 5.44 -20.97 -22.59
C LEU B 391 5.00 -19.96 -23.64
N GLY B 392 5.94 -19.21 -24.18
CA GLY B 392 5.65 -18.20 -25.18
C GLY B 392 4.82 -18.64 -26.39
N GLY B 393 5.10 -19.85 -26.89
CA GLY B 393 4.44 -20.48 -28.08
C GLY B 393 3.10 -19.94 -28.63
N GLY B 394 3.21 -18.92 -29.49
CA GLY B 394 2.06 -18.28 -30.12
C GLY B 394 1.19 -17.49 -29.15
N LEU B 395 1.83 -16.82 -28.19
CA LEU B 395 1.17 -15.87 -27.30
C LEU B 395 1.94 -14.56 -27.23
N GLY B 396 2.82 -14.34 -28.21
CA GLY B 396 3.76 -13.22 -28.22
C GLY B 396 5.11 -13.48 -27.59
N GLY B 397 5.30 -14.68 -27.03
CA GLY B 397 6.61 -15.05 -26.54
C GLY B 397 6.87 -14.52 -25.14
N ARG B 398 8.06 -14.82 -24.65
CA ARG B 398 8.38 -14.77 -23.22
C ARG B 398 8.16 -13.44 -22.49
N VAL B 399 8.58 -12.33 -23.09
CA VAL B 399 8.50 -11.01 -22.47
C VAL B 399 7.06 -10.55 -22.43
N GLU B 400 6.37 -10.74 -23.55
CA GLU B 400 4.94 -10.48 -23.65
C GLU B 400 4.14 -11.23 -22.57
N LEU B 401 4.24 -12.55 -22.54
CA LEU B 401 3.43 -13.36 -21.62
C LEU B 401 3.81 -13.15 -20.15
N THR B 402 5.11 -12.99 -19.87
CA THR B 402 5.52 -12.65 -18.51
C THR B 402 4.88 -11.32 -18.10
N ARG B 403 5.05 -10.28 -18.94
CA ARG B 403 4.37 -9.00 -18.73
C ARG B 403 2.88 -9.15 -18.43
N GLN B 404 2.18 -10.00 -19.18
CA GLN B 404 0.73 -10.13 -19.06
C GLN B 404 0.30 -10.78 -17.76
N PHE B 405 1.08 -11.73 -17.24
CA PHE B 405 0.68 -12.44 -16.01
C PHE B 405 1.00 -11.59 -14.77
N HIS B 406 2.19 -10.99 -14.76
CA HIS B 406 2.55 -10.05 -13.73
C HIS B 406 1.61 -8.84 -13.67
N GLN B 407 1.24 -8.24 -14.81
CA GLN B 407 0.20 -7.20 -14.84
C GLN B 407 -1.06 -7.62 -14.05
N ALA B 408 -1.59 -8.80 -14.38
CA ALA B 408 -2.77 -9.32 -13.71
C ALA B 408 -2.51 -9.75 -12.28
N LEU B 409 -1.34 -10.32 -12.01
CA LEU B 409 -1.00 -10.72 -10.63
C LEU B 409 -0.97 -9.48 -9.78
N ASP B 410 -0.22 -8.50 -10.28
CA ASP B 410 -0.05 -7.22 -9.63
C ASP B 410 -1.41 -6.57 -9.36
N SER B 411 -2.30 -6.55 -10.35
CA SER B 411 -3.64 -6.02 -10.11
C SER B 411 -4.40 -6.78 -9.05
N SER B 412 -4.32 -8.10 -9.10
CA SER B 412 -4.96 -8.94 -8.09
C SER B 412 -4.40 -8.76 -6.67
N VAL B 413 -3.10 -8.57 -6.52
CA VAL B 413 -2.49 -8.44 -5.22
C VAL B 413 -2.83 -7.07 -4.64
N ALA B 414 -2.79 -6.04 -5.47
CA ALA B 414 -3.10 -4.69 -5.03
C ALA B 414 -4.53 -4.59 -4.51
N LYS B 415 -5.45 -5.24 -5.21
CA LYS B 415 -6.83 -5.30 -4.77
C LYS B 415 -7.00 -6.06 -3.43
N ASN B 416 -6.45 -7.27 -3.38
CA ASN B 416 -6.87 -8.23 -2.38
C ASN B 416 -5.99 -8.31 -1.14
N PHE B 417 -4.71 -8.02 -1.28
CA PHE B 417 -3.78 -7.96 -0.16
C PHE B 417 -3.13 -6.59 -0.22
N PRO B 418 -3.82 -5.56 0.31
CA PRO B 418 -3.29 -4.21 0.09
C PRO B 418 -2.12 -3.82 0.98
N ASP B 419 -1.58 -4.72 1.82
CA ASP B 419 -0.27 -4.47 2.44
C ASP B 419 0.90 -4.87 1.50
N ASN B 420 0.60 -5.12 0.22
CA ASN B 420 1.58 -5.60 -0.77
C ASN B 420 2.13 -6.99 -0.43
N GLY B 421 1.19 -7.89 -0.11
CA GLY B 421 1.50 -9.24 0.28
C GLY B 421 1.85 -10.12 -0.90
N CYS B 422 3.06 -9.95 -1.39
CA CYS B 422 3.60 -10.79 -2.41
C CYS B 422 5.08 -11.07 -2.11
N ILE B 423 5.41 -12.36 -1.98
CA ILE B 423 6.79 -12.84 -2.00
C ILE B 423 7.04 -13.54 -3.36
N ALA B 424 7.92 -12.95 -4.17
CA ALA B 424 8.27 -13.53 -5.46
C ALA B 424 9.21 -14.69 -5.19
N CYS B 425 9.03 -15.80 -5.89
CA CYS B 425 9.85 -16.98 -5.66
C CYS B 425 10.05 -17.68 -6.99
N MET B 426 11.27 -18.16 -7.22
CA MET B 426 11.65 -18.86 -8.47
C MET B 426 11.45 -17.91 -9.65
N SER B 427 11.90 -16.68 -9.46
CA SER B 427 11.53 -15.53 -10.30
C SER B 427 12.73 -14.83 -10.89
N HIS B 428 13.91 -15.45 -10.86
CA HIS B 428 15.16 -14.74 -11.18
C HIS B 428 15.44 -14.46 -12.64
N ASN B 429 14.43 -14.50 -13.51
CA ASN B 429 14.60 -13.98 -14.87
C ASN B 429 14.42 -12.46 -14.96
N THR B 430 15.16 -11.87 -15.88
CA THR B 430 15.05 -10.48 -16.24
C THR B 430 13.67 -10.20 -16.84
N ASP B 431 13.05 -11.19 -17.45
CA ASP B 431 11.68 -11.04 -17.95
C ASP B 431 10.79 -10.44 -16.87
N ALA B 432 10.95 -10.93 -15.65
CA ALA B 432 10.13 -10.53 -14.53
C ALA B 432 10.75 -9.39 -13.73
N LEU B 433 12.08 -9.32 -13.67
CA LEU B 433 12.72 -8.27 -12.90
C LEU B 433 12.42 -6.92 -13.50
N TYR B 434 12.46 -6.82 -14.83
CA TYR B 434 12.25 -5.54 -15.51
C TYR B 434 10.78 -5.18 -15.72
N CYS B 435 9.87 -6.06 -15.29
CA CYS B 435 8.48 -5.66 -15.03
C CYS B 435 8.09 -5.71 -13.50
N SER B 436 9.06 -5.78 -12.60
CA SER B 436 8.77 -5.80 -11.17
C SER B 436 8.42 -4.38 -10.69
N LYS B 437 7.15 -4.05 -10.90
CA LYS B 437 6.60 -2.71 -10.71
C LYS B 437 5.96 -2.49 -9.35
N GLN B 438 5.78 -3.56 -8.61
CA GLN B 438 4.89 -3.54 -7.47
C GLN B 438 5.40 -4.39 -6.31
N ALA B 439 5.57 -5.69 -6.55
CA ALA B 439 6.05 -6.63 -5.55
C ALA B 439 7.42 -6.21 -5.00
N ALA B 440 7.57 -6.36 -3.69
CA ALA B 440 8.62 -5.72 -2.94
C ALA B 440 9.50 -6.73 -2.17
N VAL B 441 9.28 -8.05 -2.33
CA VAL B 441 10.15 -9.09 -1.74
C VAL B 441 10.40 -10.26 -2.76
N ILE B 442 11.68 -10.61 -2.90
CA ILE B 442 12.07 -11.67 -3.78
C ILE B 442 12.96 -12.66 -3.04
N ARG B 443 12.63 -13.95 -3.10
CA ARG B 443 13.57 -15.00 -2.66
C ARG B 443 14.86 -14.87 -3.47
N ALA B 444 15.99 -14.78 -2.76
CA ALA B 444 17.29 -14.48 -3.36
C ALA B 444 18.13 -15.70 -3.84
N SER B 445 17.70 -16.91 -3.50
CA SER B 445 18.47 -18.10 -3.86
C SER B 445 17.65 -19.35 -3.86
N ASP B 446 18.31 -20.42 -4.28
CA ASP B 446 17.78 -21.77 -4.23
C ASP B 446 17.51 -22.07 -2.77
N ASP B 447 16.59 -23.00 -2.55
CA ASP B 447 16.07 -23.32 -1.23
C ASP B 447 17.11 -23.70 -0.20
N PHE B 448 16.89 -23.25 1.04
CA PHE B 448 17.52 -23.88 2.21
C PHE B 448 17.13 -25.37 2.22
N TYR B 449 18.14 -26.25 2.15
CA TYR B 449 17.92 -27.71 2.14
C TYR B 449 18.48 -28.23 3.44
N PRO B 450 17.61 -28.59 4.42
CA PRO B 450 18.18 -28.99 5.70
C PRO B 450 19.12 -30.23 5.67
N ARG B 451 18.94 -31.12 4.70
CA ARG B 451 19.68 -32.39 4.63
C ARG B 451 20.90 -32.43 3.68
N ASP B 452 20.82 -31.83 2.48
CA ASP B 452 22.00 -31.52 1.62
C ASP B 452 23.09 -30.79 2.44
N PRO B 453 24.19 -31.48 2.80
CA PRO B 453 25.20 -30.72 3.56
C PRO B 453 26.09 -29.86 2.63
N VAL B 454 26.00 -30.10 1.31
CA VAL B 454 26.69 -29.26 0.31
C VAL B 454 26.16 -27.82 0.22
N SER B 455 24.87 -27.63 0.54
CA SER B 455 24.12 -26.40 0.22
C SER B 455 24.38 -25.21 1.14
N HIS B 456 24.86 -25.43 2.35
CA HIS B 456 24.80 -24.37 3.34
C HIS B 456 25.81 -23.24 3.09
N THR B 457 26.96 -23.58 2.52
CA THR B 457 27.97 -22.56 2.16
C THR B 457 27.56 -21.91 0.87
N ILE B 458 27.10 -22.75 -0.06
CA ILE B 458 26.58 -22.26 -1.32
C ILE B 458 25.45 -21.24 -1.07
N HIS B 459 24.58 -21.53 -0.10
CA HIS B 459 23.38 -20.75 0.16
C HIS B 459 23.76 -19.36 0.55
N ILE B 460 24.65 -19.25 1.53
CA ILE B 460 25.10 -17.94 2.00
C ILE B 460 25.82 -17.12 0.92
N ALA B 461 26.60 -17.79 0.04
CA ALA B 461 27.24 -17.11 -1.10
C ALA B 461 26.21 -16.75 -2.16
N SER B 462 25.40 -17.71 -2.60
CA SER B 462 24.34 -17.42 -3.58
C SER B 462 23.56 -16.15 -3.19
N VAL B 463 23.16 -16.08 -1.94
CA VAL B 463 22.21 -15.08 -1.50
C VAL B 463 22.85 -13.71 -1.44
N ALA B 464 24.09 -13.65 -0.98
CA ALA B 464 24.83 -12.37 -0.91
C ALA B 464 25.11 -11.74 -2.27
N TYR B 465 25.57 -12.54 -3.22
CA TYR B 465 25.95 -12.01 -4.53
C TYR B 465 24.69 -11.71 -5.32
N ASN B 466 23.66 -12.54 -5.19
CA ASN B 466 22.44 -12.25 -5.88
C ASN B 466 21.81 -10.90 -5.43
N SER B 467 21.89 -10.61 -4.14
CA SER B 467 21.40 -9.35 -3.58
C SER B 467 21.94 -8.07 -4.23
N VAL B 468 23.19 -8.12 -4.69
CA VAL B 468 23.85 -7.03 -5.36
C VAL B 468 23.02 -6.46 -6.49
N PHE B 469 22.48 -7.35 -7.32
CA PHE B 469 21.62 -7.00 -8.42
C PHE B 469 20.12 -7.14 -8.11
N LEU B 470 19.74 -8.21 -7.44
CA LEU B 470 18.34 -8.42 -7.11
C LEU B 470 17.79 -7.34 -6.18
N GLY B 471 18.55 -6.97 -5.15
CA GLY B 471 18.15 -5.94 -4.22
C GLY B 471 18.06 -4.51 -4.77
N GLU B 472 18.41 -4.29 -6.03
CA GLU B 472 18.03 -3.03 -6.66
C GLU B 472 16.54 -2.97 -7.06
N PHE B 473 15.84 -4.10 -7.07
CA PHE B 473 14.42 -4.24 -7.49
C PHE B 473 13.43 -4.55 -6.38
N MET B 474 13.77 -5.49 -5.49
CA MET B 474 12.89 -5.96 -4.40
C MET B 474 13.77 -6.20 -3.19
N GLN B 475 13.19 -6.32 -1.98
CA GLN B 475 14.00 -6.61 -0.79
C GLN B 475 14.31 -8.12 -0.81
N PRO B 476 15.60 -8.50 -0.84
CA PRO B 476 15.92 -9.92 -0.86
C PRO B 476 15.47 -10.63 0.40
N ASP B 477 14.90 -11.81 0.21
CA ASP B 477 14.52 -12.76 1.26
C ASP B 477 15.49 -13.94 1.21
N TRP B 478 16.17 -14.20 2.31
CA TRP B 478 17.26 -15.21 2.32
C TRP B 478 16.77 -16.62 2.72
N ASP B 479 15.47 -16.87 2.53
CA ASP B 479 14.76 -18.12 2.85
C ASP B 479 14.67 -18.47 4.32
N MET B 480 13.73 -19.33 4.64
CA MET B 480 13.67 -19.97 5.95
C MET B 480 15.00 -20.64 6.34
N PHE B 481 15.14 -20.98 7.62
CA PHE B 481 16.22 -21.90 8.06
C PHE B 481 15.70 -22.76 9.20
N HIS B 482 16.53 -23.69 9.69
CA HIS B 482 16.22 -24.44 10.92
C HIS B 482 17.04 -23.93 12.10
N SER B 483 16.41 -23.76 13.24
CA SER B 483 17.12 -23.34 14.47
C SER B 483 17.84 -24.50 15.18
N VAL B 484 17.44 -25.74 14.87
CA VAL B 484 18.12 -26.95 15.33
C VAL B 484 18.71 -27.66 14.10
N HIS B 485 20.00 -27.44 13.90
CA HIS B 485 20.67 -27.89 12.71
C HIS B 485 22.16 -27.58 12.93
N PRO B 486 23.09 -28.39 12.36
CA PRO B 486 24.51 -28.09 12.60
C PRO B 486 24.95 -26.71 12.08
N ALA B 487 24.51 -26.32 10.90
CA ALA B 487 24.65 -24.94 10.39
C ALA B 487 23.56 -23.95 10.80
N ALA B 488 23.06 -24.05 12.03
CA ALA B 488 21.99 -23.18 12.49
C ALA B 488 22.47 -21.75 12.63
N GLU B 489 23.56 -21.56 13.37
CA GLU B 489 24.04 -20.21 13.67
C GLU B 489 24.52 -19.45 12.40
N TYR B 490 25.01 -20.25 11.46
CA TYR B 490 25.55 -19.76 10.20
C TYR B 490 24.40 -19.21 9.37
N HIS B 491 23.35 -20.00 9.17
CA HIS B 491 22.20 -19.51 8.42
C HIS B 491 21.55 -18.33 9.22
N ALA B 492 21.31 -18.53 10.51
CA ALA B 492 20.66 -17.51 11.36
C ALA B 492 21.33 -16.14 11.29
N SER B 493 22.63 -16.13 11.57
CA SER B 493 23.44 -14.93 11.46
C SER B 493 23.26 -14.27 10.10
N ALA B 494 23.29 -15.05 9.02
CA ALA B 494 23.11 -14.50 7.68
C ALA B 494 21.78 -13.78 7.54
N ARG B 495 20.72 -14.43 8.03
CA ARG B 495 19.36 -13.88 8.03
C ARG B 495 19.30 -12.58 8.82
N ALA B 496 19.98 -12.47 9.96
CA ALA B 496 19.93 -11.25 10.79
C ALA B 496 20.54 -10.03 10.12
N ILE B 497 21.38 -10.23 9.11
CA ILE B 497 21.99 -9.11 8.38
C ILE B 497 21.55 -9.06 6.91
N SER B 498 20.56 -9.84 6.52
CA SER B 498 20.06 -9.82 5.14
C SER B 498 19.23 -8.58 4.81
N GLY B 499 18.73 -7.90 5.83
CA GLY B 499 17.73 -6.86 5.64
C GLY B 499 16.39 -7.41 5.20
N GLY B 500 16.25 -8.73 5.14
CA GLY B 500 15.06 -9.35 4.60
C GLY B 500 14.16 -9.88 5.70
N PRO B 501 13.12 -10.63 5.30
CA PRO B 501 12.26 -11.28 6.23
C PRO B 501 12.94 -12.42 6.93
N LEU B 502 12.91 -12.39 8.25
CA LEU B 502 13.51 -13.41 9.11
C LEU B 502 12.45 -14.50 9.48
N TYR B 503 12.61 -15.72 9.00
CA TYR B 503 11.68 -16.81 9.40
C TYR B 503 12.28 -18.22 9.50
N VAL B 504 11.73 -19.05 10.41
CA VAL B 504 12.16 -20.48 10.48
C VAL B 504 11.19 -21.43 9.77
N SER B 505 11.60 -22.68 9.60
CA SER B 505 10.69 -23.73 9.15
C SER B 505 10.81 -24.99 10.01
N ASP B 506 11.11 -24.76 11.29
CA ASP B 506 11.36 -25.81 12.28
C ASP B 506 10.18 -26.76 12.36
N SER B 507 10.42 -28.06 12.58
CA SER B 507 9.32 -28.95 13.02
C SER B 507 8.80 -28.41 14.37
N PRO B 508 7.49 -28.55 14.65
CA PRO B 508 7.01 -28.08 15.99
C PRO B 508 7.62 -28.88 17.16
N GLY B 509 8.07 -28.18 18.21
CA GLY B 509 8.84 -28.77 19.30
C GLY B 509 10.35 -28.78 19.09
N LYS B 510 10.80 -29.00 17.84
CA LYS B 510 12.23 -28.97 17.49
C LYS B 510 12.75 -27.54 17.25
N HIS B 511 13.13 -26.89 18.36
CA HIS B 511 13.50 -25.47 18.42
C HIS B 511 14.73 -25.21 19.30
N ASN B 512 15.57 -24.27 18.88
CA ASN B 512 16.66 -23.82 19.73
C ASN B 512 16.42 -22.37 20.16
N PHE B 513 15.90 -22.20 21.36
CA PHE B 513 15.44 -20.87 21.78
C PHE B 513 16.53 -19.93 22.18
N GLU B 514 17.68 -20.47 22.57
CA GLU B 514 18.90 -19.70 22.78
C GLU B 514 19.22 -18.88 21.53
N LEU B 515 19.30 -19.61 20.41
CA LEU B 515 19.54 -19.03 19.08
C LEU B 515 18.44 -18.01 18.68
N LEU B 516 17.16 -18.38 18.80
CA LEU B 516 16.08 -17.50 18.37
C LEU B 516 16.04 -16.21 19.19
N ARG B 517 16.40 -16.24 20.48
CA ARG B 517 16.46 -14.96 21.27
C ARG B 517 17.55 -14.00 20.79
N LYS B 518 18.48 -14.50 19.98
CA LYS B 518 19.48 -13.66 19.29
C LYS B 518 18.90 -12.97 18.05
N LEU B 519 17.66 -13.27 17.69
CA LEU B 519 16.99 -12.73 16.51
C LEU B 519 15.67 -12.08 16.83
N VAL B 520 14.89 -12.68 17.71
CA VAL B 520 13.52 -12.29 17.96
C VAL B 520 13.41 -11.78 19.37
N LEU B 521 12.73 -10.65 19.51
CA LEU B 521 12.37 -10.10 20.81
C LEU B 521 11.07 -10.74 21.27
N PRO B 522 10.76 -10.63 22.57
CA PRO B 522 9.53 -11.19 23.11
C PRO B 522 8.23 -10.89 22.32
N ASP B 523 8.14 -9.70 21.69
CA ASP B 523 6.92 -9.32 20.99
C ASP B 523 6.82 -9.89 19.57
N GLY B 524 7.78 -10.71 19.16
CA GLY B 524 7.87 -11.24 17.82
C GLY B 524 8.60 -10.35 16.81
N SER B 525 9.16 -9.23 17.24
CA SER B 525 9.85 -8.33 16.33
C SER B 525 11.34 -8.68 16.20
N ILE B 526 11.95 -8.16 15.14
CA ILE B 526 13.32 -8.45 14.77
C ILE B 526 14.06 -7.15 14.56
N LEU B 527 15.39 -7.25 14.49
CA LEU B 527 16.22 -6.08 14.20
C LEU B 527 16.65 -6.31 12.74
N ARG B 528 15.89 -5.69 11.86
CA ARG B 528 16.07 -5.76 10.44
C ARG B 528 16.93 -4.58 10.02
N ALA B 529 17.79 -4.84 9.05
CA ALA B 529 18.66 -3.81 8.53
C ALA B 529 18.05 -3.09 7.33
N ARG B 530 18.46 -1.83 7.13
CA ARG B 530 17.86 -0.96 6.11
C ARG B 530 17.98 -1.52 4.69
N LEU B 531 19.14 -2.07 4.38
CA LEU B 531 19.57 -2.32 3.00
C LEU B 531 19.55 -3.81 2.75
N PRO B 532 19.69 -4.25 1.50
CA PRO B 532 19.95 -5.64 1.25
C PRO B 532 21.38 -5.99 1.68
N GLY B 533 21.53 -7.12 2.34
CA GLY B 533 22.83 -7.55 2.79
C GLY B 533 23.61 -7.85 1.55
N ARG B 534 24.87 -7.44 1.52
CA ARG B 534 25.66 -7.57 0.29
C ARG B 534 27.12 -7.84 0.55
N PRO B 535 27.87 -8.29 -0.47
CA PRO B 535 29.30 -8.41 -0.27
C PRO B 535 29.97 -7.02 -0.22
N THR B 536 31.11 -6.95 0.45
CA THR B 536 31.90 -5.73 0.51
C THR B 536 32.60 -5.55 -0.81
N ARG B 537 33.15 -4.36 -1.05
CA ARG B 537 33.79 -4.02 -2.34
C ARG B 537 34.94 -4.99 -2.58
N ASP B 538 35.77 -5.16 -1.54
CA ASP B 538 36.67 -6.33 -1.37
C ASP B 538 36.20 -7.61 -2.07
N CYS B 539 35.01 -8.08 -1.69
CA CYS B 539 34.55 -9.41 -2.03
C CYS B 539 33.86 -9.46 -3.36
N LEU B 540 33.58 -8.30 -3.94
CA LEU B 540 32.77 -8.31 -5.15
C LEU B 540 33.33 -9.16 -6.27
N PHE B 541 34.66 -9.28 -6.33
CA PHE B 541 35.32 -9.93 -7.44
C PHE B 541 36.01 -11.27 -7.11
N ALA B 542 36.06 -11.61 -5.83
CA ALA B 542 36.71 -12.81 -5.32
C ALA B 542 35.67 -13.87 -4.93
N ASP B 543 35.59 -14.95 -5.70
CA ASP B 543 34.61 -16.00 -5.48
C ASP B 543 34.88 -16.76 -4.19
N PRO B 544 34.18 -16.43 -3.09
CA PRO B 544 34.56 -16.97 -1.80
C PRO B 544 34.02 -18.38 -1.55
N ALA B 545 33.36 -18.95 -2.55
CA ALA B 545 32.98 -20.34 -2.57
C ALA B 545 34.02 -21.21 -3.28
N ARG B 546 34.70 -20.65 -4.29
CA ARG B 546 35.61 -21.39 -5.21
C ARG B 546 37.10 -21.13 -5.12
N ASP B 547 37.51 -19.93 -4.74
CA ASP B 547 38.88 -19.45 -5.02
C ASP B 547 39.94 -19.92 -4.01
N GLY B 548 39.50 -20.64 -2.98
CA GLY B 548 40.40 -21.13 -1.93
C GLY B 548 40.93 -20.15 -0.90
N VAL B 549 40.71 -18.86 -1.11
CA VAL B 549 41.54 -17.81 -0.53
C VAL B 549 40.78 -16.78 0.34
N SER B 550 39.58 -16.38 -0.06
CA SER B 550 38.87 -15.25 0.59
C SER B 550 37.71 -15.68 1.51
N LEU B 551 37.66 -15.02 2.66
CA LEU B 551 36.43 -14.99 3.45
C LEU B 551 35.36 -14.11 2.74
N LEU B 552 34.14 -14.64 2.58
CA LEU B 552 32.95 -13.84 2.19
C LEU B 552 32.59 -12.89 3.35
N LYS B 553 32.63 -11.59 3.08
CA LYS B 553 32.19 -10.57 4.03
C LYS B 553 30.93 -9.89 3.51
N ILE B 554 29.87 -9.91 4.34
CA ILE B 554 28.61 -9.27 4.03
C ILE B 554 28.43 -8.04 4.92
N TRP B 555 28.00 -6.93 4.31
CA TRP B 555 27.74 -5.70 5.04
C TRP B 555 26.26 -5.26 4.99
N ASN B 556 25.87 -4.54 6.02
CA ASN B 556 24.59 -3.87 6.02
C ASN B 556 24.64 -2.68 6.96
N MET B 557 23.55 -1.92 6.96
CA MET B 557 23.40 -0.70 7.73
C MET B 557 22.16 -0.72 8.59
N ASN B 558 22.30 -0.03 9.71
CA ASN B 558 21.20 0.41 10.55
C ASN B 558 21.26 1.94 10.61
N LYS B 559 20.39 2.57 11.39
CA LYS B 559 20.36 4.02 11.40
C LYS B 559 21.66 4.56 11.97
N TYR B 560 22.12 4.02 13.10
CA TYR B 560 23.27 4.56 13.84
C TYR B 560 24.52 3.65 13.95
N THR B 561 24.43 2.45 13.40
CA THR B 561 25.55 1.54 13.23
C THR B 561 25.52 0.84 11.86
N GLY B 562 26.66 0.26 11.53
CA GLY B 562 26.76 -0.74 10.48
C GLY B 562 26.79 -2.10 11.08
N VAL B 563 26.78 -3.10 10.21
CA VAL B 563 27.00 -4.46 10.64
C VAL B 563 27.79 -5.20 9.60
N LEU B 564 28.63 -6.10 10.09
CA LEU B 564 29.57 -6.81 9.22
C LEU B 564 29.59 -8.28 9.63
N GLY B 565 29.30 -9.13 8.64
CA GLY B 565 29.27 -10.59 8.80
C GLY B 565 30.38 -11.23 8.00
N VAL B 566 31.20 -12.06 8.64
CA VAL B 566 32.29 -12.78 7.97
C VAL B 566 31.96 -14.23 7.93
N TYR B 567 32.01 -14.79 6.71
CA TYR B 567 31.67 -16.20 6.45
C TYR B 567 32.79 -16.89 5.64
N ASN B 568 33.12 -18.12 6.01
CA ASN B 568 33.93 -18.98 5.20
C ASN B 568 33.00 -19.91 4.44
N CYS B 569 32.86 -19.75 3.14
CA CYS B 569 31.95 -20.62 2.41
C CYS B 569 32.65 -21.41 1.33
N GLN B 570 33.91 -21.71 1.61
CA GLN B 570 34.77 -22.45 0.69
C GLN B 570 34.35 -23.94 0.55
N GLY B 571 34.77 -24.53 -0.55
CA GLY B 571 34.69 -25.97 -0.74
C GLY B 571 33.38 -26.55 -1.23
N ALA B 572 32.59 -25.73 -1.91
CA ALA B 572 31.38 -26.22 -2.55
C ALA B 572 30.77 -25.14 -3.40
N ALA B 573 30.29 -25.53 -4.57
CA ALA B 573 29.76 -24.63 -5.59
C ALA B 573 29.20 -25.43 -6.76
N TRP B 574 28.48 -24.73 -7.61
CA TRP B 574 27.93 -25.30 -8.81
C TRP B 574 29.10 -25.65 -9.72
N SER B 575 29.05 -26.86 -10.28
CA SER B 575 30.12 -27.42 -11.10
C SER B 575 29.76 -27.11 -12.54
N SER B 576 30.65 -26.39 -13.22
CA SER B 576 30.57 -26.14 -14.67
C SER B 576 30.51 -27.45 -15.47
N THR B 577 31.20 -28.47 -14.94
CA THR B 577 31.33 -29.76 -15.60
C THR B 577 30.07 -30.62 -15.28
N GLU B 578 29.88 -30.94 -14.00
CA GLU B 578 28.77 -31.79 -13.56
C GLU B 578 27.39 -31.13 -13.65
N ARG B 579 27.31 -29.80 -13.80
CA ARG B 579 26.03 -29.05 -13.85
C ARG B 579 25.19 -29.24 -12.59
N LYS B 580 25.84 -29.23 -11.44
CA LYS B 580 25.13 -29.34 -10.17
C LYS B 580 26.03 -28.90 -9.03
N ASN B 581 25.42 -28.71 -7.86
CA ASN B 581 26.13 -28.30 -6.68
C ASN B 581 26.89 -29.52 -6.18
N ILE B 582 28.18 -29.35 -5.92
CA ILE B 582 29.03 -30.41 -5.38
C ILE B 582 30.06 -29.80 -4.43
N PHE B 583 30.59 -30.64 -3.53
CA PHE B 583 31.83 -30.30 -2.79
C PHE B 583 33.00 -30.26 -3.78
N HIS B 584 34.03 -29.47 -3.49
CA HIS B 584 35.29 -29.55 -4.26
C HIS B 584 36.48 -29.41 -3.34
N GLN B 585 37.67 -29.68 -3.87
CA GLN B 585 38.87 -29.67 -3.03
C GLN B 585 39.13 -28.30 -2.44
N THR B 586 39.65 -28.31 -1.22
CA THR B 586 40.05 -27.10 -0.51
C THR B 586 41.43 -27.29 0.09
N LYS B 587 42.34 -26.43 -0.33
CA LYS B 587 43.73 -26.43 0.16
C LYS B 587 43.80 -26.48 1.69
N THR B 588 43.05 -25.59 2.36
CA THR B 588 42.99 -25.50 3.82
C THR B 588 41.58 -25.78 4.30
N ASP B 589 41.49 -25.88 5.63
CA ASP B 589 40.23 -25.92 6.35
C ASP B 589 39.96 -24.54 6.99
N SER B 590 41.02 -23.86 7.47
CA SER B 590 40.93 -22.55 8.11
C SER B 590 41.30 -21.44 7.10
N LEU B 591 40.96 -20.17 7.41
CA LEU B 591 41.30 -19.02 6.55
C LEU B 591 41.41 -17.71 7.34
N THR B 592 42.24 -16.79 6.82
CA THR B 592 42.49 -15.46 7.38
C THR B 592 41.95 -14.37 6.43
N GLY B 593 41.32 -13.38 7.00
CA GLY B 593 40.96 -12.17 6.30
C GLY B 593 41.17 -11.01 7.25
N SER B 594 40.72 -9.86 6.82
CA SER B 594 40.80 -8.67 7.62
C SER B 594 39.47 -7.91 7.50
N ILE B 595 39.31 -6.94 8.37
CA ILE B 595 38.02 -6.33 8.64
C ILE B 595 38.39 -4.88 8.84
N ARG B 596 37.75 -3.96 8.12
CA ARG B 596 37.96 -2.55 8.35
C ARG B 596 36.61 -1.89 8.53
N GLY B 597 36.60 -0.75 9.23
CA GLY B 597 35.41 0.08 9.34
C GLY B 597 34.81 0.31 7.97
N ARG B 598 35.64 0.72 7.02
CA ARG B 598 35.15 1.12 5.71
C ARG B 598 34.75 -0.04 4.78
N ASP B 599 34.84 -1.30 5.24
CA ASP B 599 34.21 -2.43 4.53
C ASP B 599 32.69 -2.28 4.49
N VAL B 600 32.13 -1.83 5.62
CA VAL B 600 30.77 -1.32 5.67
C VAL B 600 30.72 -0.05 4.78
N HIS B 601 30.30 -0.27 3.53
CA HIS B 601 30.47 0.67 2.45
C HIS B 601 29.85 2.06 2.68
N SER B 602 28.67 2.10 3.32
CA SER B 602 27.94 3.34 3.59
C SER B 602 28.05 3.81 5.05
N ILE B 603 29.12 3.44 5.76
CA ILE B 603 29.22 3.66 7.23
C ILE B 603 29.16 5.15 7.59
N SER B 604 29.61 6.05 6.70
CA SER B 604 29.44 7.51 6.91
C SER B 604 27.96 7.88 7.24
N GLU B 605 27.02 7.24 6.55
CA GLU B 605 25.61 7.54 6.71
C GLU B 605 25.15 7.23 8.12
N ALA B 606 25.87 6.38 8.84
CA ALA B 606 25.52 6.08 10.24
C ALA B 606 26.15 7.02 11.28
N SER B 607 27.00 7.95 10.85
CA SER B 607 27.56 8.94 11.77
C SER B 607 26.56 10.05 11.96
N THR B 608 26.52 10.61 13.17
CA THR B 608 25.68 11.78 13.45
C THR B 608 26.29 13.09 12.92
N ASP B 609 27.58 13.11 12.58
CA ASP B 609 28.18 14.24 11.84
C ASP B 609 29.28 13.79 10.86
N PRO B 610 28.88 13.31 9.66
CA PRO B 610 29.83 12.87 8.63
C PRO B 610 30.99 13.82 8.35
N THR B 611 30.76 15.14 8.38
CA THR B 611 31.79 16.10 7.93
C THR B 611 32.99 16.14 8.89
N THR B 612 32.73 16.10 10.20
CA THR B 612 33.83 16.10 11.19
C THR B 612 34.03 14.73 11.88
N TRP B 613 33.94 13.65 11.09
CA TRP B 613 34.16 12.29 11.56
C TRP B 613 35.54 11.84 11.09
N ASN B 614 36.43 11.60 12.05
CA ASN B 614 37.79 11.13 11.72
C ASN B 614 37.84 9.79 10.99
N GLY B 615 36.79 8.96 11.16
CA GLY B 615 36.64 7.66 10.52
C GLY B 615 36.76 6.49 11.48
N ASP B 616 37.02 6.80 12.75
CA ASP B 616 37.09 5.83 13.84
C ASP B 616 35.74 5.13 14.12
N CYS B 617 35.78 3.80 14.19
CA CYS B 617 34.63 2.98 14.60
C CYS B 617 34.96 2.11 15.78
N ALA B 618 34.02 1.98 16.73
CA ALA B 618 34.05 0.90 17.70
C ALA B 618 33.53 -0.34 16.99
N VAL B 619 34.30 -1.44 17.00
CA VAL B 619 33.89 -2.73 16.38
C VAL B 619 33.65 -3.68 17.53
N TYR B 620 32.51 -4.37 17.48
CA TYR B 620 32.14 -5.31 18.53
C TYR B 620 31.87 -6.66 17.91
N SER B 621 32.61 -7.66 18.36
CA SER B 621 32.39 -9.04 17.94
C SER B 621 31.28 -9.59 18.79
N GLN B 622 30.28 -10.15 18.12
CA GLN B 622 29.10 -10.61 18.79
C GLN B 622 29.37 -11.97 19.50
N SER B 623 30.13 -12.89 18.88
CA SER B 623 30.39 -14.20 19.53
C SER B 623 31.34 -14.08 20.74
N ARG B 624 32.52 -13.51 20.56
CA ARG B 624 33.47 -13.43 21.68
C ARG B 624 33.07 -12.32 22.69
N GLY B 625 32.25 -11.36 22.28
CA GLY B 625 31.78 -10.30 23.19
C GLY B 625 32.81 -9.21 23.45
N GLU B 626 33.46 -8.76 22.37
CA GLU B 626 34.69 -7.98 22.45
C GLU B 626 34.68 -6.65 21.66
N LEU B 627 35.03 -5.57 22.35
CA LEU B 627 35.03 -4.21 21.82
C LEU B 627 36.46 -3.65 21.51
N ILE B 628 36.75 -3.47 20.22
CA ILE B 628 38.03 -2.96 19.74
C ILE B 628 37.80 -1.63 19.03
N VAL B 629 38.43 -0.55 19.50
CA VAL B 629 38.42 0.72 18.74
C VAL B 629 39.40 0.61 17.56
N MET B 630 38.88 0.62 16.34
CA MET B 630 39.71 0.62 15.15
C MET B 630 39.70 1.99 14.48
N PRO B 631 40.89 2.62 14.36
CA PRO B 631 41.03 3.83 13.58
C PRO B 631 40.72 3.65 12.12
N TYR B 632 40.60 4.77 11.41
CA TYR B 632 40.31 4.73 9.99
C TYR B 632 41.42 3.96 9.29
N ASN B 633 41.00 2.97 8.51
CA ASN B 633 41.87 2.16 7.62
C ASN B 633 42.77 1.11 8.30
N VAL B 634 42.69 0.97 9.64
CA VAL B 634 43.41 -0.09 10.36
C VAL B 634 42.57 -1.36 10.31
N SER B 635 43.16 -2.45 9.81
CA SER B 635 42.48 -3.74 9.73
C SER B 635 42.61 -4.47 11.04
N LEU B 636 41.60 -5.28 11.37
CA LEU B 636 41.67 -6.27 12.44
C LEU B 636 41.50 -7.63 11.75
N PRO B 637 42.37 -8.61 12.09
CA PRO B 637 42.32 -9.88 11.36
C PRO B 637 41.28 -10.78 11.97
N VAL B 638 40.81 -11.70 11.15
CA VAL B 638 39.73 -12.63 11.49
C VAL B 638 40.14 -14.02 11.00
N SER B 639 39.67 -15.07 11.68
CA SER B 639 39.96 -16.47 11.32
C SER B 639 38.73 -17.38 11.43
N LEU B 640 38.44 -18.09 10.33
CA LEU B 640 37.27 -18.97 10.25
C LEU B 640 37.62 -20.21 9.49
N LYS B 641 37.09 -21.31 10.01
CA LYS B 641 37.17 -22.61 9.41
C LYS B 641 35.96 -22.72 8.51
N ILE B 642 35.91 -23.74 7.66
CA ILE B 642 34.78 -23.89 6.73
C ILE B 642 33.50 -23.89 7.56
N ARG B 643 32.50 -23.14 7.06
CA ARG B 643 31.20 -23.00 7.70
C ARG B 643 31.18 -22.31 9.07
N GLU B 644 32.21 -21.53 9.39
CA GLU B 644 32.17 -20.71 10.60
C GLU B 644 31.83 -19.28 10.20
N HIS B 645 31.51 -18.46 11.19
CA HIS B 645 31.17 -17.09 10.94
C HIS B 645 31.42 -16.28 12.17
N GLU B 646 31.51 -14.97 11.97
CA GLU B 646 31.45 -14.02 13.07
C GLU B 646 30.69 -12.77 12.59
N ILE B 647 29.84 -12.24 13.45
CA ILE B 647 29.17 -11.00 13.21
C ILE B 647 29.82 -9.89 14.02
N PHE B 648 29.93 -8.72 13.40
CA PHE B 648 30.47 -7.55 14.02
C PHE B 648 29.51 -6.37 13.88
N THR B 649 29.28 -5.67 14.99
CA THR B 649 28.64 -4.35 14.94
C THR B 649 29.70 -3.26 14.79
N VAL B 650 29.48 -2.37 13.82
CA VAL B 650 30.42 -1.30 13.51
C VAL B 650 29.72 0.01 13.78
N SER B 651 30.09 0.69 14.86
CA SER B 651 29.49 1.95 15.25
C SER B 651 30.47 3.11 15.11
N PRO B 652 30.10 4.13 14.32
CA PRO B 652 31.01 5.25 14.18
C PRO B 652 31.15 6.02 15.49
N ILE B 653 32.37 6.45 15.77
CA ILE B 653 32.65 7.13 17.02
C ILE B 653 32.45 8.63 16.85
N SER B 654 31.76 9.20 17.82
CA SER B 654 31.55 10.63 17.90
C SER B 654 32.44 11.21 18.98
N HIS B 655 33.12 12.32 18.67
CA HIS B 655 33.95 13.06 19.64
C HIS B 655 33.18 14.28 20.19
N LEU B 656 32.96 14.30 21.51
CA LEU B 656 32.14 15.32 22.16
C LEU B 656 32.98 16.56 22.52
N VAL B 657 34.01 16.32 23.33
CA VAL B 657 35.06 17.30 23.59
C VAL B 657 36.36 16.59 23.16
N ASP B 658 37.49 16.88 23.82
CA ASP B 658 38.71 16.09 23.63
C ASP B 658 38.91 15.16 24.83
N GLY B 659 39.34 13.93 24.53
CA GLY B 659 39.36 12.84 25.50
C GLY B 659 38.13 11.96 25.35
N VAL B 660 36.94 12.58 25.35
CA VAL B 660 35.66 11.87 25.45
C VAL B 660 35.07 11.46 24.10
N SER B 661 35.07 10.15 23.83
CA SER B 661 34.51 9.55 22.61
C SER B 661 33.33 8.65 22.97
N PHE B 662 32.44 8.42 22.02
CA PHE B 662 31.27 7.55 22.23
C PHE B 662 30.76 6.98 20.91
N ALA B 663 30.33 5.73 20.97
CA ALA B 663 29.54 5.12 19.93
C ALA B 663 28.64 4.15 20.63
N PRO B 664 27.42 3.97 20.13
CA PRO B 664 26.57 2.94 20.66
C PRO B 664 26.72 1.62 19.86
N ILE B 665 26.43 0.50 20.51
CA ILE B 665 26.50 -0.82 19.91
C ILE B 665 25.08 -1.37 19.74
N GLY B 666 24.32 -1.42 20.83
CA GLY B 666 22.94 -1.84 20.82
C GLY B 666 22.71 -3.06 21.66
N LEU B 667 21.82 -3.94 21.21
CA LEU B 667 21.49 -5.13 22.00
C LEU B 667 22.55 -6.18 21.74
N VAL B 668 23.50 -6.25 22.66
CA VAL B 668 24.70 -7.04 22.42
C VAL B 668 24.50 -8.53 22.37
N ASN B 669 23.36 -9.03 22.85
CA ASN B 669 23.08 -10.48 22.81
C ASN B 669 22.24 -10.94 21.63
N MET B 670 22.05 -10.03 20.69
CA MET B 670 21.42 -10.33 19.45
C MET B 670 22.37 -10.02 18.31
N TYR B 671 22.18 -10.76 17.23
CA TYR B 671 23.03 -10.70 16.07
C TYR B 671 23.13 -9.31 15.49
N ASN B 672 22.01 -8.69 15.09
CA ASN B 672 22.08 -7.31 14.64
C ASN B 672 21.88 -6.28 15.77
N SER B 673 22.88 -6.19 16.64
CA SER B 673 22.83 -5.30 17.81
C SER B 673 22.44 -3.89 17.50
N GLY B 674 23.07 -3.26 16.51
CA GLY B 674 22.76 -1.86 16.19
C GLY B 674 21.39 -1.48 15.60
N GLY B 675 20.63 -2.47 15.18
CA GLY B 675 19.24 -2.24 14.76
C GLY B 675 18.34 -1.78 15.89
N ALA B 676 18.72 -2.10 17.12
CA ALA B 676 17.99 -1.67 18.32
C ALA B 676 17.97 -0.19 18.48
N ILE B 677 18.99 0.48 18.00
CA ILE B 677 19.07 1.94 18.13
C ILE B 677 18.26 2.66 17.05
N GLU B 678 17.22 3.39 17.51
CA GLU B 678 16.27 4.14 16.66
C GLU B 678 16.52 5.63 16.68
N GLY B 679 17.00 6.14 17.81
CA GLY B 679 17.33 7.56 17.95
C GLY B 679 18.65 7.77 18.65
N LEU B 680 19.40 8.75 18.18
CA LEU B 680 20.70 9.07 18.75
C LEU B 680 20.98 10.53 18.49
N ARG B 681 21.10 11.26 19.59
CA ARG B 681 21.56 12.63 19.60
C ARG B 681 22.65 12.75 20.66
N TYR B 682 23.73 13.43 20.29
CA TYR B 682 24.77 13.81 21.20
C TYR B 682 24.58 15.29 21.52
N GLU B 683 24.81 15.60 22.80
CA GLU B 683 24.87 16.95 23.27
C GLU B 683 26.22 17.08 23.97
N ALA B 684 27.16 17.76 23.29
CA ALA B 684 28.58 17.77 23.67
C ALA B 684 28.84 18.54 24.96
N GLU B 685 28.36 19.78 25.03
CA GLU B 685 28.59 20.64 26.20
C GLU B 685 27.84 20.09 27.42
N LYS B 686 26.55 19.79 27.25
CA LYS B 686 25.78 19.08 28.27
C LYS B 686 26.51 17.81 28.77
N MET B 687 27.32 17.19 27.90
CA MET B 687 28.21 16.06 28.21
C MET B 687 27.40 14.81 28.51
N LYS B 688 26.61 14.45 27.51
CA LYS B 688 25.47 13.55 27.67
C LYS B 688 25.03 13.05 26.30
N VAL B 689 24.48 11.83 26.29
CA VAL B 689 24.01 11.16 25.08
C VAL B 689 22.58 10.70 25.30
N VAL B 690 21.70 10.96 24.33
CA VAL B 690 20.32 10.49 24.40
C VAL B 690 20.12 9.50 23.26
N MET B 691 19.50 8.36 23.56
CA MET B 691 19.16 7.37 22.54
C MET B 691 17.78 6.79 22.77
N GLU B 692 17.08 6.54 21.67
CA GLU B 692 15.86 5.76 21.67
C GLU B 692 16.25 4.32 21.29
N VAL B 693 15.77 3.33 22.03
CA VAL B 693 16.17 1.92 21.90
C VAL B 693 14.98 0.97 21.94
N LYS B 694 14.81 0.17 20.88
CA LYS B 694 13.71 -0.79 20.80
C LYS B 694 14.19 -2.10 21.39
N GLY B 695 13.25 -2.93 21.84
CA GLY B 695 13.60 -4.24 22.40
C GLY B 695 14.02 -4.25 23.85
N CYS B 696 14.64 -5.35 24.26
CA CYS B 696 15.10 -5.59 25.63
C CYS B 696 16.25 -6.62 25.67
N GLY B 697 16.87 -6.77 26.85
CA GLY B 697 18.05 -7.62 27.05
C GLY B 697 19.27 -6.75 27.28
N LYS B 698 20.46 -7.37 27.26
CA LYS B 698 21.73 -6.64 27.50
C LYS B 698 22.02 -5.71 26.36
N PHE B 699 22.37 -4.47 26.70
CA PHE B 699 22.66 -3.37 25.76
C PHE B 699 24.00 -2.71 26.10
N GLY B 700 24.83 -2.49 25.10
CA GLY B 700 26.16 -1.92 25.28
C GLY B 700 26.43 -0.67 24.47
N SER B 701 27.55 0.00 24.76
CA SER B 701 28.02 1.15 23.98
C SER B 701 29.50 1.30 24.21
N TYR B 702 30.22 1.89 23.27
CA TYR B 702 31.60 2.30 23.55
C TYR B 702 31.56 3.66 24.22
N SER B 703 32.45 3.84 25.19
CA SER B 703 32.69 5.14 25.80
C SER B 703 34.14 5.18 26.25
N SER B 704 34.89 6.21 25.87
CA SER B 704 36.29 6.32 26.29
C SER B 704 36.42 6.45 27.81
N VAL B 705 35.57 7.27 28.43
CA VAL B 705 35.53 7.47 29.89
C VAL B 705 34.39 6.66 30.55
N LYS B 706 34.43 6.47 31.87
CA LYS B 706 33.35 5.78 32.61
C LYS B 706 32.20 6.77 32.82
N PRO B 707 30.95 6.38 32.52
CA PRO B 707 29.82 7.29 32.76
C PRO B 707 29.66 7.76 34.23
N LYS B 708 29.03 8.90 34.43
CA LYS B 708 28.56 9.30 35.75
C LYS B 708 27.29 8.49 36.08
N ARG B 709 26.21 8.83 35.39
CA ARG B 709 24.92 8.16 35.55
C ARG B 709 24.48 7.53 34.23
N CYS B 710 23.60 6.53 34.35
CA CYS B 710 22.91 5.93 33.22
C CYS B 710 21.41 5.94 33.54
N VAL B 711 20.71 6.87 32.93
CA VAL B 711 19.32 7.14 33.18
C VAL B 711 18.50 6.38 32.15
N VAL B 712 17.59 5.53 32.63
CA VAL B 712 16.56 4.94 31.78
C VAL B 712 15.19 5.47 32.25
N GLU B 713 14.59 6.32 31.42
CA GLU B 713 13.23 6.83 31.63
C GLU B 713 13.16 7.57 32.97
N SER B 714 14.08 8.52 33.17
CA SER B 714 14.23 9.27 34.44
C SER B 714 14.41 8.41 35.71
N ASN B 715 15.05 7.25 35.55
CA ASN B 715 15.42 6.37 36.68
C ASN B 715 16.87 5.89 36.55
N GLU B 716 17.54 5.81 37.70
CA GLU B 716 18.92 5.32 37.78
C GLU B 716 18.90 3.80 37.63
N ILE B 717 19.89 3.27 36.89
CA ILE B 717 20.11 1.80 36.78
C ILE B 717 21.60 1.44 36.79
N ALA B 718 21.91 0.29 37.41
CA ALA B 718 23.29 -0.16 37.58
C ALA B 718 23.87 -0.53 36.22
N PHE B 719 25.04 0.04 35.92
CA PHE B 719 25.75 -0.24 34.67
C PHE B 719 27.07 -0.91 35.01
N GLU B 720 27.74 -1.37 33.97
CA GLU B 720 29.05 -1.99 34.11
C GLU B 720 29.99 -1.35 33.09
N TYR B 721 31.28 -1.37 33.40
CA TYR B 721 32.26 -0.65 32.61
C TYR B 721 33.60 -1.33 32.68
N ASP B 722 34.23 -1.47 31.51
CA ASP B 722 35.55 -2.05 31.37
C ASP B 722 36.43 -0.93 30.83
N SER B 723 37.33 -0.42 31.67
CA SER B 723 38.23 0.69 31.26
C SER B 723 39.22 0.25 30.18
N SER B 724 39.55 -1.04 30.16
CA SER B 724 40.37 -1.66 29.10
C SER B 724 39.86 -1.38 27.68
N SER B 725 38.62 -1.80 27.41
CA SER B 725 38.00 -1.72 26.09
C SER B 725 37.15 -0.47 25.86
N GLY B 726 36.37 -0.10 26.87
CA GLY B 726 35.41 1.02 26.77
C GLY B 726 33.95 0.60 26.72
N LEU B 727 33.68 -0.70 26.88
CA LEU B 727 32.35 -1.24 26.83
C LEU B 727 31.57 -0.85 28.07
N VAL B 728 30.53 -0.03 27.86
CA VAL B 728 29.47 0.25 28.82
C VAL B 728 28.37 -0.75 28.54
N THR B 729 27.79 -1.31 29.60
CA THR B 729 26.78 -2.36 29.52
C THR B 729 25.64 -2.03 30.49
N PHE B 730 24.40 -2.30 30.07
CA PHE B 730 23.29 -2.47 31.03
C PHE B 730 22.14 -3.32 30.48
N GLU B 731 21.28 -3.80 31.39
CA GLU B 731 20.13 -4.58 31.03
C GLU B 731 18.94 -3.64 30.86
N LEU B 732 18.25 -3.75 29.73
CA LEU B 732 16.89 -3.23 29.57
C LEU B 732 16.05 -4.43 29.90
N ASP B 733 15.36 -4.43 31.03
CA ASP B 733 14.81 -5.68 31.56
C ASP B 733 13.49 -6.10 30.91
N LYS B 734 12.59 -5.14 30.68
CA LYS B 734 11.26 -5.43 30.12
C LYS B 734 11.11 -4.68 28.79
N MET B 735 10.27 -5.19 27.88
CA MET B 735 9.91 -4.48 26.63
C MET B 735 9.28 -3.15 27.00
N PRO B 736 9.44 -2.12 26.15
CA PRO B 736 8.95 -0.80 26.57
C PRO B 736 7.44 -0.84 26.84
N ILE B 737 7.06 -0.68 28.12
CA ILE B 737 5.65 -0.83 28.55
C ILE B 737 4.83 0.28 27.90
N GLU B 738 3.56 -0.02 27.60
CA GLU B 738 2.80 0.61 26.48
C GLU B 738 3.28 -0.18 25.19
N ASN B 739 3.11 0.23 23.92
CA ASN B 739 2.34 1.37 23.34
C ASN B 739 3.17 2.67 23.13
N LYS B 740 4.33 2.72 23.77
CA LYS B 740 5.24 3.86 23.74
C LYS B 740 6.50 3.19 23.18
N ARG B 741 6.77 3.46 21.90
CA ARG B 741 7.55 2.57 21.03
C ARG B 741 8.91 2.10 21.58
N PHE B 742 9.59 2.96 22.35
CA PHE B 742 11.02 2.81 22.62
C PHE B 742 11.40 3.12 24.05
N HIS B 743 12.53 2.58 24.52
CA HIS B 743 13.19 3.09 25.71
C HIS B 743 13.95 4.41 25.42
N LEU B 744 13.78 5.44 26.25
CA LEU B 744 14.65 6.62 26.24
C LEU B 744 15.84 6.36 27.17
N ILE B 745 17.05 6.61 26.69
CA ILE B 745 18.26 6.41 27.48
C ILE B 745 19.09 7.67 27.48
N GLN B 746 19.65 8.02 28.64
CA GLN B 746 20.66 9.08 28.76
C GLN B 746 21.91 8.47 29.39
N VAL B 747 23.06 8.64 28.74
CA VAL B 747 24.36 8.23 29.28
C VAL B 747 25.15 9.50 29.51
N GLU B 748 25.41 9.82 30.78
CA GLU B 748 26.09 11.06 31.16
C GLU B 748 27.57 10.81 31.42
N LEU B 749 28.41 11.72 30.92
CA LEU B 749 29.87 11.58 30.94
C LEU B 749 30.52 12.83 31.57
#